data_3FFY
# 
_entry.id   3FFY 
# 
_audit_conform.dict_name       mmcif_pdbx.dic 
_audit_conform.dict_version    5.398 
_audit_conform.dict_location   http://mmcif.pdb.org/dictionaries/ascii/mmcif_pdbx.dic 
# 
loop_
_database_2.database_id 
_database_2.database_code 
_database_2.pdbx_database_accession 
_database_2.pdbx_DOI 
PDB   3FFY         pdb_00003ffy 10.2210/pdb3ffy/pdb 
RCSB  RCSB050542   ?            ?                   
WWPDB D_1000050542 ?            ?                   
# 
loop_
_pdbx_audit_revision_history.ordinal 
_pdbx_audit_revision_history.data_content_type 
_pdbx_audit_revision_history.major_revision 
_pdbx_audit_revision_history.minor_revision 
_pdbx_audit_revision_history.revision_date 
1 'Structure model' 1 0 2008-12-16 
2 'Structure model' 1 1 2011-07-13 
3 'Structure model' 1 2 2017-11-01 
4 'Structure model' 1 3 2024-10-30 
# 
_pdbx_audit_revision_details.ordinal             1 
_pdbx_audit_revision_details.revision_ordinal    1 
_pdbx_audit_revision_details.data_content_type   'Structure model' 
_pdbx_audit_revision_details.provider            repository 
_pdbx_audit_revision_details.type                'Initial release' 
_pdbx_audit_revision_details.description         ? 
_pdbx_audit_revision_details.details             ? 
# 
loop_
_pdbx_audit_revision_group.ordinal 
_pdbx_audit_revision_group.revision_ordinal 
_pdbx_audit_revision_group.data_content_type 
_pdbx_audit_revision_group.group 
1 2 'Structure model' Advisory                    
2 2 'Structure model' 'Source and taxonomy'       
3 2 'Structure model' 'Version format compliance' 
4 3 'Structure model' 'Refinement description'    
5 4 'Structure model' 'Data collection'           
6 4 'Structure model' 'Database references'       
7 4 'Structure model' 'Derived calculations'      
8 4 'Structure model' 'Structure summary'         
# 
loop_
_pdbx_audit_revision_category.ordinal 
_pdbx_audit_revision_category.revision_ordinal 
_pdbx_audit_revision_category.data_content_type 
_pdbx_audit_revision_category.category 
1 3 'Structure model' software                  
2 4 'Structure model' chem_comp_atom            
3 4 'Structure model' chem_comp_bond            
4 4 'Structure model' database_2                
5 4 'Structure model' pdbx_entry_details        
6 4 'Structure model' pdbx_modification_feature 
7 4 'Structure model' struct_conn               
8 4 'Structure model' struct_site               
# 
loop_
_pdbx_audit_revision_item.ordinal 
_pdbx_audit_revision_item.revision_ordinal 
_pdbx_audit_revision_item.data_content_type 
_pdbx_audit_revision_item.item 
1  3 'Structure model' '_software.classification'            
2  3 'Structure model' '_software.contact_author'            
3  3 'Structure model' '_software.contact_author_email'      
4  3 'Structure model' '_software.date'                      
5  3 'Structure model' '_software.language'                  
6  3 'Structure model' '_software.location'                  
7  3 'Structure model' '_software.name'                      
8  3 'Structure model' '_software.type'                      
9  3 'Structure model' '_software.version'                   
10 4 'Structure model' '_database_2.pdbx_DOI'                
11 4 'Structure model' '_database_2.pdbx_database_accession' 
12 4 'Structure model' '_struct_conn.pdbx_leaving_atom_flag' 
13 4 'Structure model' '_struct_site.pdbx_auth_asym_id'      
14 4 'Structure model' '_struct_site.pdbx_auth_comp_id'      
15 4 'Structure model' '_struct_site.pdbx_auth_seq_id'       
# 
_pdbx_database_status.entry_id                        3FFY 
_pdbx_database_status.deposit_site                    RCSB 
_pdbx_database_status.process_site                    RCSB 
_pdbx_database_status.recvd_initial_deposition_date   2008-12-04 
_pdbx_database_status.status_code                     REL 
_pdbx_database_status.status_code_sf                  REL 
_pdbx_database_status.status_code_mr                  ? 
_pdbx_database_status.SG_entry                        Y 
_pdbx_database_status.pdb_format_compatible           Y 
_pdbx_database_status.status_code_cs                  ? 
_pdbx_database_status.methods_development_category    ? 
_pdbx_database_status.status_code_nmr_data            ? 
# 
_pdbx_database_related.db_name        TargetDB 
_pdbx_database_related.db_id          APC62130.1 
_pdbx_database_related.details        . 
_pdbx_database_related.content_type   unspecified 
# 
loop_
_audit_author.name 
_audit_author.pdbx_ordinal 
'Osipiuk, J.'                                   1 
'Volkart, L.'                                   2 
'Cobb, G.'                                      3 
'Kim, Y.'                                       4 
'Joachimiak, A.'                                5 
'Midwest Center for Structural Genomics (MCSG)' 6 
# 
_citation.id                        primary 
_citation.title                     
'X-ray crystal structure of putative tetrapyrrole (corrin/porphyrin) methyltransferase from Bacteroides fragilis.' 
_citation.journal_abbrev            'To be Published' 
_citation.journal_volume            ? 
_citation.page_first                ? 
_citation.page_last                 ? 
_citation.year                      ? 
_citation.journal_id_ASTM           ? 
_citation.country                   ? 
_citation.journal_id_ISSN           ? 
_citation.journal_id_CSD            0353 
_citation.book_publisher            ? 
_citation.pdbx_database_id_PubMed   ? 
_citation.pdbx_database_id_DOI      ? 
# 
loop_
_citation_author.citation_id 
_citation_author.name 
_citation_author.ordinal 
_citation_author.identifier_ORCID 
primary 'Osipiuk, J.'    1 ? 
primary 'Volkart, L.'    2 ? 
primary 'Cobb, G.'       3 ? 
primary 'Kim, Y.'        4 ? 
primary 'Joachimiak, A.' 5 ? 
# 
loop_
_entity.id 
_entity.type 
_entity.src_method 
_entity.pdbx_description 
_entity.formula_weight 
_entity.pdbx_number_of_molecules 
_entity.pdbx_ec 
_entity.pdbx_mutation 
_entity.pdbx_fragment 
_entity.details 
1 polymer     man 'Putative tetrapyrrole (Corrin/porphyrin) methylase' 13062.601 1  ? ? ? ? 
2 non-polymer syn 'SULFATE ION'                                        96.063    2  ? ? ? ? 
3 water       nat water                                                18.015    37 ? ? ? ? 
# 
_entity_poly.entity_id                      1 
_entity_poly.type                           'polypeptide(L)' 
_entity_poly.nstd_linkage                   no 
_entity_poly.nstd_monomer                   yes 
_entity_poly.pdbx_seq_one_letter_code       
;SNATAFVPALVASGLPNEKFCFEGFLPQKKGR(MSE)TKLKSLVDEHRT(MSE)VFYESPHRLLKTLTQFAEYFGPERQV
SVSREISKIHEETVRGTLSELIEHFTATDPRGEIVIVLAGIDD
;
_entity_poly.pdbx_seq_one_letter_code_can   
;SNATAFVPALVASGLPNEKFCFEGFLPQKKGRMTKLKSLVDEHRTMVFYESPHRLLKTLTQFAEYFGPERQVSVSREISK
IHEETVRGTLSELIEHFTATDPRGEIVIVLAGIDD
;
_entity_poly.pdbx_strand_id                 A 
_entity_poly.pdbx_target_identifier         APC62130.1 
# 
loop_
_pdbx_entity_nonpoly.entity_id 
_pdbx_entity_nonpoly.name 
_pdbx_entity_nonpoly.comp_id 
2 'SULFATE ION' SO4 
3 water         HOH 
# 
loop_
_entity_poly_seq.entity_id 
_entity_poly_seq.num 
_entity_poly_seq.mon_id 
_entity_poly_seq.hetero 
1 1   SER n 
1 2   ASN n 
1 3   ALA n 
1 4   THR n 
1 5   ALA n 
1 6   PHE n 
1 7   VAL n 
1 8   PRO n 
1 9   ALA n 
1 10  LEU n 
1 11  VAL n 
1 12  ALA n 
1 13  SER n 
1 14  GLY n 
1 15  LEU n 
1 16  PRO n 
1 17  ASN n 
1 18  GLU n 
1 19  LYS n 
1 20  PHE n 
1 21  CYS n 
1 22  PHE n 
1 23  GLU n 
1 24  GLY n 
1 25  PHE n 
1 26  LEU n 
1 27  PRO n 
1 28  GLN n 
1 29  LYS n 
1 30  LYS n 
1 31  GLY n 
1 32  ARG n 
1 33  MSE n 
1 34  THR n 
1 35  LYS n 
1 36  LEU n 
1 37  LYS n 
1 38  SER n 
1 39  LEU n 
1 40  VAL n 
1 41  ASP n 
1 42  GLU n 
1 43  HIS n 
1 44  ARG n 
1 45  THR n 
1 46  MSE n 
1 47  VAL n 
1 48  PHE n 
1 49  TYR n 
1 50  GLU n 
1 51  SER n 
1 52  PRO n 
1 53  HIS n 
1 54  ARG n 
1 55  LEU n 
1 56  LEU n 
1 57  LYS n 
1 58  THR n 
1 59  LEU n 
1 60  THR n 
1 61  GLN n 
1 62  PHE n 
1 63  ALA n 
1 64  GLU n 
1 65  TYR n 
1 66  PHE n 
1 67  GLY n 
1 68  PRO n 
1 69  GLU n 
1 70  ARG n 
1 71  GLN n 
1 72  VAL n 
1 73  SER n 
1 74  VAL n 
1 75  SER n 
1 76  ARG n 
1 77  GLU n 
1 78  ILE n 
1 79  SER n 
1 80  LYS n 
1 81  ILE n 
1 82  HIS n 
1 83  GLU n 
1 84  GLU n 
1 85  THR n 
1 86  VAL n 
1 87  ARG n 
1 88  GLY n 
1 89  THR n 
1 90  LEU n 
1 91  SER n 
1 92  GLU n 
1 93  LEU n 
1 94  ILE n 
1 95  GLU n 
1 96  HIS n 
1 97  PHE n 
1 98  THR n 
1 99  ALA n 
1 100 THR n 
1 101 ASP n 
1 102 PRO n 
1 103 ARG n 
1 104 GLY n 
1 105 GLU n 
1 106 ILE n 
1 107 VAL n 
1 108 ILE n 
1 109 VAL n 
1 110 LEU n 
1 111 ALA n 
1 112 GLY n 
1 113 ILE n 
1 114 ASP n 
1 115 ASP n 
# 
_entity_src_gen.entity_id                          1 
_entity_src_gen.pdbx_src_id                        1 
_entity_src_gen.pdbx_alt_source_flag               sample 
_entity_src_gen.pdbx_seq_type                      ? 
_entity_src_gen.pdbx_beg_seq_num                   ? 
_entity_src_gen.pdbx_end_seq_num                   ? 
_entity_src_gen.gene_src_common_name               ? 
_entity_src_gen.gene_src_genus                     ? 
_entity_src_gen.pdbx_gene_src_gene                 BF0585 
_entity_src_gen.gene_src_species                   ? 
_entity_src_gen.gene_src_strain                    'NCTC 9343' 
_entity_src_gen.gene_src_tissue                    ? 
_entity_src_gen.gene_src_tissue_fraction           ? 
_entity_src_gen.gene_src_details                   ? 
_entity_src_gen.pdbx_gene_src_fragment             ? 
_entity_src_gen.pdbx_gene_src_scientific_name      'Bacteroides fragilis' 
_entity_src_gen.pdbx_gene_src_ncbi_taxonomy_id     272559 
_entity_src_gen.pdbx_gene_src_variant              ? 
_entity_src_gen.pdbx_gene_src_cell_line            ? 
_entity_src_gen.pdbx_gene_src_atcc                 ? 
_entity_src_gen.pdbx_gene_src_organ                ? 
_entity_src_gen.pdbx_gene_src_organelle            ? 
_entity_src_gen.pdbx_gene_src_cell                 ? 
_entity_src_gen.pdbx_gene_src_cellular_location    ? 
_entity_src_gen.host_org_common_name               ? 
_entity_src_gen.pdbx_host_org_scientific_name      'Escherichia coli' 
_entity_src_gen.pdbx_host_org_ncbi_taxonomy_id     562 
_entity_src_gen.host_org_genus                     ? 
_entity_src_gen.pdbx_host_org_gene                 ? 
_entity_src_gen.pdbx_host_org_organ                ? 
_entity_src_gen.host_org_species                   ? 
_entity_src_gen.pdbx_host_org_tissue               ? 
_entity_src_gen.pdbx_host_org_tissue_fraction      ? 
_entity_src_gen.pdbx_host_org_strain               'BL21(DE3)' 
_entity_src_gen.pdbx_host_org_variant              ? 
_entity_src_gen.pdbx_host_org_cell_line            ? 
_entity_src_gen.pdbx_host_org_atcc                 ? 
_entity_src_gen.pdbx_host_org_culture_collection   ? 
_entity_src_gen.pdbx_host_org_cell                 ? 
_entity_src_gen.pdbx_host_org_organelle            ? 
_entity_src_gen.pdbx_host_org_cellular_location    ? 
_entity_src_gen.pdbx_host_org_vector_type          plasmid 
_entity_src_gen.pdbx_host_org_vector               ? 
_entity_src_gen.host_org_details                   ? 
_entity_src_gen.expression_system_id               ? 
_entity_src_gen.plasmid_name                       pMCSG19 
_entity_src_gen.plasmid_details                    ? 
_entity_src_gen.pdbx_description                   ? 
# 
loop_
_chem_comp.id 
_chem_comp.type 
_chem_comp.mon_nstd_flag 
_chem_comp.name 
_chem_comp.pdbx_synonyms 
_chem_comp.formula 
_chem_comp.formula_weight 
ALA 'L-peptide linking' y ALANINE          ? 'C3 H7 N O2'     89.093  
ARG 'L-peptide linking' y ARGININE         ? 'C6 H15 N4 O2 1' 175.209 
ASN 'L-peptide linking' y ASPARAGINE       ? 'C4 H8 N2 O3'    132.118 
ASP 'L-peptide linking' y 'ASPARTIC ACID'  ? 'C4 H7 N O4'     133.103 
CYS 'L-peptide linking' y CYSTEINE         ? 'C3 H7 N O2 S'   121.158 
GLN 'L-peptide linking' y GLUTAMINE        ? 'C5 H10 N2 O3'   146.144 
GLU 'L-peptide linking' y 'GLUTAMIC ACID'  ? 'C5 H9 N O4'     147.129 
GLY 'peptide linking'   y GLYCINE          ? 'C2 H5 N O2'     75.067  
HIS 'L-peptide linking' y HISTIDINE        ? 'C6 H10 N3 O2 1' 156.162 
HOH non-polymer         . WATER            ? 'H2 O'           18.015  
ILE 'L-peptide linking' y ISOLEUCINE       ? 'C6 H13 N O2'    131.173 
LEU 'L-peptide linking' y LEUCINE          ? 'C6 H13 N O2'    131.173 
LYS 'L-peptide linking' y LYSINE           ? 'C6 H15 N2 O2 1' 147.195 
MSE 'L-peptide linking' n SELENOMETHIONINE ? 'C5 H11 N O2 Se' 196.106 
PHE 'L-peptide linking' y PHENYLALANINE    ? 'C9 H11 N O2'    165.189 
PRO 'L-peptide linking' y PROLINE          ? 'C5 H9 N O2'     115.130 
SER 'L-peptide linking' y SERINE           ? 'C3 H7 N O3'     105.093 
SO4 non-polymer         . 'SULFATE ION'    ? 'O4 S -2'        96.063  
THR 'L-peptide linking' y THREONINE        ? 'C4 H9 N O3'     119.119 
TYR 'L-peptide linking' y TYROSINE         ? 'C9 H11 N O3'    181.189 
VAL 'L-peptide linking' y VALINE           ? 'C5 H11 N O2'    117.146 
# 
loop_
_pdbx_poly_seq_scheme.asym_id 
_pdbx_poly_seq_scheme.entity_id 
_pdbx_poly_seq_scheme.seq_id 
_pdbx_poly_seq_scheme.mon_id 
_pdbx_poly_seq_scheme.ndb_seq_num 
_pdbx_poly_seq_scheme.pdb_seq_num 
_pdbx_poly_seq_scheme.auth_seq_num 
_pdbx_poly_seq_scheme.pdb_mon_id 
_pdbx_poly_seq_scheme.auth_mon_id 
_pdbx_poly_seq_scheme.pdb_strand_id 
_pdbx_poly_seq_scheme.pdb_ins_code 
_pdbx_poly_seq_scheme.hetero 
A 1 1   SER 1   110 ?   ?   ?   A . n 
A 1 2   ASN 2   111 111 ASN ASN A . n 
A 1 3   ALA 3   112 112 ALA ALA A . n 
A 1 4   THR 4   113 113 THR THR A . n 
A 1 5   ALA 5   114 114 ALA ALA A . n 
A 1 6   PHE 6   115 115 PHE PHE A . n 
A 1 7   VAL 7   116 116 VAL VAL A . n 
A 1 8   PRO 8   117 117 PRO PRO A . n 
A 1 9   ALA 9   118 118 ALA ALA A . n 
A 1 10  LEU 10  119 119 LEU LEU A . n 
A 1 11  VAL 11  120 120 VAL VAL A . n 
A 1 12  ALA 12  121 121 ALA ALA A . n 
A 1 13  SER 13  122 122 SER SER A . n 
A 1 14  GLY 14  123 123 GLY GLY A . n 
A 1 15  LEU 15  124 124 LEU LEU A . n 
A 1 16  PRO 16  125 125 PRO PRO A . n 
A 1 17  ASN 17  126 126 ASN ASN A . n 
A 1 18  GLU 18  127 127 GLU GLU A . n 
A 1 19  LYS 19  128 128 LYS LYS A . n 
A 1 20  PHE 20  129 129 PHE PHE A . n 
A 1 21  CYS 21  130 130 CYS CYS A . n 
A 1 22  PHE 22  131 131 PHE PHE A . n 
A 1 23  GLU 23  132 132 GLU GLU A . n 
A 1 24  GLY 24  133 133 GLY GLY A . n 
A 1 25  PHE 25  134 134 PHE PHE A . n 
A 1 26  LEU 26  135 135 LEU LEU A . n 
A 1 27  PRO 27  136 136 PRO PRO A . n 
A 1 28  GLN 28  137 137 GLN GLN A . n 
A 1 29  LYS 29  138 138 LYS LYS A . n 
A 1 30  LYS 30  139 139 LYS LYS A . n 
A 1 31  GLY 31  140 140 GLY GLY A . n 
A 1 32  ARG 32  141 141 ARG ARG A . n 
A 1 33  MSE 33  142 142 MSE MSE A . n 
A 1 34  THR 34  143 143 THR THR A . n 
A 1 35  LYS 35  144 144 LYS LYS A . n 
A 1 36  LEU 36  145 145 LEU LEU A . n 
A 1 37  LYS 37  146 146 LYS LYS A . n 
A 1 38  SER 38  147 147 SER SER A . n 
A 1 39  LEU 39  148 148 LEU LEU A . n 
A 1 40  VAL 40  149 149 VAL VAL A . n 
A 1 41  ASP 41  150 150 ASP ASP A . n 
A 1 42  GLU 42  151 151 GLU GLU A . n 
A 1 43  HIS 43  152 152 HIS HIS A . n 
A 1 44  ARG 44  153 153 ARG ARG A . n 
A 1 45  THR 45  154 154 THR THR A . n 
A 1 46  MSE 46  155 155 MSE MSE A . n 
A 1 47  VAL 47  156 156 VAL VAL A . n 
A 1 48  PHE 48  157 157 PHE PHE A . n 
A 1 49  TYR 49  158 158 TYR TYR A . n 
A 1 50  GLU 50  159 159 GLU GLU A . n 
A 1 51  SER 51  160 160 SER SER A . n 
A 1 52  PRO 52  161 161 PRO PRO A . n 
A 1 53  HIS 53  162 162 HIS HIS A . n 
A 1 54  ARG 54  163 163 ARG ARG A . n 
A 1 55  LEU 55  164 164 LEU LEU A . n 
A 1 56  LEU 56  165 165 LEU LEU A . n 
A 1 57  LYS 57  166 166 LYS LYS A . n 
A 1 58  THR 58  167 167 THR THR A . n 
A 1 59  LEU 59  168 168 LEU LEU A . n 
A 1 60  THR 60  169 169 THR THR A . n 
A 1 61  GLN 61  170 170 GLN GLN A . n 
A 1 62  PHE 62  171 171 PHE PHE A . n 
A 1 63  ALA 63  172 172 ALA ALA A . n 
A 1 64  GLU 64  173 173 GLU GLU A . n 
A 1 65  TYR 65  174 174 TYR TYR A . n 
A 1 66  PHE 66  175 175 PHE PHE A . n 
A 1 67  GLY 67  176 176 GLY GLY A . n 
A 1 68  PRO 68  177 177 PRO PRO A . n 
A 1 69  GLU 69  178 178 GLU GLU A . n 
A 1 70  ARG 70  179 179 ARG ARG A . n 
A 1 71  GLN 71  180 180 GLN GLN A . n 
A 1 72  VAL 72  181 181 VAL VAL A . n 
A 1 73  SER 73  182 182 SER SER A . n 
A 1 74  VAL 74  183 183 VAL VAL A . n 
A 1 75  SER 75  184 184 SER SER A . n 
A 1 76  ARG 76  185 185 ARG ARG A . n 
A 1 77  GLU 77  186 186 GLU GLU A . n 
A 1 78  ILE 78  187 187 ILE ILE A . n 
A 1 79  SER 79  188 188 SER SER A . n 
A 1 80  LYS 80  189 189 LYS LYS A . n 
A 1 81  ILE 81  190 190 ILE ILE A . n 
A 1 82  HIS 82  191 191 HIS HIS A . n 
A 1 83  GLU 83  192 192 GLU GLU A . n 
A 1 84  GLU 84  193 193 GLU GLU A . n 
A 1 85  THR 85  194 194 THR THR A . n 
A 1 86  VAL 86  195 195 VAL VAL A . n 
A 1 87  ARG 87  196 196 ARG ARG A . n 
A 1 88  GLY 88  197 197 GLY GLY A . n 
A 1 89  THR 89  198 198 THR THR A . n 
A 1 90  LEU 90  199 199 LEU LEU A . n 
A 1 91  SER 91  200 200 SER SER A . n 
A 1 92  GLU 92  201 201 GLU GLU A . n 
A 1 93  LEU 93  202 202 LEU LEU A . n 
A 1 94  ILE 94  203 203 ILE ILE A . n 
A 1 95  GLU 95  204 204 GLU GLU A . n 
A 1 96  HIS 96  205 205 HIS HIS A . n 
A 1 97  PHE 97  206 206 PHE PHE A . n 
A 1 98  THR 98  207 207 THR THR A . n 
A 1 99  ALA 99  208 208 ALA ALA A . n 
A 1 100 THR 100 209 209 THR THR A . n 
A 1 101 ASP 101 210 210 ASP ASP A . n 
A 1 102 PRO 102 211 211 PRO PRO A . n 
A 1 103 ARG 103 212 212 ARG ARG A . n 
A 1 104 GLY 104 213 213 GLY GLY A . n 
A 1 105 GLU 105 214 214 GLU GLU A . n 
A 1 106 ILE 106 215 215 ILE ILE A . n 
A 1 107 VAL 107 216 216 VAL VAL A . n 
A 1 108 ILE 108 217 217 ILE ILE A . n 
A 1 109 VAL 109 218 218 VAL VAL A . n 
A 1 110 LEU 110 219 219 LEU LEU A . n 
A 1 111 ALA 111 220 220 ALA ALA A . n 
A 1 112 GLY 112 221 221 GLY GLY A . n 
A 1 113 ILE 113 222 222 ILE ILE A . n 
A 1 114 ASP 114 223 ?   ?   ?   A . n 
A 1 115 ASP 115 224 ?   ?   ?   A . n 
# 
loop_
_pdbx_nonpoly_scheme.asym_id 
_pdbx_nonpoly_scheme.entity_id 
_pdbx_nonpoly_scheme.mon_id 
_pdbx_nonpoly_scheme.ndb_seq_num 
_pdbx_nonpoly_scheme.pdb_seq_num 
_pdbx_nonpoly_scheme.auth_seq_num 
_pdbx_nonpoly_scheme.pdb_mon_id 
_pdbx_nonpoly_scheme.auth_mon_id 
_pdbx_nonpoly_scheme.pdb_strand_id 
_pdbx_nonpoly_scheme.pdb_ins_code 
B 2 SO4 1  225 201 SO4 SO4 A . 
C 2 SO4 1  226 202 SO4 SO4 A . 
D 3 HOH 1  1   1   HOH HOH A . 
D 3 HOH 2  2   2   HOH HOH A . 
D 3 HOH 3  3   3   HOH HOH A . 
D 3 HOH 4  4   4   HOH HOH A . 
D 3 HOH 5  5   5   HOH HOH A . 
D 3 HOH 6  6   6   HOH HOH A . 
D 3 HOH 7  7   7   HOH HOH A . 
D 3 HOH 8  8   8   HOH HOH A . 
D 3 HOH 9  9   9   HOH HOH A . 
D 3 HOH 10 10  10  HOH HOH A . 
D 3 HOH 11 11  11  HOH HOH A . 
D 3 HOH 12 12  12  HOH HOH A . 
D 3 HOH 13 13  13  HOH HOH A . 
D 3 HOH 14 14  14  HOH HOH A . 
D 3 HOH 15 15  15  HOH HOH A . 
D 3 HOH 16 16  16  HOH HOH A . 
D 3 HOH 17 17  17  HOH HOH A . 
D 3 HOH 18 18  18  HOH HOH A . 
D 3 HOH 19 19  19  HOH HOH A . 
D 3 HOH 20 20  20  HOH HOH A . 
D 3 HOH 21 21  21  HOH HOH A . 
D 3 HOH 22 22  22  HOH HOH A . 
D 3 HOH 23 23  23  HOH HOH A . 
D 3 HOH 24 24  24  HOH HOH A . 
D 3 HOH 25 25  25  HOH HOH A . 
D 3 HOH 26 26  26  HOH HOH A . 
D 3 HOH 27 27  27  HOH HOH A . 
D 3 HOH 28 28  28  HOH HOH A . 
D 3 HOH 29 29  29  HOH HOH A . 
D 3 HOH 30 30  30  HOH HOH A . 
D 3 HOH 31 31  31  HOH HOH A . 
D 3 HOH 32 32  32  HOH HOH A . 
D 3 HOH 33 33  33  HOH HOH A . 
D 3 HOH 34 34  34  HOH HOH A . 
D 3 HOH 35 35  35  HOH HOH A . 
D 3 HOH 36 36  36  HOH HOH A . 
D 3 HOH 37 37  37  HOH HOH A . 
# 
loop_
_software.name 
_software.version 
_software.date 
_software.type 
_software.contact_author 
_software.contact_author_email 
_software.classification 
_software.location 
_software.language 
_software.citation_id 
_software.pdbx_ordinal 
DENZO       .     ?               package 'Zbyszek Otwinowski' hkl@hkl-xray.com      'data reduction'  http://www.hkl-xray.com/ ? 
? 1  
SCALEPACK   .     ?               package 'Zbyszek Otwinowski' hkl@hkl-xray.com      'data scaling'    http://www.hkl-xray.com/ ? 
? 2  
REFMAC      .     ?               program 'Garib N. Murshudov' garib@ysbl.york.ac.uk refinement        
http://www.ccp4.ac.uk/dist/html/refmac5.html Fortran_77 ? 3  
PDB_EXTRACT 3.006 'June 11, 2008' package PDB                  help@deposit.rcsb.org 'data extraction' 
http://sw-tools.pdb.org/apps/PDB_EXTRACT/    C++        ? 4  
SBC-Collect .     ?               ?       ?                    ?                     'data collection' ? ?          ? 5  
HKL-3000    .     ?               ?       ?                    ?                     'data reduction'  ? ?          ? 6  
SHELXD      .     ?               ?       ?                    ?                     phasing           ? ?          ? 7  
MLPHARE     .     ?               ?       ?                    ?                     phasing           ? ?          ? 8  
DM          .     ?               ?       ?                    ?                     phasing           ? ?          ? 9  
SOLVE       .     ?               ?       ?                    ?                     phasing           ? ?          ? 10 
RESOLVE     .     ?               ?       ?                    ?                     phasing           ? ?          ? 11 
HKL-3000    .     ?               ?       ?                    ?                     phasing           ? ?          ? 12 
# 
_cell.length_a           60.536 
_cell.length_b           60.536 
_cell.length_c           96.065 
_cell.angle_alpha        90.000 
_cell.angle_beta         90.000 
_cell.angle_gamma        90.000 
_cell.entry_id           3FFY 
_cell.pdbx_unique_axis   ? 
_cell.Z_PDB              8 
_cell.length_a_esd       ? 
_cell.length_b_esd       ? 
_cell.length_c_esd       ? 
_cell.angle_alpha_esd    ? 
_cell.angle_beta_esd     ? 
_cell.angle_gamma_esd    ? 
# 
_symmetry.space_group_name_H-M             'P 41 21 2' 
_symmetry.entry_id                         3FFY 
_symmetry.Int_Tables_number                92 
_symmetry.pdbx_full_space_group_name_H-M   ? 
_symmetry.cell_setting                     ? 
_symmetry.space_group_name_Hall            ? 
# 
_exptl.crystals_number   1 
_exptl.entry_id          3FFY 
_exptl.method            'X-RAY DIFFRACTION' 
# 
_exptl_crystal.id                    1 
_exptl_crystal.density_Matthews      3.37 
_exptl_crystal.density_meas          ? 
_exptl_crystal.density_percent_sol   63.49 
_exptl_crystal.description           ? 
_exptl_crystal.F_000                 ? 
_exptl_crystal.preparation           ? 
# 
_exptl_crystal_grow.crystal_id      1 
_exptl_crystal_grow.method          'VAPOR DIFFUSION, SITTING DROP' 
_exptl_crystal_grow.pH              4.5 
_exptl_crystal_grow.temp            294 
_exptl_crystal_grow.pdbx_details    
'1.26 M ammonium sulfate, 0.1 M acetate buffer, 0.2 M sodium chloride, pH 4.5, VAPOR DIFFUSION, SITTING DROP, temperature 294K' 
_exptl_crystal_grow.temp_details    ? 
_exptl_crystal_grow.pdbx_pH_range   ? 
# 
_diffrn.id                     1 
_diffrn.ambient_temp           100 
_diffrn.ambient_temp_details   ? 
_diffrn.crystal_id             1 
# 
_diffrn_detector.diffrn_id              1 
_diffrn_detector.detector               CCD 
_diffrn_detector.type                   'ADSC QUANTUM 315' 
_diffrn_detector.pdbx_collection_date   2008-10-29 
_diffrn_detector.details                ? 
# 
_diffrn_radiation.diffrn_id                        1 
_diffrn_radiation.pdbx_diffrn_protocol             'SINGLE WAVELENGTH' 
_diffrn_radiation.monochromator                    'double crystal monochromator' 
_diffrn_radiation.wavelength_id                    1 
_diffrn_radiation.pdbx_monochromatic_or_laue_m_l   M 
_diffrn_radiation.pdbx_scattering_type             x-ray 
# 
_diffrn_radiation_wavelength.id           1 
_diffrn_radiation_wavelength.wavelength   0.9792 
_diffrn_radiation_wavelength.wt           1.0 
# 
_diffrn_source.diffrn_id                   1 
_diffrn_source.source                      SYNCHROTRON 
_diffrn_source.type                        'APS BEAMLINE 19-ID' 
_diffrn_source.pdbx_wavelength_list        0.9792 
_diffrn_source.pdbx_wavelength             ? 
_diffrn_source.pdbx_synchrotron_site       APS 
_diffrn_source.pdbx_synchrotron_beamline   19-ID 
# 
_reflns.entry_id                     3FFY 
_reflns.d_resolution_high            2.000 
_reflns.d_resolution_low             39.1 
_reflns.number_obs                   11909 
_reflns.pdbx_Rmerge_I_obs            0.067 
_reflns.pdbx_netI_over_sigmaI        40.087 
_reflns.pdbx_chi_squared             1.636 
_reflns.pdbx_redundancy              9.000 
_reflns.percent_possible_obs         94.100 
_reflns.observed_criterion_sigma_F   0 
_reflns.observed_criterion_sigma_I   0 
_reflns.number_all                   11909 
_reflns.pdbx_Rsym_value              ? 
_reflns.B_iso_Wilson_estimate        48.1 
_reflns.R_free_details               ? 
_reflns.limit_h_max                  ? 
_reflns.limit_h_min                  ? 
_reflns.limit_k_max                  ? 
_reflns.limit_k_min                  ? 
_reflns.limit_l_max                  ? 
_reflns.limit_l_min                  ? 
_reflns.observed_criterion_F_max     ? 
_reflns.observed_criterion_F_min     ? 
_reflns.pdbx_scaling_rejects         ? 
_reflns.pdbx_ordinal                 1 
_reflns.pdbx_diffrn_id               1 
# 
_reflns_shell.d_res_high             2.00 
_reflns_shell.d_res_low              2.03 
_reflns_shell.number_measured_obs    ? 
_reflns_shell.number_measured_all    ? 
_reflns_shell.number_unique_obs      ? 
_reflns_shell.Rmerge_I_obs           0.709 
_reflns_shell.meanI_over_sigI_obs    2.08 
_reflns_shell.pdbx_Rsym_value        ? 
_reflns_shell.pdbx_chi_squared       1.085 
_reflns_shell.pdbx_redundancy        7.80 
_reflns_shell.percent_possible_obs   ? 
_reflns_shell.number_unique_all      355 
_reflns_shell.percent_possible_all   57.40 
_reflns_shell.pdbx_ordinal           1 
_reflns_shell.pdbx_diffrn_id         1 
# 
_refine.entry_id                                 3FFY 
_refine.ls_d_res_high                            2.000 
_refine.ls_d_res_low                             39.1 
_refine.pdbx_ls_sigma_F                          0.00 
_refine.ls_percent_reflns_obs                    93.790 
_refine.ls_number_reflns_obs                     11852 
_refine.pdbx_ls_cross_valid_method               THROUGHOUT 
_refine.pdbx_R_Free_selection_details            RANDOM 
_refine.details                                  
;HYDROGENS HAVE BEEN ADDED IN THE RIDING POSITIONS 
 U VALUES      : RESIDUAL ONLY
;
_refine.ls_R_factor_obs                          0.207 
_refine.ls_R_factor_R_work                       0.206 
_refine.ls_wR_factor_R_work                      0.288 
_refine.ls_R_factor_R_free                       0.231 
_refine.ls_wR_factor_R_free                      0.283 
_refine.ls_percent_reflns_R_free                 4.800 
_refine.ls_number_reflns_R_free                  572 
_refine.B_iso_mean                               34.380 
_refine.aniso_B[1][1]                            1.840 
_refine.aniso_B[2][2]                            1.840 
_refine.aniso_B[3][3]                            -3.690 
_refine.aniso_B[1][2]                            0.000 
_refine.aniso_B[1][3]                            0.000 
_refine.aniso_B[2][3]                            0.000 
_refine.correlation_coeff_Fo_to_Fc               0.963 
_refine.correlation_coeff_Fo_to_Fc_free          0.959 
_refine.overall_SU_R_Cruickshank_DPI             0.228 
_refine.overall_SU_R_free                        0.178 
_refine.pdbx_overall_ESU_R                       0.156 
_refine.pdbx_overall_ESU_R_Free                  0.141 
_refine.overall_SU_ML                            0.131 
_refine.overall_SU_B                             10.945 
_refine.solvent_model_details                    MASK 
_refine.pdbx_solvent_vdw_probe_radii             1.200 
_refine.pdbx_solvent_ion_probe_radii             0.800 
_refine.pdbx_solvent_shrinkage_radii             0.800 
_refine.pdbx_method_to_determine_struct          SAD 
_refine.pdbx_stereochemistry_target_values       'MAXIMUM LIKELIHOOD' 
_refine.overall_FOM_work_R_set                   0.796 
_refine.B_iso_max                                74.54 
_refine.B_iso_min                                20.11 
_refine.occupancy_max                            1.00 
_refine.occupancy_min                            0.40 
_refine.pdbx_ls_sigma_I                          0 
_refine.ls_number_reflns_all                     11852 
_refine.ls_R_factor_all                          0.207 
_refine.ls_redundancy_reflns_obs                 ? 
_refine.pdbx_data_cutoff_high_absF               ? 
_refine.pdbx_data_cutoff_low_absF                ? 
_refine.ls_number_parameters                     ? 
_refine.ls_number_restraints                     ? 
_refine.ls_R_factor_R_free_error                 ? 
_refine.ls_R_factor_R_free_error_details         ? 
_refine.pdbx_starting_model                      ? 
_refine.pdbx_stereochem_target_val_spec_case     ? 
_refine.solvent_model_param_bsol                 ? 
_refine.solvent_model_param_ksol                 ? 
_refine.pdbx_isotropic_thermal_model             ? 
_refine.pdbx_data_cutoff_high_rms_absF           ? 
_refine.overall_FOM_free_R_set                   ? 
_refine.pdbx_overall_phase_error                 ? 
_refine.pdbx_refine_id                           'X-RAY DIFFRACTION' 
_refine.pdbx_TLS_residual_ADP_flag               'LIKELY RESIDUAL' 
_refine.pdbx_diffrn_id                           1 
_refine.pdbx_overall_SU_R_free_Cruickshank_DPI   ? 
_refine.pdbx_overall_SU_R_Blow_DPI               ? 
_refine.pdbx_overall_SU_R_free_Blow_DPI          ? 
# 
_refine_hist.pdbx_refine_id                   'X-RAY DIFFRACTION' 
_refine_hist.cycle_id                         LAST 
_refine_hist.pdbx_number_atoms_protein        890 
_refine_hist.pdbx_number_atoms_nucleic_acid   0 
_refine_hist.pdbx_number_atoms_ligand         10 
_refine_hist.number_atoms_solvent             37 
_refine_hist.number_atoms_total               937 
_refine_hist.d_res_high                       2.000 
_refine_hist.d_res_low                        39.1 
# 
loop_
_refine_ls_restr.type 
_refine_ls_restr.number 
_refine_ls_restr.dev_ideal 
_refine_ls_restr.dev_ideal_target 
_refine_ls_restr.weight 
_refine_ls_restr.pdbx_refine_id 
_refine_ls_restr.pdbx_restraint_function 
r_bond_refined_d       963  0.020  0.022  ? 'X-RAY DIFFRACTION' ? 
r_bond_other_d         685  0.001  0.020  ? 'X-RAY DIFFRACTION' ? 
r_angle_refined_deg    1309 1.758  1.980  ? 'X-RAY DIFFRACTION' ? 
r_angle_other_deg      1666 0.962  3.000  ? 'X-RAY DIFFRACTION' ? 
r_dihedral_angle_1_deg 123  6.143  5.000  ? 'X-RAY DIFFRACTION' ? 
r_dihedral_angle_2_deg 46   38.195 22.609 ? 'X-RAY DIFFRACTION' ? 
r_dihedral_angle_3_deg 176  19.725 15.000 ? 'X-RAY DIFFRACTION' ? 
r_dihedral_angle_4_deg 10   20.504 15.000 ? 'X-RAY DIFFRACTION' ? 
r_chiral_restr         146  0.103  0.200  ? 'X-RAY DIFFRACTION' ? 
r_gen_planes_refined   1059 0.007  0.021  ? 'X-RAY DIFFRACTION' ? 
r_gen_planes_other     207  0.001  0.020  ? 'X-RAY DIFFRACTION' ? 
r_mcbond_it            576  0.916  1.500  ? 'X-RAY DIFFRACTION' ? 
r_mcbond_other         230  0.198  1.500  ? 'X-RAY DIFFRACTION' ? 
r_mcangle_it           943  1.728  2.000  ? 'X-RAY DIFFRACTION' ? 
r_scbond_it            387  2.541  3.000  ? 'X-RAY DIFFRACTION' ? 
r_scangle_it           360  4.181  4.500  ? 'X-RAY DIFFRACTION' ? 
# 
_refine_ls_shell.d_res_high                       2.001 
_refine_ls_shell.d_res_low                        2.053 
_refine_ls_shell.pdbx_total_number_of_bins_used   20 
_refine_ls_shell.percent_reflns_obs               56.980 
_refine_ls_shell.number_reflns_R_work             493 
_refine_ls_shell.R_factor_all                     ? 
_refine_ls_shell.R_factor_R_work                  0.319 
_refine_ls_shell.R_factor_R_free                  0.400 
_refine_ls_shell.percent_reflns_R_free            ? 
_refine_ls_shell.number_reflns_R_free             21 
_refine_ls_shell.R_factor_R_free_error            ? 
_refine_ls_shell.number_reflns_all                514 
_refine_ls_shell.number_reflns_obs                514 
_refine_ls_shell.redundancy_reflns_obs            ? 
_refine_ls_shell.pdbx_refine_id                   'X-RAY DIFFRACTION' 
# 
_struct.entry_id                  3FFY 
_struct.title                     'Putative tetrapyrrole (corrin/porphyrin) methyltransferase from Bacteroides fragilis.' 
_struct.pdbx_model_details        ? 
_struct.pdbx_CASP_flag            ? 
_struct.pdbx_model_type_details   ? 
# 
_struct_keywords.entry_id        3FFY 
_struct_keywords.text            
;structural genomics, APC62130.1, methyltransferase, PSI-2, Protein Structure Initiative, Midwest Center for Structural Genomics, MCSG, unknown function
;
_struct_keywords.pdbx_keywords   'structural genomics, unknown function' 
# 
loop_
_struct_asym.id 
_struct_asym.pdbx_blank_PDB_chainid_flag 
_struct_asym.pdbx_modified 
_struct_asym.entity_id 
_struct_asym.details 
A N N 1 ? 
B N N 2 ? 
C N N 2 ? 
D N N 3 ? 
# 
_struct_ref.id                         1 
_struct_ref.db_name                    UNP 
_struct_ref.db_code                    Q5LHP3_BACFN 
_struct_ref.pdbx_db_accession          Q5LHP3 
_struct_ref.entity_id                  1 
_struct_ref.pdbx_seq_one_letter_code   
;ATAFVPALVASGLPNEKFCFEGFLPQKKGRMTKLKSLVDEHRTMVFYESPHRLLKTLTQFAEYFGPERQVSVSREISKIH
EETVRGTLSELIEHFTATDPRGEIVIVLAGIDD
;
_struct_ref.pdbx_align_begin           112 
_struct_ref.pdbx_db_isoform            ? 
# 
_struct_ref_seq.align_id                      1 
_struct_ref_seq.ref_id                        1 
_struct_ref_seq.pdbx_PDB_id_code              3FFY 
_struct_ref_seq.pdbx_strand_id                A 
_struct_ref_seq.seq_align_beg                 3 
_struct_ref_seq.pdbx_seq_align_beg_ins_code   ? 
_struct_ref_seq.seq_align_end                 115 
_struct_ref_seq.pdbx_seq_align_end_ins_code   ? 
_struct_ref_seq.pdbx_db_accession             Q5LHP3 
_struct_ref_seq.db_align_beg                  112 
_struct_ref_seq.pdbx_db_align_beg_ins_code    ? 
_struct_ref_seq.db_align_end                  224 
_struct_ref_seq.pdbx_db_align_end_ins_code    ? 
_struct_ref_seq.pdbx_auth_seq_align_beg       112 
_struct_ref_seq.pdbx_auth_seq_align_end       224 
# 
loop_
_struct_ref_seq_dif.align_id 
_struct_ref_seq_dif.pdbx_pdb_id_code 
_struct_ref_seq_dif.mon_id 
_struct_ref_seq_dif.pdbx_pdb_strand_id 
_struct_ref_seq_dif.seq_num 
_struct_ref_seq_dif.pdbx_pdb_ins_code 
_struct_ref_seq_dif.pdbx_seq_db_name 
_struct_ref_seq_dif.pdbx_seq_db_accession_code 
_struct_ref_seq_dif.db_mon_id 
_struct_ref_seq_dif.pdbx_seq_db_seq_num 
_struct_ref_seq_dif.details 
_struct_ref_seq_dif.pdbx_auth_seq_num 
_struct_ref_seq_dif.pdbx_ordinal 
1 3FFY SER A 1 ? UNP Q5LHP3 ? ? 'expression tag' 110 1 
1 3FFY ASN A 2 ? UNP Q5LHP3 ? ? 'expression tag' 111 2 
# 
_pdbx_struct_assembly.id                   1 
_pdbx_struct_assembly.details              software_defined_assembly 
_pdbx_struct_assembly.method_details       PISA 
_pdbx_struct_assembly.oligomeric_details   dimeric 
_pdbx_struct_assembly.oligomeric_count     2 
# 
loop_
_pdbx_struct_assembly_prop.biol_id 
_pdbx_struct_assembly_prop.type 
_pdbx_struct_assembly_prop.value 
_pdbx_struct_assembly_prop.details 
1 'ABSA (A^2)' 2230  ? 
1 MORE         -67   ? 
1 'SSA (A^2)'  11320 ? 
# 
_pdbx_struct_assembly_gen.assembly_id       1 
_pdbx_struct_assembly_gen.oper_expression   1,2 
_pdbx_struct_assembly_gen.asym_id_list      A,B,C,D 
# 
loop_
_pdbx_struct_oper_list.id 
_pdbx_struct_oper_list.type 
_pdbx_struct_oper_list.name 
_pdbx_struct_oper_list.symmetry_operation 
_pdbx_struct_oper_list.matrix[1][1] 
_pdbx_struct_oper_list.matrix[1][2] 
_pdbx_struct_oper_list.matrix[1][3] 
_pdbx_struct_oper_list.vector[1] 
_pdbx_struct_oper_list.matrix[2][1] 
_pdbx_struct_oper_list.matrix[2][2] 
_pdbx_struct_oper_list.matrix[2][3] 
_pdbx_struct_oper_list.vector[2] 
_pdbx_struct_oper_list.matrix[3][1] 
_pdbx_struct_oper_list.matrix[3][2] 
_pdbx_struct_oper_list.matrix[3][3] 
_pdbx_struct_oper_list.vector[3] 
1 'identity operation'         1_555 x,y,z  1.0000000000  0.0000000000 0.0000000000 0.0000000000 0.0000000000 1.0000000000 0.0000000000 0.0000000000  0.0000000000 0.0000000000 1.0000000000  0.0000000000   
2 'crystal symmetry operation' 7_555 y,x,-z -0.9573730213 0.2642168949 0.1167318743 6.6232579360 0.2642168949 0.6377085531 0.7235449079 10.0159344303 0.1167318743 0.7235449079 -0.6803355318 -25.0891934029 
# 
_struct_biol.id        1 
_struct_biol.details   'putative biological unit is a dimer based on PISA' 
# 
loop_
_struct_conf.conf_type_id 
_struct_conf.id 
_struct_conf.pdbx_PDB_helix_id 
_struct_conf.beg_label_comp_id 
_struct_conf.beg_label_asym_id 
_struct_conf.beg_label_seq_id 
_struct_conf.pdbx_beg_PDB_ins_code 
_struct_conf.end_label_comp_id 
_struct_conf.end_label_asym_id 
_struct_conf.end_label_seq_id 
_struct_conf.pdbx_end_PDB_ins_code 
_struct_conf.beg_auth_comp_id 
_struct_conf.beg_auth_asym_id 
_struct_conf.beg_auth_seq_id 
_struct_conf.end_auth_comp_id 
_struct_conf.end_auth_asym_id 
_struct_conf.end_auth_seq_id 
_struct_conf.pdbx_PDB_helix_class 
_struct_conf.details 
_struct_conf.pdbx_PDB_helix_length 
HELX_P HELX_P1 1 ALA A 5  ? SER A 13  ? ALA A 114 SER A 122 1 ? 9  
HELX_P HELX_P2 2 GLY A 31 ? LEU A 39  ? GLY A 140 LEU A 148 1 ? 9  
HELX_P HELX_P3 3 ARG A 54 ? GLY A 67  ? ARG A 163 GLY A 176 1 ? 14 
HELX_P HELX_P4 4 LEU A 90 ? THR A 100 ? LEU A 199 THR A 209 1 ? 11 
# 
_struct_conf_type.id          HELX_P 
_struct_conf_type.criteria    ? 
_struct_conf_type.reference   ? 
# 
loop_
_struct_conn.id 
_struct_conn.conn_type_id 
_struct_conn.pdbx_leaving_atom_flag 
_struct_conn.pdbx_PDB_id 
_struct_conn.ptnr1_label_asym_id 
_struct_conn.ptnr1_label_comp_id 
_struct_conn.ptnr1_label_seq_id 
_struct_conn.ptnr1_label_atom_id 
_struct_conn.pdbx_ptnr1_label_alt_id 
_struct_conn.pdbx_ptnr1_PDB_ins_code 
_struct_conn.pdbx_ptnr1_standard_comp_id 
_struct_conn.ptnr1_symmetry 
_struct_conn.ptnr2_label_asym_id 
_struct_conn.ptnr2_label_comp_id 
_struct_conn.ptnr2_label_seq_id 
_struct_conn.ptnr2_label_atom_id 
_struct_conn.pdbx_ptnr2_label_alt_id 
_struct_conn.pdbx_ptnr2_PDB_ins_code 
_struct_conn.ptnr1_auth_asym_id 
_struct_conn.ptnr1_auth_comp_id 
_struct_conn.ptnr1_auth_seq_id 
_struct_conn.ptnr2_auth_asym_id 
_struct_conn.ptnr2_auth_comp_id 
_struct_conn.ptnr2_auth_seq_id 
_struct_conn.ptnr2_symmetry 
_struct_conn.pdbx_ptnr3_label_atom_id 
_struct_conn.pdbx_ptnr3_label_seq_id 
_struct_conn.pdbx_ptnr3_label_comp_id 
_struct_conn.pdbx_ptnr3_label_asym_id 
_struct_conn.pdbx_ptnr3_label_alt_id 
_struct_conn.pdbx_ptnr3_PDB_ins_code 
_struct_conn.details 
_struct_conn.pdbx_dist_value 
_struct_conn.pdbx_value_order 
_struct_conn.pdbx_role 
covale1 covale both ? A ARG 32 C ? ? ? 1_555 A MSE 33 N ? ? A ARG 141 A MSE 142 1_555 ? ? ? ? ? ? ? 1.335 ? ? 
covale2 covale both ? A MSE 33 C ? ? ? 1_555 A THR 34 N ? ? A MSE 142 A THR 143 1_555 ? ? ? ? ? ? ? 1.332 ? ? 
covale3 covale both ? A THR 45 C ? ? ? 1_555 A MSE 46 N ? ? A THR 154 A MSE 155 1_555 ? ? ? ? ? ? ? 1.322 ? ? 
covale4 covale both ? A MSE 46 C ? ? ? 1_555 A VAL 47 N ? ? A MSE 155 A VAL 156 1_555 ? ? ? ? ? ? ? 1.324 ? ? 
# 
_struct_conn_type.id          covale 
_struct_conn_type.criteria    ? 
_struct_conn_type.reference   ? 
# 
loop_
_pdbx_modification_feature.ordinal 
_pdbx_modification_feature.label_comp_id 
_pdbx_modification_feature.label_asym_id 
_pdbx_modification_feature.label_seq_id 
_pdbx_modification_feature.label_alt_id 
_pdbx_modification_feature.modified_residue_label_comp_id 
_pdbx_modification_feature.modified_residue_label_asym_id 
_pdbx_modification_feature.modified_residue_label_seq_id 
_pdbx_modification_feature.modified_residue_label_alt_id 
_pdbx_modification_feature.auth_comp_id 
_pdbx_modification_feature.auth_asym_id 
_pdbx_modification_feature.auth_seq_id 
_pdbx_modification_feature.PDB_ins_code 
_pdbx_modification_feature.symmetry 
_pdbx_modification_feature.modified_residue_auth_comp_id 
_pdbx_modification_feature.modified_residue_auth_asym_id 
_pdbx_modification_feature.modified_residue_auth_seq_id 
_pdbx_modification_feature.modified_residue_PDB_ins_code 
_pdbx_modification_feature.modified_residue_symmetry 
_pdbx_modification_feature.comp_id_linking_atom 
_pdbx_modification_feature.modified_residue_id_linking_atom 
_pdbx_modification_feature.modified_residue_id 
_pdbx_modification_feature.ref_pcm_id 
_pdbx_modification_feature.ref_comp_id 
_pdbx_modification_feature.type 
_pdbx_modification_feature.category 
1 MSE A 33 ? . . . . MSE A 142 ? 1_555 . . . . . . . MET 1 MSE Selenomethionine 'Named protein modification' 
2 MSE A 46 ? . . . . MSE A 155 ? 1_555 . . . . . . . MET 1 MSE Selenomethionine 'Named protein modification' 
# 
_struct_sheet.id               A 
_struct_sheet.type             ? 
_struct_sheet.number_strands   5 
_struct_sheet.details          ? 
# 
loop_
_struct_sheet_order.sheet_id 
_struct_sheet_order.range_id_1 
_struct_sheet_order.range_id_2 
_struct_sheet_order.offset 
_struct_sheet_order.sense 
A 1 2 ? parallel      
A 2 3 ? anti-parallel 
A 3 4 ? anti-parallel 
A 4 5 ? anti-parallel 
# 
loop_
_struct_sheet_range.sheet_id 
_struct_sheet_range.id 
_struct_sheet_range.beg_label_comp_id 
_struct_sheet_range.beg_label_asym_id 
_struct_sheet_range.beg_label_seq_id 
_struct_sheet_range.pdbx_beg_PDB_ins_code 
_struct_sheet_range.end_label_comp_id 
_struct_sheet_range.end_label_asym_id 
_struct_sheet_range.end_label_seq_id 
_struct_sheet_range.pdbx_end_PDB_ins_code 
_struct_sheet_range.beg_auth_comp_id 
_struct_sheet_range.beg_auth_asym_id 
_struct_sheet_range.beg_auth_seq_id 
_struct_sheet_range.end_auth_comp_id 
_struct_sheet_range.end_auth_asym_id 
_struct_sheet_range.end_auth_seq_id 
A 1 PHE A 20  ? GLY A 24  ? PHE A 129 GLY A 133 
A 2 THR A 45  ? GLU A 50  ? THR A 154 GLU A 159 
A 3 ILE A 106 ? LEU A 110 ? ILE A 215 LEU A 219 
A 4 GLN A 71  ? GLU A 77  ? GLN A 180 GLU A 186 
A 5 GLU A 83  ? THR A 89  ? GLU A 192 THR A 198 
# 
loop_
_pdbx_struct_sheet_hbond.sheet_id 
_pdbx_struct_sheet_hbond.range_id_1 
_pdbx_struct_sheet_hbond.range_id_2 
_pdbx_struct_sheet_hbond.range_1_label_atom_id 
_pdbx_struct_sheet_hbond.range_1_label_comp_id 
_pdbx_struct_sheet_hbond.range_1_label_asym_id 
_pdbx_struct_sheet_hbond.range_1_label_seq_id 
_pdbx_struct_sheet_hbond.range_1_PDB_ins_code 
_pdbx_struct_sheet_hbond.range_1_auth_atom_id 
_pdbx_struct_sheet_hbond.range_1_auth_comp_id 
_pdbx_struct_sheet_hbond.range_1_auth_asym_id 
_pdbx_struct_sheet_hbond.range_1_auth_seq_id 
_pdbx_struct_sheet_hbond.range_2_label_atom_id 
_pdbx_struct_sheet_hbond.range_2_label_comp_id 
_pdbx_struct_sheet_hbond.range_2_label_asym_id 
_pdbx_struct_sheet_hbond.range_2_label_seq_id 
_pdbx_struct_sheet_hbond.range_2_PDB_ins_code 
_pdbx_struct_sheet_hbond.range_2_auth_atom_id 
_pdbx_struct_sheet_hbond.range_2_auth_comp_id 
_pdbx_struct_sheet_hbond.range_2_auth_asym_id 
_pdbx_struct_sheet_hbond.range_2_auth_seq_id 
A 1 2 N GLU A 23  ? N GLU A 132 O VAL A 47  ? O VAL A 156 
A 2 3 N PHE A 48  ? N PHE A 157 O ILE A 108 ? O ILE A 217 
A 3 4 O VAL A 109 ? O VAL A 218 N SER A 73  ? N SER A 182 
A 4 5 N VAL A 74  ? N VAL A 183 O VAL A 86  ? O VAL A 195 
# 
loop_
_struct_site.id 
_struct_site.pdbx_evidence_code 
_struct_site.pdbx_auth_asym_id 
_struct_site.pdbx_auth_comp_id 
_struct_site.pdbx_auth_seq_id 
_struct_site.pdbx_auth_ins_code 
_struct_site.pdbx_num_residues 
_struct_site.details 
AC1 Software A SO4 225 ? 6 'BINDING SITE FOR RESIDUE SO4 A 225' 
AC2 Software A SO4 226 ? 3 'BINDING SITE FOR RESIDUE SO4 A 226' 
# 
loop_
_struct_site_gen.id 
_struct_site_gen.site_id 
_struct_site_gen.pdbx_num_res 
_struct_site_gen.label_comp_id 
_struct_site_gen.label_asym_id 
_struct_site_gen.label_seq_id 
_struct_site_gen.pdbx_auth_ins_code 
_struct_site_gen.auth_comp_id 
_struct_site_gen.auth_asym_id 
_struct_site_gen.auth_seq_id 
_struct_site_gen.label_atom_id 
_struct_site_gen.label_alt_id 
_struct_site_gen.symmetry 
_struct_site_gen.details 
1 AC1 6 LYS A 29 ? LYS A 138 . ? 1_555 ? 
2 AC1 6 LYS A 30 ? LYS A 139 . ? 1_555 ? 
3 AC1 6 GLY A 31 ? GLY A 140 . ? 1_555 ? 
4 AC1 6 ARG A 32 ? ARG A 141 . ? 1_555 ? 
5 AC1 6 MSE A 33 ? MSE A 142 . ? 1_555 ? 
6 AC1 6 THR A 34 ? THR A 143 . ? 1_555 ? 
7 AC2 3 HOH D .  ? HOH A 23  . ? 1_555 ? 
8 AC2 3 SER A 79 ? SER A 188 . ? 7_555 ? 
9 AC2 3 HIS A 96 ? HIS A 205 . ? 1_555 ? 
# 
_pdbx_entry_details.entry_id                   3FFY 
_pdbx_entry_details.compound_details           ? 
_pdbx_entry_details.source_details             ? 
_pdbx_entry_details.nonpolymer_details         ? 
_pdbx_entry_details.sequence_details           ? 
_pdbx_entry_details.has_ligand_of_interest     ? 
_pdbx_entry_details.has_protein_modification   Y 
# 
_pdbx_validate_torsion.id              1 
_pdbx_validate_torsion.PDB_model_num   1 
_pdbx_validate_torsion.auth_comp_id    LYS 
_pdbx_validate_torsion.auth_asym_id    A 
_pdbx_validate_torsion.auth_seq_id     138 
_pdbx_validate_torsion.PDB_ins_code    ? 
_pdbx_validate_torsion.label_alt_id    ? 
_pdbx_validate_torsion.phi             -141.87 
_pdbx_validate_torsion.psi             -109.10 
# 
_pdbx_SG_project.id                    1 
_pdbx_SG_project.project_name          'PSI, Protein Structure Initiative' 
_pdbx_SG_project.full_name_of_center   'Midwest Center for Structural Genomics' 
_pdbx_SG_project.initial_of_center     MCSG 
# 
loop_
_pdbx_struct_mod_residue.id 
_pdbx_struct_mod_residue.label_asym_id 
_pdbx_struct_mod_residue.label_comp_id 
_pdbx_struct_mod_residue.label_seq_id 
_pdbx_struct_mod_residue.auth_asym_id 
_pdbx_struct_mod_residue.auth_comp_id 
_pdbx_struct_mod_residue.auth_seq_id 
_pdbx_struct_mod_residue.PDB_ins_code 
_pdbx_struct_mod_residue.parent_comp_id 
_pdbx_struct_mod_residue.details 
1 A MSE 33 A MSE 142 ? MET SELENOMETHIONINE 
2 A MSE 46 A MSE 155 ? MET SELENOMETHIONINE 
# 
_pdbx_struct_special_symmetry.id              1 
_pdbx_struct_special_symmetry.PDB_model_num   1 
_pdbx_struct_special_symmetry.auth_asym_id    A 
_pdbx_struct_special_symmetry.auth_comp_id    HOH 
_pdbx_struct_special_symmetry.auth_seq_id     5 
_pdbx_struct_special_symmetry.PDB_ins_code    ? 
_pdbx_struct_special_symmetry.label_asym_id   D 
_pdbx_struct_special_symmetry.label_comp_id   HOH 
_pdbx_struct_special_symmetry.label_seq_id    . 
# 
_pdbx_refine_tls.id               1 
_pdbx_refine_tls.details          ? 
_pdbx_refine_tls.method           refined 
_pdbx_refine_tls.origin_x         -0.5872 
_pdbx_refine_tls.origin_y         0.1344 
_pdbx_refine_tls.origin_z         0.2838 
_pdbx_refine_tls.T[1][1]          0.0558 
_pdbx_refine_tls.T[2][2]          0.1930 
_pdbx_refine_tls.T[3][3]          0.2093 
_pdbx_refine_tls.T[1][2]          0.0365 
_pdbx_refine_tls.T[1][3]          -0.0320 
_pdbx_refine_tls.T[2][3]          0.0220 
_pdbx_refine_tls.L[1][1]          3.7931 
_pdbx_refine_tls.L[2][2]          2.2418 
_pdbx_refine_tls.L[3][3]          4.4267 
_pdbx_refine_tls.L[1][2]          0.9443 
_pdbx_refine_tls.L[1][3]          0.4327 
_pdbx_refine_tls.L[2][3]          -0.3362 
_pdbx_refine_tls.S[1][1]          -0.1018 
_pdbx_refine_tls.S[2][2]          0.0737 
_pdbx_refine_tls.S[3][3]          0.0281 
_pdbx_refine_tls.S[1][2]          -0.2172 
_pdbx_refine_tls.S[1][3]          -0.2294 
_pdbx_refine_tls.S[2][3]          0.1946 
_pdbx_refine_tls.S[2][1]          0.1827 
_pdbx_refine_tls.S[3][1]          0.0066 
_pdbx_refine_tls.S[3][2]          -0.3632 
_pdbx_refine_tls.pdbx_refine_id   'X-RAY DIFFRACTION' 
# 
_pdbx_refine_tls_group.id                  1 
_pdbx_refine_tls_group.refine_tls_id       1 
_pdbx_refine_tls_group.beg_auth_asym_id    A 
_pdbx_refine_tls_group.end_auth_asym_id    A 
_pdbx_refine_tls_group.end_auth_seq_id     222 
_pdbx_refine_tls_group.selection           ? 
_pdbx_refine_tls_group.beg_auth_seq_id     111 
_pdbx_refine_tls_group.beg_label_asym_id   . 
_pdbx_refine_tls_group.beg_label_seq_id    . 
_pdbx_refine_tls_group.end_label_asym_id   . 
_pdbx_refine_tls_group.end_label_seq_id    . 
_pdbx_refine_tls_group.pdbx_refine_id      'X-RAY DIFFRACTION' 
_pdbx_refine_tls_group.selection_details   ? 
# 
loop_
_pdbx_unobs_or_zero_occ_residues.id 
_pdbx_unobs_or_zero_occ_residues.PDB_model_num 
_pdbx_unobs_or_zero_occ_residues.polymer_flag 
_pdbx_unobs_or_zero_occ_residues.occupancy_flag 
_pdbx_unobs_or_zero_occ_residues.auth_asym_id 
_pdbx_unobs_or_zero_occ_residues.auth_comp_id 
_pdbx_unobs_or_zero_occ_residues.auth_seq_id 
_pdbx_unobs_or_zero_occ_residues.PDB_ins_code 
_pdbx_unobs_or_zero_occ_residues.label_asym_id 
_pdbx_unobs_or_zero_occ_residues.label_comp_id 
_pdbx_unobs_or_zero_occ_residues.label_seq_id 
1 1 Y 1 A SER 110 ? A SER 1   
2 1 Y 1 A ASP 223 ? A ASP 114 
3 1 Y 1 A ASP 224 ? A ASP 115 
# 
loop_
_chem_comp_atom.comp_id 
_chem_comp_atom.atom_id 
_chem_comp_atom.type_symbol 
_chem_comp_atom.pdbx_aromatic_flag 
_chem_comp_atom.pdbx_stereo_config 
_chem_comp_atom.pdbx_ordinal 
ALA N    N  N N 1   
ALA CA   C  N S 2   
ALA C    C  N N 3   
ALA O    O  N N 4   
ALA CB   C  N N 5   
ALA OXT  O  N N 6   
ALA H    H  N N 7   
ALA H2   H  N N 8   
ALA HA   H  N N 9   
ALA HB1  H  N N 10  
ALA HB2  H  N N 11  
ALA HB3  H  N N 12  
ALA HXT  H  N N 13  
ARG N    N  N N 14  
ARG CA   C  N S 15  
ARG C    C  N N 16  
ARG O    O  N N 17  
ARG CB   C  N N 18  
ARG CG   C  N N 19  
ARG CD   C  N N 20  
ARG NE   N  N N 21  
ARG CZ   C  N N 22  
ARG NH1  N  N N 23  
ARG NH2  N  N N 24  
ARG OXT  O  N N 25  
ARG H    H  N N 26  
ARG H2   H  N N 27  
ARG HA   H  N N 28  
ARG HB2  H  N N 29  
ARG HB3  H  N N 30  
ARG HG2  H  N N 31  
ARG HG3  H  N N 32  
ARG HD2  H  N N 33  
ARG HD3  H  N N 34  
ARG HE   H  N N 35  
ARG HH11 H  N N 36  
ARG HH12 H  N N 37  
ARG HH21 H  N N 38  
ARG HH22 H  N N 39  
ARG HXT  H  N N 40  
ASN N    N  N N 41  
ASN CA   C  N S 42  
ASN C    C  N N 43  
ASN O    O  N N 44  
ASN CB   C  N N 45  
ASN CG   C  N N 46  
ASN OD1  O  N N 47  
ASN ND2  N  N N 48  
ASN OXT  O  N N 49  
ASN H    H  N N 50  
ASN H2   H  N N 51  
ASN HA   H  N N 52  
ASN HB2  H  N N 53  
ASN HB3  H  N N 54  
ASN HD21 H  N N 55  
ASN HD22 H  N N 56  
ASN HXT  H  N N 57  
ASP N    N  N N 58  
ASP CA   C  N S 59  
ASP C    C  N N 60  
ASP O    O  N N 61  
ASP CB   C  N N 62  
ASP CG   C  N N 63  
ASP OD1  O  N N 64  
ASP OD2  O  N N 65  
ASP OXT  O  N N 66  
ASP H    H  N N 67  
ASP H2   H  N N 68  
ASP HA   H  N N 69  
ASP HB2  H  N N 70  
ASP HB3  H  N N 71  
ASP HD2  H  N N 72  
ASP HXT  H  N N 73  
CYS N    N  N N 74  
CYS CA   C  N R 75  
CYS C    C  N N 76  
CYS O    O  N N 77  
CYS CB   C  N N 78  
CYS SG   S  N N 79  
CYS OXT  O  N N 80  
CYS H    H  N N 81  
CYS H2   H  N N 82  
CYS HA   H  N N 83  
CYS HB2  H  N N 84  
CYS HB3  H  N N 85  
CYS HG   H  N N 86  
CYS HXT  H  N N 87  
GLN N    N  N N 88  
GLN CA   C  N S 89  
GLN C    C  N N 90  
GLN O    O  N N 91  
GLN CB   C  N N 92  
GLN CG   C  N N 93  
GLN CD   C  N N 94  
GLN OE1  O  N N 95  
GLN NE2  N  N N 96  
GLN OXT  O  N N 97  
GLN H    H  N N 98  
GLN H2   H  N N 99  
GLN HA   H  N N 100 
GLN HB2  H  N N 101 
GLN HB3  H  N N 102 
GLN HG2  H  N N 103 
GLN HG3  H  N N 104 
GLN HE21 H  N N 105 
GLN HE22 H  N N 106 
GLN HXT  H  N N 107 
GLU N    N  N N 108 
GLU CA   C  N S 109 
GLU C    C  N N 110 
GLU O    O  N N 111 
GLU CB   C  N N 112 
GLU CG   C  N N 113 
GLU CD   C  N N 114 
GLU OE1  O  N N 115 
GLU OE2  O  N N 116 
GLU OXT  O  N N 117 
GLU H    H  N N 118 
GLU H2   H  N N 119 
GLU HA   H  N N 120 
GLU HB2  H  N N 121 
GLU HB3  H  N N 122 
GLU HG2  H  N N 123 
GLU HG3  H  N N 124 
GLU HE2  H  N N 125 
GLU HXT  H  N N 126 
GLY N    N  N N 127 
GLY CA   C  N N 128 
GLY C    C  N N 129 
GLY O    O  N N 130 
GLY OXT  O  N N 131 
GLY H    H  N N 132 
GLY H2   H  N N 133 
GLY HA2  H  N N 134 
GLY HA3  H  N N 135 
GLY HXT  H  N N 136 
HIS N    N  N N 137 
HIS CA   C  N S 138 
HIS C    C  N N 139 
HIS O    O  N N 140 
HIS CB   C  N N 141 
HIS CG   C  Y N 142 
HIS ND1  N  Y N 143 
HIS CD2  C  Y N 144 
HIS CE1  C  Y N 145 
HIS NE2  N  Y N 146 
HIS OXT  O  N N 147 
HIS H    H  N N 148 
HIS H2   H  N N 149 
HIS HA   H  N N 150 
HIS HB2  H  N N 151 
HIS HB3  H  N N 152 
HIS HD1  H  N N 153 
HIS HD2  H  N N 154 
HIS HE1  H  N N 155 
HIS HE2  H  N N 156 
HIS HXT  H  N N 157 
HOH O    O  N N 158 
HOH H1   H  N N 159 
HOH H2   H  N N 160 
ILE N    N  N N 161 
ILE CA   C  N S 162 
ILE C    C  N N 163 
ILE O    O  N N 164 
ILE CB   C  N S 165 
ILE CG1  C  N N 166 
ILE CG2  C  N N 167 
ILE CD1  C  N N 168 
ILE OXT  O  N N 169 
ILE H    H  N N 170 
ILE H2   H  N N 171 
ILE HA   H  N N 172 
ILE HB   H  N N 173 
ILE HG12 H  N N 174 
ILE HG13 H  N N 175 
ILE HG21 H  N N 176 
ILE HG22 H  N N 177 
ILE HG23 H  N N 178 
ILE HD11 H  N N 179 
ILE HD12 H  N N 180 
ILE HD13 H  N N 181 
ILE HXT  H  N N 182 
LEU N    N  N N 183 
LEU CA   C  N S 184 
LEU C    C  N N 185 
LEU O    O  N N 186 
LEU CB   C  N N 187 
LEU CG   C  N N 188 
LEU CD1  C  N N 189 
LEU CD2  C  N N 190 
LEU OXT  O  N N 191 
LEU H    H  N N 192 
LEU H2   H  N N 193 
LEU HA   H  N N 194 
LEU HB2  H  N N 195 
LEU HB3  H  N N 196 
LEU HG   H  N N 197 
LEU HD11 H  N N 198 
LEU HD12 H  N N 199 
LEU HD13 H  N N 200 
LEU HD21 H  N N 201 
LEU HD22 H  N N 202 
LEU HD23 H  N N 203 
LEU HXT  H  N N 204 
LYS N    N  N N 205 
LYS CA   C  N S 206 
LYS C    C  N N 207 
LYS O    O  N N 208 
LYS CB   C  N N 209 
LYS CG   C  N N 210 
LYS CD   C  N N 211 
LYS CE   C  N N 212 
LYS NZ   N  N N 213 
LYS OXT  O  N N 214 
LYS H    H  N N 215 
LYS H2   H  N N 216 
LYS HA   H  N N 217 
LYS HB2  H  N N 218 
LYS HB3  H  N N 219 
LYS HG2  H  N N 220 
LYS HG3  H  N N 221 
LYS HD2  H  N N 222 
LYS HD3  H  N N 223 
LYS HE2  H  N N 224 
LYS HE3  H  N N 225 
LYS HZ1  H  N N 226 
LYS HZ2  H  N N 227 
LYS HZ3  H  N N 228 
LYS HXT  H  N N 229 
MSE N    N  N N 230 
MSE CA   C  N S 231 
MSE C    C  N N 232 
MSE O    O  N N 233 
MSE OXT  O  N N 234 
MSE CB   C  N N 235 
MSE CG   C  N N 236 
MSE SE   SE N N 237 
MSE CE   C  N N 238 
MSE H    H  N N 239 
MSE H2   H  N N 240 
MSE HA   H  N N 241 
MSE HXT  H  N N 242 
MSE HB2  H  N N 243 
MSE HB3  H  N N 244 
MSE HG2  H  N N 245 
MSE HG3  H  N N 246 
MSE HE1  H  N N 247 
MSE HE2  H  N N 248 
MSE HE3  H  N N 249 
PHE N    N  N N 250 
PHE CA   C  N S 251 
PHE C    C  N N 252 
PHE O    O  N N 253 
PHE CB   C  N N 254 
PHE CG   C  Y N 255 
PHE CD1  C  Y N 256 
PHE CD2  C  Y N 257 
PHE CE1  C  Y N 258 
PHE CE2  C  Y N 259 
PHE CZ   C  Y N 260 
PHE OXT  O  N N 261 
PHE H    H  N N 262 
PHE H2   H  N N 263 
PHE HA   H  N N 264 
PHE HB2  H  N N 265 
PHE HB3  H  N N 266 
PHE HD1  H  N N 267 
PHE HD2  H  N N 268 
PHE HE1  H  N N 269 
PHE HE2  H  N N 270 
PHE HZ   H  N N 271 
PHE HXT  H  N N 272 
PRO N    N  N N 273 
PRO CA   C  N S 274 
PRO C    C  N N 275 
PRO O    O  N N 276 
PRO CB   C  N N 277 
PRO CG   C  N N 278 
PRO CD   C  N N 279 
PRO OXT  O  N N 280 
PRO H    H  N N 281 
PRO HA   H  N N 282 
PRO HB2  H  N N 283 
PRO HB3  H  N N 284 
PRO HG2  H  N N 285 
PRO HG3  H  N N 286 
PRO HD2  H  N N 287 
PRO HD3  H  N N 288 
PRO HXT  H  N N 289 
SER N    N  N N 290 
SER CA   C  N S 291 
SER C    C  N N 292 
SER O    O  N N 293 
SER CB   C  N N 294 
SER OG   O  N N 295 
SER OXT  O  N N 296 
SER H    H  N N 297 
SER H2   H  N N 298 
SER HA   H  N N 299 
SER HB2  H  N N 300 
SER HB3  H  N N 301 
SER HG   H  N N 302 
SER HXT  H  N N 303 
SO4 S    S  N N 304 
SO4 O1   O  N N 305 
SO4 O2   O  N N 306 
SO4 O3   O  N N 307 
SO4 O4   O  N N 308 
THR N    N  N N 309 
THR CA   C  N S 310 
THR C    C  N N 311 
THR O    O  N N 312 
THR CB   C  N R 313 
THR OG1  O  N N 314 
THR CG2  C  N N 315 
THR OXT  O  N N 316 
THR H    H  N N 317 
THR H2   H  N N 318 
THR HA   H  N N 319 
THR HB   H  N N 320 
THR HG1  H  N N 321 
THR HG21 H  N N 322 
THR HG22 H  N N 323 
THR HG23 H  N N 324 
THR HXT  H  N N 325 
TYR N    N  N N 326 
TYR CA   C  N S 327 
TYR C    C  N N 328 
TYR O    O  N N 329 
TYR CB   C  N N 330 
TYR CG   C  Y N 331 
TYR CD1  C  Y N 332 
TYR CD2  C  Y N 333 
TYR CE1  C  Y N 334 
TYR CE2  C  Y N 335 
TYR CZ   C  Y N 336 
TYR OH   O  N N 337 
TYR OXT  O  N N 338 
TYR H    H  N N 339 
TYR H2   H  N N 340 
TYR HA   H  N N 341 
TYR HB2  H  N N 342 
TYR HB3  H  N N 343 
TYR HD1  H  N N 344 
TYR HD2  H  N N 345 
TYR HE1  H  N N 346 
TYR HE2  H  N N 347 
TYR HH   H  N N 348 
TYR HXT  H  N N 349 
VAL N    N  N N 350 
VAL CA   C  N S 351 
VAL C    C  N N 352 
VAL O    O  N N 353 
VAL CB   C  N N 354 
VAL CG1  C  N N 355 
VAL CG2  C  N N 356 
VAL OXT  O  N N 357 
VAL H    H  N N 358 
VAL H2   H  N N 359 
VAL HA   H  N N 360 
VAL HB   H  N N 361 
VAL HG11 H  N N 362 
VAL HG12 H  N N 363 
VAL HG13 H  N N 364 
VAL HG21 H  N N 365 
VAL HG22 H  N N 366 
VAL HG23 H  N N 367 
VAL HXT  H  N N 368 
# 
loop_
_chem_comp_bond.comp_id 
_chem_comp_bond.atom_id_1 
_chem_comp_bond.atom_id_2 
_chem_comp_bond.value_order 
_chem_comp_bond.pdbx_aromatic_flag 
_chem_comp_bond.pdbx_stereo_config 
_chem_comp_bond.pdbx_ordinal 
ALA N   CA   sing N N 1   
ALA N   H    sing N N 2   
ALA N   H2   sing N N 3   
ALA CA  C    sing N N 4   
ALA CA  CB   sing N N 5   
ALA CA  HA   sing N N 6   
ALA C   O    doub N N 7   
ALA C   OXT  sing N N 8   
ALA CB  HB1  sing N N 9   
ALA CB  HB2  sing N N 10  
ALA CB  HB3  sing N N 11  
ALA OXT HXT  sing N N 12  
ARG N   CA   sing N N 13  
ARG N   H    sing N N 14  
ARG N   H2   sing N N 15  
ARG CA  C    sing N N 16  
ARG CA  CB   sing N N 17  
ARG CA  HA   sing N N 18  
ARG C   O    doub N N 19  
ARG C   OXT  sing N N 20  
ARG CB  CG   sing N N 21  
ARG CB  HB2  sing N N 22  
ARG CB  HB3  sing N N 23  
ARG CG  CD   sing N N 24  
ARG CG  HG2  sing N N 25  
ARG CG  HG3  sing N N 26  
ARG CD  NE   sing N N 27  
ARG CD  HD2  sing N N 28  
ARG CD  HD3  sing N N 29  
ARG NE  CZ   sing N N 30  
ARG NE  HE   sing N N 31  
ARG CZ  NH1  sing N N 32  
ARG CZ  NH2  doub N N 33  
ARG NH1 HH11 sing N N 34  
ARG NH1 HH12 sing N N 35  
ARG NH2 HH21 sing N N 36  
ARG NH2 HH22 sing N N 37  
ARG OXT HXT  sing N N 38  
ASN N   CA   sing N N 39  
ASN N   H    sing N N 40  
ASN N   H2   sing N N 41  
ASN CA  C    sing N N 42  
ASN CA  CB   sing N N 43  
ASN CA  HA   sing N N 44  
ASN C   O    doub N N 45  
ASN C   OXT  sing N N 46  
ASN CB  CG   sing N N 47  
ASN CB  HB2  sing N N 48  
ASN CB  HB3  sing N N 49  
ASN CG  OD1  doub N N 50  
ASN CG  ND2  sing N N 51  
ASN ND2 HD21 sing N N 52  
ASN ND2 HD22 sing N N 53  
ASN OXT HXT  sing N N 54  
ASP N   CA   sing N N 55  
ASP N   H    sing N N 56  
ASP N   H2   sing N N 57  
ASP CA  C    sing N N 58  
ASP CA  CB   sing N N 59  
ASP CA  HA   sing N N 60  
ASP C   O    doub N N 61  
ASP C   OXT  sing N N 62  
ASP CB  CG   sing N N 63  
ASP CB  HB2  sing N N 64  
ASP CB  HB3  sing N N 65  
ASP CG  OD1  doub N N 66  
ASP CG  OD2  sing N N 67  
ASP OD2 HD2  sing N N 68  
ASP OXT HXT  sing N N 69  
CYS N   CA   sing N N 70  
CYS N   H    sing N N 71  
CYS N   H2   sing N N 72  
CYS CA  C    sing N N 73  
CYS CA  CB   sing N N 74  
CYS CA  HA   sing N N 75  
CYS C   O    doub N N 76  
CYS C   OXT  sing N N 77  
CYS CB  SG   sing N N 78  
CYS CB  HB2  sing N N 79  
CYS CB  HB3  sing N N 80  
CYS SG  HG   sing N N 81  
CYS OXT HXT  sing N N 82  
GLN N   CA   sing N N 83  
GLN N   H    sing N N 84  
GLN N   H2   sing N N 85  
GLN CA  C    sing N N 86  
GLN CA  CB   sing N N 87  
GLN CA  HA   sing N N 88  
GLN C   O    doub N N 89  
GLN C   OXT  sing N N 90  
GLN CB  CG   sing N N 91  
GLN CB  HB2  sing N N 92  
GLN CB  HB3  sing N N 93  
GLN CG  CD   sing N N 94  
GLN CG  HG2  sing N N 95  
GLN CG  HG3  sing N N 96  
GLN CD  OE1  doub N N 97  
GLN CD  NE2  sing N N 98  
GLN NE2 HE21 sing N N 99  
GLN NE2 HE22 sing N N 100 
GLN OXT HXT  sing N N 101 
GLU N   CA   sing N N 102 
GLU N   H    sing N N 103 
GLU N   H2   sing N N 104 
GLU CA  C    sing N N 105 
GLU CA  CB   sing N N 106 
GLU CA  HA   sing N N 107 
GLU C   O    doub N N 108 
GLU C   OXT  sing N N 109 
GLU CB  CG   sing N N 110 
GLU CB  HB2  sing N N 111 
GLU CB  HB3  sing N N 112 
GLU CG  CD   sing N N 113 
GLU CG  HG2  sing N N 114 
GLU CG  HG3  sing N N 115 
GLU CD  OE1  doub N N 116 
GLU CD  OE2  sing N N 117 
GLU OE2 HE2  sing N N 118 
GLU OXT HXT  sing N N 119 
GLY N   CA   sing N N 120 
GLY N   H    sing N N 121 
GLY N   H2   sing N N 122 
GLY CA  C    sing N N 123 
GLY CA  HA2  sing N N 124 
GLY CA  HA3  sing N N 125 
GLY C   O    doub N N 126 
GLY C   OXT  sing N N 127 
GLY OXT HXT  sing N N 128 
HIS N   CA   sing N N 129 
HIS N   H    sing N N 130 
HIS N   H2   sing N N 131 
HIS CA  C    sing N N 132 
HIS CA  CB   sing N N 133 
HIS CA  HA   sing N N 134 
HIS C   O    doub N N 135 
HIS C   OXT  sing N N 136 
HIS CB  CG   sing N N 137 
HIS CB  HB2  sing N N 138 
HIS CB  HB3  sing N N 139 
HIS CG  ND1  sing Y N 140 
HIS CG  CD2  doub Y N 141 
HIS ND1 CE1  doub Y N 142 
HIS ND1 HD1  sing N N 143 
HIS CD2 NE2  sing Y N 144 
HIS CD2 HD2  sing N N 145 
HIS CE1 NE2  sing Y N 146 
HIS CE1 HE1  sing N N 147 
HIS NE2 HE2  sing N N 148 
HIS OXT HXT  sing N N 149 
HOH O   H1   sing N N 150 
HOH O   H2   sing N N 151 
ILE N   CA   sing N N 152 
ILE N   H    sing N N 153 
ILE N   H2   sing N N 154 
ILE CA  C    sing N N 155 
ILE CA  CB   sing N N 156 
ILE CA  HA   sing N N 157 
ILE C   O    doub N N 158 
ILE C   OXT  sing N N 159 
ILE CB  CG1  sing N N 160 
ILE CB  CG2  sing N N 161 
ILE CB  HB   sing N N 162 
ILE CG1 CD1  sing N N 163 
ILE CG1 HG12 sing N N 164 
ILE CG1 HG13 sing N N 165 
ILE CG2 HG21 sing N N 166 
ILE CG2 HG22 sing N N 167 
ILE CG2 HG23 sing N N 168 
ILE CD1 HD11 sing N N 169 
ILE CD1 HD12 sing N N 170 
ILE CD1 HD13 sing N N 171 
ILE OXT HXT  sing N N 172 
LEU N   CA   sing N N 173 
LEU N   H    sing N N 174 
LEU N   H2   sing N N 175 
LEU CA  C    sing N N 176 
LEU CA  CB   sing N N 177 
LEU CA  HA   sing N N 178 
LEU C   O    doub N N 179 
LEU C   OXT  sing N N 180 
LEU CB  CG   sing N N 181 
LEU CB  HB2  sing N N 182 
LEU CB  HB3  sing N N 183 
LEU CG  CD1  sing N N 184 
LEU CG  CD2  sing N N 185 
LEU CG  HG   sing N N 186 
LEU CD1 HD11 sing N N 187 
LEU CD1 HD12 sing N N 188 
LEU CD1 HD13 sing N N 189 
LEU CD2 HD21 sing N N 190 
LEU CD2 HD22 sing N N 191 
LEU CD2 HD23 sing N N 192 
LEU OXT HXT  sing N N 193 
LYS N   CA   sing N N 194 
LYS N   H    sing N N 195 
LYS N   H2   sing N N 196 
LYS CA  C    sing N N 197 
LYS CA  CB   sing N N 198 
LYS CA  HA   sing N N 199 
LYS C   O    doub N N 200 
LYS C   OXT  sing N N 201 
LYS CB  CG   sing N N 202 
LYS CB  HB2  sing N N 203 
LYS CB  HB3  sing N N 204 
LYS CG  CD   sing N N 205 
LYS CG  HG2  sing N N 206 
LYS CG  HG3  sing N N 207 
LYS CD  CE   sing N N 208 
LYS CD  HD2  sing N N 209 
LYS CD  HD3  sing N N 210 
LYS CE  NZ   sing N N 211 
LYS CE  HE2  sing N N 212 
LYS CE  HE3  sing N N 213 
LYS NZ  HZ1  sing N N 214 
LYS NZ  HZ2  sing N N 215 
LYS NZ  HZ3  sing N N 216 
LYS OXT HXT  sing N N 217 
MSE N   CA   sing N N 218 
MSE N   H    sing N N 219 
MSE N   H2   sing N N 220 
MSE CA  C    sing N N 221 
MSE CA  CB   sing N N 222 
MSE CA  HA   sing N N 223 
MSE C   O    doub N N 224 
MSE C   OXT  sing N N 225 
MSE OXT HXT  sing N N 226 
MSE CB  CG   sing N N 227 
MSE CB  HB2  sing N N 228 
MSE CB  HB3  sing N N 229 
MSE CG  SE   sing N N 230 
MSE CG  HG2  sing N N 231 
MSE CG  HG3  sing N N 232 
MSE SE  CE   sing N N 233 
MSE CE  HE1  sing N N 234 
MSE CE  HE2  sing N N 235 
MSE CE  HE3  sing N N 236 
PHE N   CA   sing N N 237 
PHE N   H    sing N N 238 
PHE N   H2   sing N N 239 
PHE CA  C    sing N N 240 
PHE CA  CB   sing N N 241 
PHE CA  HA   sing N N 242 
PHE C   O    doub N N 243 
PHE C   OXT  sing N N 244 
PHE CB  CG   sing N N 245 
PHE CB  HB2  sing N N 246 
PHE CB  HB3  sing N N 247 
PHE CG  CD1  doub Y N 248 
PHE CG  CD2  sing Y N 249 
PHE CD1 CE1  sing Y N 250 
PHE CD1 HD1  sing N N 251 
PHE CD2 CE2  doub Y N 252 
PHE CD2 HD2  sing N N 253 
PHE CE1 CZ   doub Y N 254 
PHE CE1 HE1  sing N N 255 
PHE CE2 CZ   sing Y N 256 
PHE CE2 HE2  sing N N 257 
PHE CZ  HZ   sing N N 258 
PHE OXT HXT  sing N N 259 
PRO N   CA   sing N N 260 
PRO N   CD   sing N N 261 
PRO N   H    sing N N 262 
PRO CA  C    sing N N 263 
PRO CA  CB   sing N N 264 
PRO CA  HA   sing N N 265 
PRO C   O    doub N N 266 
PRO C   OXT  sing N N 267 
PRO CB  CG   sing N N 268 
PRO CB  HB2  sing N N 269 
PRO CB  HB3  sing N N 270 
PRO CG  CD   sing N N 271 
PRO CG  HG2  sing N N 272 
PRO CG  HG3  sing N N 273 
PRO CD  HD2  sing N N 274 
PRO CD  HD3  sing N N 275 
PRO OXT HXT  sing N N 276 
SER N   CA   sing N N 277 
SER N   H    sing N N 278 
SER N   H2   sing N N 279 
SER CA  C    sing N N 280 
SER CA  CB   sing N N 281 
SER CA  HA   sing N N 282 
SER C   O    doub N N 283 
SER C   OXT  sing N N 284 
SER CB  OG   sing N N 285 
SER CB  HB2  sing N N 286 
SER CB  HB3  sing N N 287 
SER OG  HG   sing N N 288 
SER OXT HXT  sing N N 289 
SO4 S   O1   doub N N 290 
SO4 S   O2   doub N N 291 
SO4 S   O3   sing N N 292 
SO4 S   O4   sing N N 293 
THR N   CA   sing N N 294 
THR N   H    sing N N 295 
THR N   H2   sing N N 296 
THR CA  C    sing N N 297 
THR CA  CB   sing N N 298 
THR CA  HA   sing N N 299 
THR C   O    doub N N 300 
THR C   OXT  sing N N 301 
THR CB  OG1  sing N N 302 
THR CB  CG2  sing N N 303 
THR CB  HB   sing N N 304 
THR OG1 HG1  sing N N 305 
THR CG2 HG21 sing N N 306 
THR CG2 HG22 sing N N 307 
THR CG2 HG23 sing N N 308 
THR OXT HXT  sing N N 309 
TYR N   CA   sing N N 310 
TYR N   H    sing N N 311 
TYR N   H2   sing N N 312 
TYR CA  C    sing N N 313 
TYR CA  CB   sing N N 314 
TYR CA  HA   sing N N 315 
TYR C   O    doub N N 316 
TYR C   OXT  sing N N 317 
TYR CB  CG   sing N N 318 
TYR CB  HB2  sing N N 319 
TYR CB  HB3  sing N N 320 
TYR CG  CD1  doub Y N 321 
TYR CG  CD2  sing Y N 322 
TYR CD1 CE1  sing Y N 323 
TYR CD1 HD1  sing N N 324 
TYR CD2 CE2  doub Y N 325 
TYR CD2 HD2  sing N N 326 
TYR CE1 CZ   doub Y N 327 
TYR CE1 HE1  sing N N 328 
TYR CE2 CZ   sing Y N 329 
TYR CE2 HE2  sing N N 330 
TYR CZ  OH   sing N N 331 
TYR OH  HH   sing N N 332 
TYR OXT HXT  sing N N 333 
VAL N   CA   sing N N 334 
VAL N   H    sing N N 335 
VAL N   H2   sing N N 336 
VAL CA  C    sing N N 337 
VAL CA  CB   sing N N 338 
VAL CA  HA   sing N N 339 
VAL C   O    doub N N 340 
VAL C   OXT  sing N N 341 
VAL CB  CG1  sing N N 342 
VAL CB  CG2  sing N N 343 
VAL CB  HB   sing N N 344 
VAL CG1 HG11 sing N N 345 
VAL CG1 HG12 sing N N 346 
VAL CG1 HG13 sing N N 347 
VAL CG2 HG21 sing N N 348 
VAL CG2 HG22 sing N N 349 
VAL CG2 HG23 sing N N 350 
VAL OXT HXT  sing N N 351 
# 
_atom_sites.entry_id                    3FFY 
_atom_sites.fract_transf_matrix[1][1]   0.00270651 
_atom_sites.fract_transf_matrix[1][2]   -0.00680263 
_atom_sites.fract_transf_matrix[1][3]   -0.01480798 
_atom_sites.fract_transf_matrix[2][1]   -0.00611708 
_atom_sites.fract_transf_matrix[2][2]   -0.01433723 
_atom_sites.fract_transf_matrix[2][3]   0.00546833 
_atom_sites.fract_transf_matrix[3][1]   -0.00951835 
_atom_sites.fract_transf_matrix[3][2]   0.00289099 
_atom_sites.fract_transf_matrix[3][3]   -0.00306779 
_atom_sites.fract_transf_vector[1]      0.070447 
_atom_sites.fract_transf_vector[2]      0.391759 
_atom_sites.fract_transf_vector[3]      -0.021441 
# 
loop_
_atom_type.symbol 
C  
N  
O  
S  
SE 
# 
loop_
_atom_site.group_PDB 
_atom_site.id 
_atom_site.type_symbol 
_atom_site.label_atom_id 
_atom_site.label_alt_id 
_atom_site.label_comp_id 
_atom_site.label_asym_id 
_atom_site.label_entity_id 
_atom_site.label_seq_id 
_atom_site.pdbx_PDB_ins_code 
_atom_site.Cartn_x 
_atom_site.Cartn_y 
_atom_site.Cartn_z 
_atom_site.occupancy 
_atom_site.B_iso_or_equiv 
_atom_site.pdbx_formal_charge 
_atom_site.auth_seq_id 
_atom_site.auth_comp_id 
_atom_site.auth_asym_id 
_atom_site.auth_atom_id 
_atom_site.pdbx_PDB_model_num 
ATOM   1   N  N   . ASN A 1 2   ? -11.093 11.071  -4.054  1.00 44.45 ? 111 ASN A N   1 
ATOM   2   C  CA  . ASN A 1 2   ? -11.432 10.113  -5.180  1.00 44.11 ? 111 ASN A CA  1 
ATOM   3   C  C   . ASN A 1 2   ? -11.582 8.608   -4.793  1.00 42.56 ? 111 ASN A C   1 
ATOM   4   O  O   . ASN A 1 2   ? -10.605 7.930   -4.417  1.00 41.36 ? 111 ASN A O   1 
ATOM   5   C  CB  . ASN A 1 2   ? -10.423 10.190  -6.325  1.00 44.43 ? 111 ASN A CB  1 
ATOM   6   C  CG  . ASN A 1 2   ? -10.910 9.429   -7.574  1.00 46.65 ? 111 ASN A CG  1 
ATOM   7   O  OD1 . ASN A 1 2   ? -12.112 9.245   -7.773  1.00 47.25 ? 111 ASN A OD1 1 
ATOM   8   N  ND2 . ASN A 1 2   ? -9.969  8.990   -8.419  1.00 51.42 ? 111 ASN A ND2 1 
ATOM   9   N  N   . ALA A 1 3   ? -12.825 8.106   -4.954  1.00 40.78 ? 112 ALA A N   1 
ATOM   10  C  CA  . ALA A 1 3   ? -13.210 6.714   -4.573  1.00 38.80 ? 112 ALA A CA  1 
ATOM   11  C  C   . ALA A 1 3   ? -12.498 5.610   -5.394  1.00 36.37 ? 112 ALA A C   1 
ATOM   12  O  O   . ALA A 1 3   ? -12.156 4.588   -4.841  1.00 35.85 ? 112 ALA A O   1 
ATOM   13  C  CB  . ALA A 1 3   ? -14.736 6.552   -4.649  1.00 37.48 ? 112 ALA A CB  1 
ATOM   14  N  N   . THR A 1 4   ? -12.299 5.846   -6.701  1.00 34.88 ? 113 THR A N   1 
ATOM   15  C  CA  . THR A 1 4   ? -11.686 4.893   -7.645  1.00 33.61 ? 113 THR A CA  1 
ATOM   16  C  C   . THR A 1 4   ? -10.264 5.301   -8.049  1.00 33.20 ? 113 THR A C   1 
ATOM   17  O  O   . THR A 1 4   ? -9.766  4.962   -9.129  1.00 32.95 ? 113 THR A O   1 
ATOM   18  C  CB  . THR A 1 4   ? -12.543 4.727   -8.869  1.00 33.02 ? 113 THR A CB  1 
ATOM   19  O  OG1 . THR A 1 4   ? -12.821 6.016   -9.437  1.00 32.51 ? 113 THR A OG1 1 
ATOM   20  C  CG2 . THR A 1 4   ? -13.833 4.029   -8.484  1.00 31.65 ? 113 THR A CG2 1 
ATOM   21  N  N   . ALA A 1 5   ? -9.612  5.993   -7.112  1.00 32.66 ? 114 ALA A N   1 
ATOM   22  C  CA  . ALA A 1 5   ? -8.176  6.297   -7.160  1.00 32.28 ? 114 ALA A CA  1 
ATOM   23  C  C   . ALA A 1 5   ? -7.325  5.036   -7.333  1.00 31.37 ? 114 ALA A C   1 
ATOM   24  O  O   . ALA A 1 5   ? -6.212  5.103   -7.869  1.00 31.15 ? 114 ALA A O   1 
ATOM   25  C  CB  . ALA A 1 5   ? -7.767  7.036   -5.865  1.00 32.52 ? 114 ALA A CB  1 
ATOM   26  N  N   . PHE A 1 6   ? -7.831  3.892   -6.867  1.00 29.23 ? 115 PHE A N   1 
ATOM   27  C  CA  . PHE A 1 6   ? -7.079  2.665   -7.013  1.00 28.81 ? 115 PHE A CA  1 
ATOM   28  C  C   . PHE A 1 6   ? -6.816  2.279   -8.459  1.00 28.28 ? 115 PHE A C   1 
ATOM   29  O  O   . PHE A 1 6   ? -5.796  1.655   -8.723  1.00 27.46 ? 115 PHE A O   1 
ATOM   30  C  CB  . PHE A 1 6   ? -7.705  1.500   -6.244  1.00 28.93 ? 115 PHE A CB  1 
ATOM   31  C  CG  . PHE A 1 6   ? -8.914  0.898   -6.902  1.00 28.47 ? 115 PHE A CG  1 
ATOM   32  C  CD1 . PHE A 1 6   ? -8.782  -0.053  -7.899  1.00 28.59 ? 115 PHE A CD1 1 
ATOM   33  C  CD2 . PHE A 1 6   ? -10.209 1.289   -6.499  1.00 27.40 ? 115 PHE A CD2 1 
ATOM   34  C  CE1 . PHE A 1 6   ? -9.932  -0.585  -8.483  1.00 29.57 ? 115 PHE A CE1 1 
ATOM   35  C  CE2 . PHE A 1 6   ? -11.327 0.784   -7.071  1.00 29.29 ? 115 PHE A CE2 1 
ATOM   36  C  CZ  . PHE A 1 6   ? -11.209 -0.158  -8.064  1.00 30.51 ? 115 PHE A CZ  1 
ATOM   37  N  N   . VAL A 1 7   ? -7.704  2.652   -9.380  1.00 29.31 ? 116 VAL A N   1 
ATOM   38  C  CA  . VAL A 1 7   ? -7.549  2.241   -10.797 1.00 30.07 ? 116 VAL A CA  1 
ATOM   39  C  C   . VAL A 1 7   ? -6.184  2.730   -11.363 1.00 30.06 ? 116 VAL A C   1 
ATOM   40  O  O   . VAL A 1 7   ? -5.338  1.924   -11.717 1.00 29.08 ? 116 VAL A O   1 
ATOM   41  C  CB  . VAL A 1 7   ? -8.769  2.635   -11.632 1.00 30.37 ? 116 VAL A CB  1 
ATOM   42  C  CG1 . VAL A 1 7   ? -8.606  2.201   -13.120 1.00 31.67 ? 116 VAL A CG1 1 
ATOM   43  C  CG2 . VAL A 1 7   ? -10.041 2.003   -11.057 1.00 29.67 ? 116 VAL A CG2 1 
ATOM   44  N  N   . PRO A 1 8   ? -5.917  4.048   -11.357 1.00 31.05 ? 117 PRO A N   1 
ATOM   45  C  CA  . PRO A 1 8   ? -4.575  4.431   -11.851 1.00 31.89 ? 117 PRO A CA  1 
ATOM   46  C  C   . PRO A 1 8   ? -3.405  3.962   -10.974 1.00 31.15 ? 117 PRO A C   1 
ATOM   47  O  O   . PRO A 1 8   ? -2.298  3.772   -11.477 1.00 30.65 ? 117 PRO A O   1 
ATOM   48  C  CB  . PRO A 1 8   ? -4.637  5.968   -11.878 1.00 32.76 ? 117 PRO A CB  1 
ATOM   49  C  CG  . PRO A 1 8   ? -5.766  6.324   -10.877 1.00 32.11 ? 117 PRO A CG  1 
ATOM   50  C  CD  . PRO A 1 8   ? -6.766  5.222   -11.075 1.00 31.37 ? 117 PRO A CD  1 
ATOM   51  N  N   . ALA A 1 9   ? -3.628  3.799   -9.664  1.00 31.21 ? 118 ALA A N   1 
ATOM   52  C  CA  . ALA A 1 9   ? -2.583  3.297   -8.766  1.00 31.19 ? 118 ALA A CA  1 
ATOM   53  C  C   . ALA A 1 9   ? -2.146  1.907   -9.210  1.00 30.94 ? 118 ALA A C   1 
ATOM   54  O  O   . ALA A 1 9   ? -0.950  1.618   -9.269  1.00 31.32 ? 118 ALA A O   1 
ATOM   55  C  CB  . ALA A 1 9   ? -3.059  3.267   -7.286  1.00 30.80 ? 118 ALA A CB  1 
ATOM   56  N  N   . LEU A 1 10  ? -3.119  1.058   -9.544  1.00 30.86 ? 119 LEU A N   1 
ATOM   57  C  CA  . LEU A 1 10  ? -2.807  -0.287  -10.009 1.00 31.56 ? 119 LEU A CA  1 
ATOM   58  C  C   . LEU A 1 10  ? -1.964  -0.215  -11.278 1.00 32.43 ? 119 LEU A C   1 
ATOM   59  O  O   . LEU A 1 10  ? -1.008  -0.960  -11.396 1.00 32.67 ? 119 LEU A O   1 
ATOM   60  C  CB  . LEU A 1 10  ? -4.059  -1.136  -10.301 1.00 31.39 ? 119 LEU A CB  1 
ATOM   61  C  CG  . LEU A 1 10  ? -4.722  -1.922  -9.170  1.00 31.73 ? 119 LEU A CG  1 
ATOM   62  C  CD1 . LEU A 1 10  ? -6.171  -2.339  -9.617  1.00 27.04 ? 119 LEU A CD1 1 
ATOM   63  C  CD2 . LEU A 1 10  ? -3.813  -3.129  -8.740  1.00 28.14 ? 119 LEU A CD2 1 
ATOM   64  N  N   . VAL A 1 11  ? -2.345  0.656   -12.219 1.00 34.20 ? 120 VAL A N   1 
ATOM   65  C  CA  . VAL A 1 11  ? -1.615  0.801   -13.487 1.00 36.31 ? 120 VAL A CA  1 
ATOM   66  C  C   . VAL A 1 11  ? -0.167  1.256   -13.271 1.00 37.70 ? 120 VAL A C   1 
ATOM   67  O  O   . VAL A 1 11  ? 0.750   0.720   -13.852 1.00 40.22 ? 120 VAL A O   1 
ATOM   68  C  CB  . VAL A 1 11  ? -2.329  1.794   -14.420 1.00 36.85 ? 120 VAL A CB  1 
ATOM   69  C  CG1 . VAL A 1 11  ? -1.466  2.067   -15.654 1.00 37.96 ? 120 VAL A CG1 1 
ATOM   70  C  CG2 . VAL A 1 11  ? -3.638  1.264   -14.838 1.00 34.07 ? 120 VAL A CG2 1 
ATOM   71  N  N   . ALA A 1 12  ? 0.007   2.222   -12.374 1.00 38.51 ? 121 ALA A N   1 
ATOM   72  C  CA  . ALA A 1 12  ? 1.284   2.822   -12.035 1.00 38.79 ? 121 ALA A CA  1 
ATOM   73  C  C   . ALA A 1 12  ? 2.177   1.859   -11.309 1.00 38.31 ? 121 ALA A C   1 
ATOM   74  O  O   . ALA A 1 12  ? 3.384   2.073   -11.247 1.00 37.96 ? 121 ALA A O   1 
ATOM   75  C  CB  . ALA A 1 12  ? 1.042   4.068   -11.094 1.00 39.28 ? 121 ALA A CB  1 
ATOM   76  N  N   . SER A 1 13  ? 1.595   0.799   -10.737 1.00 37.68 ? 122 SER A N   1 
ATOM   77  C  CA  . SER A 1 13  ? 2.312   0.016   -9.709  1.00 37.13 ? 122 SER A CA  1 
ATOM   78  C  C   . SER A 1 13  ? 3.392   -0.906  -10.255 1.00 37.16 ? 122 SER A C   1 
ATOM   79  O  O   . SER A 1 13  ? 4.269   -1.350  -9.516  1.00 36.25 ? 122 SER A O   1 
ATOM   80  C  CB  . SER A 1 13  ? 1.345   -0.850  -8.876  1.00 37.64 ? 122 SER A CB  1 
ATOM   81  O  OG  . SER A 1 13  ? 0.945   -1.988  -9.635  1.00 35.40 ? 122 SER A OG  1 
ATOM   82  N  N   . GLY A 1 14  ? 3.292   -1.237  -11.525 1.00 37.39 ? 123 GLY A N   1 
ATOM   83  C  CA  . GLY A 1 14  ? 4.106   -2.284  -12.070 1.00 38.96 ? 123 GLY A CA  1 
ATOM   84  C  C   . GLY A 1 14  ? 3.955   -3.661  -11.401 1.00 39.63 ? 123 GLY A C   1 
ATOM   85  O  O   . GLY A 1 14  ? 4.856   -4.503  -11.548 1.00 41.52 ? 123 GLY A O   1 
ATOM   86  N  N   . LEU A 1 15  ? 2.845   -3.898  -10.686 1.00 39.20 ? 124 LEU A N   1 
ATOM   87  C  CA  . LEU A 1 15  ? 2.570   -5.188  -10.015 1.00 38.34 ? 124 LEU A CA  1 
ATOM   88  C  C   . LEU A 1 15  ? 1.423   -5.898  -10.756 1.00 37.98 ? 124 LEU A C   1 
ATOM   89  O  O   . LEU A 1 15  ? 0.696   -5.270  -11.523 1.00 37.04 ? 124 LEU A O   1 
ATOM   90  C  CB  . LEU A 1 15  ? 2.256   -4.990  -8.510  1.00 37.44 ? 124 LEU A CB  1 
ATOM   91  C  CG  . LEU A 1 15  ? 3.387   -4.484  -7.601  1.00 36.98 ? 124 LEU A CG  1 
ATOM   92  C  CD1 . LEU A 1 15  ? 2.866   -4.159  -6.180  1.00 33.79 ? 124 LEU A CD1 1 
ATOM   93  C  CD2 . LEU A 1 15  ? 4.507   -5.498  -7.565  1.00 33.89 ? 124 LEU A CD2 1 
ATOM   94  N  N   . PRO A 1 16  ? 1.287   -7.217  -10.573 1.00 38.21 ? 125 PRO A N   1 
ATOM   95  C  CA  . PRO A 1 16  ? 0.169   -7.889  -11.284 1.00 39.24 ? 125 PRO A CA  1 
ATOM   96  C  C   . PRO A 1 16  ? -1.156  -7.226  -10.876 1.00 39.88 ? 125 PRO A C   1 
ATOM   97  O  O   . PRO A 1 16  ? -1.387  -6.951  -9.677  1.00 39.58 ? 125 PRO A O   1 
ATOM   98  C  CB  . PRO A 1 16  ? 0.248   -9.356  -10.815 1.00 38.78 ? 125 PRO A CB  1 
ATOM   99  C  CG  . PRO A 1 16  ? 1.604   -9.501  -10.133 1.00 38.21 ? 125 PRO A CG  1 
ATOM   100 C  CD  . PRO A 1 16  ? 1.992   -8.115  -9.638  1.00 38.64 ? 125 PRO A CD  1 
ATOM   101 N  N   . ASN A 1 17  ? -1.977  -6.894  -11.857 1.00 40.92 ? 126 ASN A N   1 
ATOM   102 C  CA  . ASN A 1 17  ? -3.089  -5.980  -11.581 1.00 42.86 ? 126 ASN A CA  1 
ATOM   103 C  C   . ASN A 1 17  ? -4.387  -6.370  -12.204 1.00 42.88 ? 126 ASN A C   1 
ATOM   104 O  O   . ASN A 1 17  ? -5.347  -5.593  -12.183 1.00 43.41 ? 126 ASN A O   1 
ATOM   105 C  CB  . ASN A 1 17  ? -2.739  -4.555  -12.035 1.00 43.90 ? 126 ASN A CB  1 
ATOM   106 C  CG  . ASN A 1 17  ? -2.376  -4.478  -13.510 1.00 45.24 ? 126 ASN A CG  1 
ATOM   107 O  OD1 . ASN A 1 17  ? -2.777  -5.341  -14.321 1.00 48.95 ? 126 ASN A OD1 1 
ATOM   108 N  ND2 . ASN A 1 17  ? -1.578  -3.461  -13.860 1.00 48.29 ? 126 ASN A ND2 1 
ATOM   109 N  N   . GLU A 1 18  ? -4.428  -7.561  -12.763 1.00 42.85 ? 127 GLU A N   1 
ATOM   110 C  CA  . GLU A 1 18  ? -5.642  -8.013  -13.357 1.00 43.47 ? 127 GLU A CA  1 
ATOM   111 C  C   . GLU A 1 18  ? -6.421  -8.798  -12.305 1.00 42.41 ? 127 GLU A C   1 
ATOM   112 O  O   . GLU A 1 18  ? -7.661  -8.710  -12.275 1.00 42.27 ? 127 GLU A O   1 
ATOM   113 C  CB  . GLU A 1 18  ? -5.350  -8.809  -14.624 1.00 44.33 ? 127 GLU A CB  1 
ATOM   114 C  CG  . GLU A 1 18  ? -4.602  -7.954  -15.692 1.00 47.43 ? 127 GLU A CG  1 
ATOM   115 C  CD  . GLU A 1 18  ? -4.233  -8.750  -16.951 1.00 50.83 ? 127 GLU A CD  1 
ATOM   116 O  OE1 . GLU A 1 18  ? -4.819  -9.839  -17.184 1.00 52.46 ? 127 GLU A OE1 1 
ATOM   117 O  OE2 . GLU A 1 18  ? -3.344  -8.276  -17.701 1.00 55.30 ? 127 GLU A OE2 1 
ATOM   118 N  N   . LYS A 1 19  ? -5.701  -9.526  -11.439 1.00 40.34 ? 128 LYS A N   1 
ATOM   119 C  CA  . LYS A 1 19  ? -6.294  -10.134 -10.255 1.00 38.82 ? 128 LYS A CA  1 
ATOM   120 C  C   . LYS A 1 19  ? -5.813  -9.381  -9.033  1.00 36.92 ? 128 LYS A C   1 
ATOM   121 O  O   . LYS A 1 19  ? -4.594  -9.267  -8.795  1.00 36.78 ? 128 LYS A O   1 
ATOM   122 C  CB  . LYS A 1 19  ? -5.941  -11.602 -10.121 1.00 39.30 ? 128 LYS A CB  1 
ATOM   123 C  CG  . LYS A 1 19  ? -6.514  -12.477 -11.228 1.00 40.61 ? 128 LYS A CG  1 
ATOM   124 C  CD  . LYS A 1 19  ? -7.116  -13.748 -10.649 1.00 44.91 ? 128 LYS A CD  1 
ATOM   125 C  CE  . LYS A 1 19  ? -8.562  -13.514 -10.149 1.00 46.56 ? 128 LYS A CE  1 
ATOM   126 N  NZ  . LYS A 1 19  ? -9.561  -13.470 -11.286 1.00 48.16 ? 128 LYS A NZ  1 
ATOM   127 N  N   . PHE A 1 20  ? -6.770  -8.849  -8.270  1.00 33.85 ? 129 PHE A N   1 
ATOM   128 C  CA  . PHE A 1 20  ? -6.431  -8.021  -7.120  1.00 31.66 ? 129 PHE A CA  1 
ATOM   129 C  C   . PHE A 1 20  ? -7.560  -7.970  -6.114  1.00 31.63 ? 129 PHE A C   1 
ATOM   130 O  O   . PHE A 1 20  ? -8.736  -8.208  -6.456  1.00 30.26 ? 129 PHE A O   1 
ATOM   131 C  CB  . PHE A 1 20  ? -5.994  -6.610  -7.535  1.00 30.94 ? 129 PHE A CB  1 
ATOM   132 C  CG  . PHE A 1 20  ? -7.091  -5.745  -8.099  1.00 29.18 ? 129 PHE A CG  1 
ATOM   133 C  CD1 . PHE A 1 20  ? -7.891  -4.970  -7.267  1.00 30.44 ? 129 PHE A CD1 1 
ATOM   134 C  CD2 . PHE A 1 20  ? -7.316  -5.697  -9.453  1.00 28.43 ? 129 PHE A CD2 1 
ATOM   135 C  CE1 . PHE A 1 20  ? -8.913  -4.177  -7.781  1.00 29.66 ? 129 PHE A CE1 1 
ATOM   136 C  CE2 . PHE A 1 20  ? -8.340  -4.933  -9.972  1.00 29.79 ? 129 PHE A CE2 1 
ATOM   137 C  CZ  . PHE A 1 20  ? -9.157  -4.176  -9.144  1.00 28.18 ? 129 PHE A CZ  1 
ATOM   138 N  N   . CYS A 1 21  ? -7.169  -7.669  -4.882  1.00 30.92 ? 130 CYS A N   1 
ATOM   139 C  CA  . CYS A 1 21  ? -8.067  -7.553  -3.767  1.00 31.72 ? 130 CYS A CA  1 
ATOM   140 C  C   . CYS A 1 21  ? -8.144  -6.123  -3.303  1.00 30.91 ? 130 CYS A C   1 
ATOM   141 O  O   . CYS A 1 21  ? -7.188  -5.594  -2.728  1.00 31.15 ? 130 CYS A O   1 
ATOM   142 C  CB  . CYS A 1 21  ? -7.555  -8.407  -2.627  1.00 32.05 ? 130 CYS A CB  1 
ATOM   143 S  SG  . CYS A 1 21  ? -7.491  -10.132 -3.095  1.00 36.39 ? 130 CYS A SG  1 
ATOM   144 N  N   . PHE A 1 22  ? -9.283  -5.491  -3.543  1.00 30.77 ? 131 PHE A N   1 
ATOM   145 C  CA  . PHE A 1 22  ? -9.500  -4.188  -2.960  1.00 30.18 ? 131 PHE A CA  1 
ATOM   146 C  C   . PHE A 1 22  ? -9.775  -4.433  -1.488  1.00 30.40 ? 131 PHE A C   1 
ATOM   147 O  O   . PHE A 1 22  ? -10.717 -5.133  -1.151  1.00 29.60 ? 131 PHE A O   1 
ATOM   148 C  CB  . PHE A 1 22  ? -10.656 -3.433  -3.616  1.00 29.32 ? 131 PHE A CB  1 
ATOM   149 C  CG  . PHE A 1 22  ? -10.915 -2.115  -2.971  1.00 28.19 ? 131 PHE A CG  1 
ATOM   150 C  CD1 . PHE A 1 22  ? -10.063 -1.044  -3.216  1.00 29.78 ? 131 PHE A CD1 1 
ATOM   151 C  CD2 . PHE A 1 22  ? -11.930 -1.965  -2.029  1.00 28.28 ? 131 PHE A CD2 1 
ATOM   152 C  CE1 . PHE A 1 22  ? -10.261 0.203   -2.569  1.00 28.05 ? 131 PHE A CE1 1 
ATOM   153 C  CE2 . PHE A 1 22  ? -12.145 -0.745  -1.400  1.00 28.65 ? 131 PHE A CE2 1 
ATOM   154 C  CZ  . PHE A 1 22  ? -11.294 0.339   -1.669  1.00 28.94 ? 131 PHE A CZ  1 
ATOM   155 N  N   . GLU A 1 23  ? -8.930  -3.869  -0.621  1.00 30.95 ? 132 GLU A N   1 
ATOM   156 C  CA  . GLU A 1 23  ? -9.117  -4.009  0.830   1.00 32.20 ? 132 GLU A CA  1 
ATOM   157 C  C   . GLU A 1 23  ? -9.630  -2.721  1.495   1.00 33.31 ? 132 GLU A C   1 
ATOM   158 O  O   . GLU A 1 23  ? -10.205 -2.757  2.580   1.00 33.76 ? 132 GLU A O   1 
ATOM   159 C  CB  . GLU A 1 23  ? -7.800  -4.410  1.477   1.00 32.90 ? 132 GLU A CB  1 
ATOM   160 C  CG  . GLU A 1 23  ? -7.098  -5.603  0.849   1.00 33.44 ? 132 GLU A CG  1 
ATOM   161 C  CD  . GLU A 1 23  ? -7.765  -6.936  1.135   1.00 34.30 ? 132 GLU A CD  1 
ATOM   162 O  OE1 . GLU A 1 23  ? -8.654  -7.047  2.013   1.00 31.89 ? 132 GLU A OE1 1 
ATOM   163 O  OE2 . GLU A 1 23  ? -7.363  -7.897  0.473   1.00 37.55 ? 132 GLU A OE2 1 
ATOM   164 N  N   . GLY A 1 24  ? -9.447  -1.573  0.845   1.00 34.82 ? 133 GLY A N   1 
ATOM   165 C  CA  . GLY A 1 24  ? -9.928  -0.292  1.394   1.00 34.59 ? 133 GLY A CA  1 
ATOM   166 C  C   . GLY A 1 24  ? -9.020  0.190   2.512   1.00 34.21 ? 133 GLY A C   1 
ATOM   167 O  O   . GLY A 1 24  ? -7.815  0.139   2.402   1.00 33.72 ? 133 GLY A O   1 
ATOM   168 N  N   . PHE A 1 25  ? -9.617  0.627   3.605   1.00 34.16 ? 134 PHE A N   1 
ATOM   169 C  CA  . PHE A 1 25  ? -8.897  1.137   4.752   1.00 34.51 ? 134 PHE A CA  1 
ATOM   170 C  C   . PHE A 1 25  ? -8.759  0.033   5.755   1.00 34.10 ? 134 PHE A C   1 
ATOM   171 O  O   . PHE A 1 25  ? -9.724  -0.682  6.030   1.00 34.24 ? 134 PHE A O   1 
ATOM   172 C  CB  . PHE A 1 25  ? -9.717  2.245   5.386   1.00 35.14 ? 134 PHE A CB  1 
ATOM   173 C  CG  . PHE A 1 25  ? -9.815  3.466   4.523   1.00 38.38 ? 134 PHE A CG  1 
ATOM   174 C  CD1 . PHE A 1 25  ? -8.795  4.432   4.551   1.00 42.81 ? 134 PHE A CD1 1 
ATOM   175 C  CD2 . PHE A 1 25  ? -10.889 3.652   3.681   1.00 41.08 ? 134 PHE A CD2 1 
ATOM   176 C  CE1 . PHE A 1 25  ? -8.868  5.559   3.757   1.00 42.48 ? 134 PHE A CE1 1 
ATOM   177 C  CE2 . PHE A 1 25  ? -10.972 4.784   2.887   1.00 42.64 ? 134 PHE A CE2 1 
ATOM   178 C  CZ  . PHE A 1 25  ? -9.948  5.731   2.921   1.00 42.10 ? 134 PHE A CZ  1 
ATOM   179 N  N   . LEU A 1 26  ? -7.574  -0.112  6.317   1.00 33.52 ? 135 LEU A N   1 
ATOM   180 C  CA  . LEU A 1 26  ? -7.373  -1.003  7.456   1.00 33.59 ? 135 LEU A CA  1 
ATOM   181 C  C   . LEU A 1 26  ? -8.137  -0.514  8.663   1.00 34.23 ? 135 LEU A C   1 
ATOM   182 O  O   . LEU A 1 26  ? -8.343  0.700   8.868   1.00 35.25 ? 135 LEU A O   1 
ATOM   183 C  CB  . LEU A 1 26  ? -5.914  -1.043  7.836   1.00 33.68 ? 135 LEU A CB  1 
ATOM   184 C  CG  . LEU A 1 26  ? -4.983  -1.966  7.084   1.00 33.20 ? 135 LEU A CG  1 
ATOM   185 C  CD1 . LEU A 1 26  ? -3.573  -1.420  7.365   1.00 36.20 ? 135 LEU A CD1 1 
ATOM   186 C  CD2 . LEU A 1 26  ? -5.109  -3.387  7.642   1.00 32.50 ? 135 LEU A CD2 1 
ATOM   187 N  N   . PRO A 1 27  ? -8.583  -1.448  9.481   1.00 34.57 ? 136 PRO A N   1 
ATOM   188 C  CA  . PRO A 1 27  ? -9.085  -1.057  10.763  1.00 35.09 ? 136 PRO A CA  1 
ATOM   189 C  C   . PRO A 1 27  ? -8.017  -0.283  11.516  1.00 36.30 ? 136 PRO A C   1 
ATOM   190 O  O   . PRO A 1 27  ? -6.850  -0.654  11.468  1.00 35.21 ? 136 PRO A O   1 
ATOM   191 C  CB  . PRO A 1 27  ? -9.348  -2.391  11.445  1.00 35.50 ? 136 PRO A CB  1 
ATOM   192 C  CG  . PRO A 1 27  ? -9.561  -3.351  10.336  1.00 34.58 ? 136 PRO A CG  1 
ATOM   193 C  CD  . PRO A 1 27  ? -8.659  -2.895  9.253   1.00 34.91 ? 136 PRO A CD  1 
ATOM   194 N  N   . GLN A 1 28  ? -8.409  0.797   12.181  1.00 37.73 ? 137 GLN A N   1 
ATOM   195 C  CA  . GLN A 1 28  ? -7.464  1.628   12.923  1.00 39.52 ? 137 GLN A CA  1 
ATOM   196 C  C   . GLN A 1 28  ? -7.052  0.970   14.218  1.00 39.81 ? 137 GLN A C   1 
ATOM   197 O  O   . GLN A 1 28  ? -5.931  1.182   14.695  1.00 39.69 ? 137 GLN A O   1 
ATOM   198 C  CB  . GLN A 1 28  ? -8.072  3.004   13.239  1.00 39.99 ? 137 GLN A CB  1 
ATOM   199 C  CG  . GLN A 1 28  ? -8.182  3.923   12.035  1.00 43.53 ? 137 GLN A CG  1 
ATOM   200 C  CD  . GLN A 1 28  ? -6.815  4.452   11.570  1.00 48.49 ? 137 GLN A CD  1 
ATOM   201 O  OE1 . GLN A 1 28  ? -6.207  5.294   12.256  1.00 52.84 ? 137 GLN A OE1 1 
ATOM   202 N  NE2 . GLN A 1 28  ? -6.335  3.977   10.397  1.00 50.52 ? 137 GLN A NE2 1 
ATOM   203 N  N   . LYS A 1 29  ? -7.978  0.199   14.801  1.00 40.61 ? 138 LYS A N   1 
ATOM   204 C  CA  . LYS A 1 29  ? -7.782  -0.401  16.125  1.00 41.09 ? 138 LYS A CA  1 
ATOM   205 C  C   . LYS A 1 29  ? -8.383  -1.815  16.136  1.00 40.45 ? 138 LYS A C   1 
ATOM   206 O  O   . LYS A 1 29  ? -7.850  -2.727  15.498  1.00 39.95 ? 138 LYS A O   1 
ATOM   207 C  CB  . LYS A 1 29  ? -8.372  0.507   17.237  1.00 41.96 ? 138 LYS A CB  1 
ATOM   208 C  CG  . LYS A 1 29  ? -7.766  1.954   17.338  1.00 45.16 ? 138 LYS A CG  1 
ATOM   209 C  CD  . LYS A 1 29  ? -8.751  3.007   17.990  1.00 49.12 ? 138 LYS A CD  1 
ATOM   210 C  CE  . LYS A 1 29  ? -9.016  4.263   17.069  1.00 51.23 ? 138 LYS A CE  1 
ATOM   211 N  NZ  . LYS A 1 29  ? -10.210 4.163   16.111  1.00 51.93 ? 138 LYS A NZ  1 
ATOM   212 N  N   . LYS A 1 30  ? -9.493  -2.012  16.841  1.00 39.88 ? 139 LYS A N   1 
ATOM   213 C  CA  . LYS A 1 30  ? -10.141 -3.320  16.852  1.00 39.77 ? 139 LYS A CA  1 
ATOM   214 C  C   . LYS A 1 30  ? -10.247 -3.884  15.422  1.00 38.48 ? 139 LYS A C   1 
ATOM   215 O  O   . LYS A 1 30  ? -10.619 -3.162  14.484  1.00 37.97 ? 139 LYS A O   1 
ATOM   216 C  CB  . LYS A 1 30  ? -11.519 -3.247  17.550  1.00 40.32 ? 139 LYS A CB  1 
ATOM   217 C  CG  . LYS A 1 30  ? -11.646 -4.126  18.820  1.00 42.94 ? 139 LYS A CG  1 
ATOM   218 C  CD  . LYS A 1 30  ? -12.479 -5.434  18.593  1.00 46.75 ? 139 LYS A CD  1 
ATOM   219 C  CE  . LYS A 1 30  ? -12.348 -5.997  17.128  1.00 49.01 ? 139 LYS A CE  1 
ATOM   220 N  NZ  . LYS A 1 30  ? -12.532 -7.484  16.954  1.00 50.93 ? 139 LYS A NZ  1 
ATOM   221 N  N   . GLY A 1 31  ? -9.856  -5.151  15.272  1.00 37.13 ? 140 GLY A N   1 
ATOM   222 C  CA  . GLY A 1 31  ? -9.942  -5.867  14.004  1.00 36.13 ? 140 GLY A CA  1 
ATOM   223 C  C   . GLY A 1 31  ? -8.714  -5.737  13.114  1.00 35.68 ? 140 GLY A C   1 
ATOM   224 O  O   . GLY A 1 31  ? -8.632  -6.418  12.100  1.00 36.26 ? 140 GLY A O   1 
ATOM   225 N  N   . ARG A 1 32  ? -7.755  -4.886  13.485  1.00 34.49 ? 141 ARG A N   1 
ATOM   226 C  CA  . ARG A 1 32  ? -6.622  -4.555  12.594  1.00 33.72 ? 141 ARG A CA  1 
ATOM   227 C  C   . ARG A 1 32  ? -5.591  -5.645  12.456  1.00 33.16 ? 141 ARG A C   1 
ATOM   228 O  O   . ARG A 1 32  ? -5.202  -5.991  11.340  1.00 31.68 ? 141 ARG A O   1 
ATOM   229 C  CB  . ARG A 1 32  ? -5.921  -3.316  13.091  1.00 33.41 ? 141 ARG A CB  1 
ATOM   230 C  CG  . ARG A 1 32  ? -4.762  -2.893  12.226  1.00 33.36 ? 141 ARG A CG  1 
ATOM   231 C  CD  . ARG A 1 32  ? -4.106  -1.715  12.885  1.00 32.83 ? 141 ARG A CD  1 
ATOM   232 N  NE  . ARG A 1 32  ? -3.044  -1.170  12.065  1.00 32.43 ? 141 ARG A NE  1 
ATOM   233 C  CZ  . ARG A 1 32  ? -3.175  -0.228  11.139  1.00 32.98 ? 141 ARG A CZ  1 
ATOM   234 N  NH1 . ARG A 1 32  ? -4.340  0.317   10.869  1.00 30.79 ? 141 ARG A NH1 1 
ATOM   235 N  NH2 . ARG A 1 32  ? -2.094  0.177   10.475  1.00 35.57 ? 141 ARG A NH2 1 
HETATM 236 N  N   . MSE A 1 33  ? -5.117  -6.140  13.603  1.00 33.74 ? 142 MSE A N   1 
HETATM 237 C  CA  . MSE A 1 33  ? -4.182  -7.269  13.624  1.00 34.41 ? 142 MSE A CA  1 
HETATM 238 C  C   . MSE A 1 33  ? -4.829  -8.488  12.978  1.00 34.31 ? 142 MSE A C   1 
HETATM 239 O  O   . MSE A 1 33  ? -4.197  -9.165  12.163  1.00 34.08 ? 142 MSE A O   1 
HETATM 240 C  CB  . MSE A 1 33  ? -3.701  -7.596  15.030  1.00 35.01 ? 142 MSE A CB  1 
HETATM 241 C  CG  . MSE A 1 33  ? -3.062  -6.400  15.738  1.00 38.10 ? 142 MSE A CG  1 
HETATM 242 SE SE  . MSE A 1 33  ? -1.789  -5.303  14.681  0.55 47.99 ? 142 MSE A SE  1 
HETATM 243 C  CE  . MSE A 1 33  ? -0.019  -6.100  15.139  1.00 42.73 ? 142 MSE A CE  1 
ATOM   244 N  N   . THR A 1 34  ? -6.102  -8.736  13.282  1.00 33.93 ? 143 THR A N   1 
ATOM   245 C  CA  . THR A 1 34  ? -6.829  -9.806  12.609  1.00 33.68 ? 143 THR A CA  1 
ATOM   246 C  C   . THR A 1 34  ? -6.827  -9.669  11.093  1.00 33.77 ? 143 THR A C   1 
ATOM   247 O  O   . THR A 1 34  ? -6.478  -10.607 10.404  1.00 34.34 ? 143 THR A O   1 
ATOM   248 C  CB  . THR A 1 34  ? -8.259  -9.852  13.071  1.00 33.91 ? 143 THR A CB  1 
ATOM   249 O  OG1 . THR A 1 34  ? -8.261  -9.951  14.499  1.00 33.79 ? 143 THR A OG1 1 
ATOM   250 C  CG2 . THR A 1 34  ? -8.985  -11.064 12.441  1.00 33.60 ? 143 THR A CG2 1 
ATOM   251 N  N   . LYS A 1 35  ? -7.221  -8.513  10.572  1.00 33.30 ? 144 LYS A N   1 
ATOM   252 C  CA  . LYS A 1 35  ? -7.157  -8.291  9.148   1.00 33.74 ? 144 LYS A CA  1 
ATOM   253 C  C   . LYS A 1 35  ? -5.752  -8.542  8.610   1.00 33.44 ? 144 LYS A C   1 
ATOM   254 O  O   . LYS A 1 35  ? -5.604  -9.163  7.572   1.00 33.78 ? 144 LYS A O   1 
ATOM   255 C  CB  . LYS A 1 35  ? -7.572  -6.863  8.790   1.00 34.16 ? 144 LYS A CB  1 
ATOM   256 C  CG  . LYS A 1 35  ? -7.633  -6.606  7.294   1.00 34.69 ? 144 LYS A CG  1 
ATOM   257 C  CD  . LYS A 1 35  ? -8.824  -7.311  6.621   1.00 37.50 ? 144 LYS A CD  1 
ATOM   258 C  CE  . LYS A 1 35  ? -8.605  -7.504  5.121   1.00 38.77 ? 144 LYS A CE  1 
ATOM   259 N  NZ  . LYS A 1 35  ? -9.860  -7.734  4.356   1.00 39.43 ? 144 LYS A NZ  1 
ATOM   260 N  N   . LEU A 1 36  ? -4.721  -8.049  9.291   1.00 33.31 ? 145 LEU A N   1 
ATOM   261 C  CA  . LEU A 1 36  ? -3.341  -8.173  8.766   1.00 33.20 ? 145 LEU A CA  1 
ATOM   262 C  C   . LEU A 1 36  ? -2.944  -9.635  8.717   1.00 33.27 ? 145 LEU A C   1 
ATOM   263 O  O   . LEU A 1 36  ? -2.452  -10.157 7.696   1.00 32.50 ? 145 LEU A O   1 
ATOM   264 C  CB  . LEU A 1 36  ? -2.356  -7.411  9.654   1.00 33.24 ? 145 LEU A CB  1 
ATOM   265 C  CG  . LEU A 1 36  ? -2.257  -5.882  9.528   1.00 33.71 ? 145 LEU A CG  1 
ATOM   266 C  CD1 . LEU A 1 36  ? -1.242  -5.324  10.529  1.00 30.38 ? 145 LEU A CD1 1 
ATOM   267 C  CD2 . LEU A 1 36  ? -1.866  -5.490  8.122   1.00 35.20 ? 145 LEU A CD2 1 
ATOM   268 N  N   . LYS A 1 37  ? -3.174  -10.276 9.856   1.00 33.91 ? 146 LYS A N   1 
ATOM   269 C  CA  . LYS A 1 37  ? -2.933  -11.693 10.037  1.00 34.93 ? 146 LYS A CA  1 
ATOM   270 C  C   . LYS A 1 37  ? -3.640  -12.452 8.919   1.00 34.53 ? 146 LYS A C   1 
ATOM   271 O  O   . LYS A 1 37  ? -3.092  -13.413 8.366   1.00 35.20 ? 146 LYS A O   1 
ATOM   272 C  CB  . LYS A 1 37  ? -3.493  -12.140 11.394  1.00 35.44 ? 146 LYS A CB  1 
ATOM   273 C  CG  . LYS A 1 37  ? -2.689  -13.182 12.180  1.00 38.85 ? 146 LYS A CG  1 
ATOM   274 C  CD  . LYS A 1 37  ? -3.570  -13.710 13.361  1.00 42.37 ? 146 LYS A CD  1 
ATOM   275 C  CE  . LYS A 1 37  ? -3.082  -15.043 13.964  1.00 44.44 ? 146 LYS A CE  1 
ATOM   276 N  NZ  . LYS A 1 37  ? -4.231  -15.887 14.483  1.00 44.52 ? 146 LYS A NZ  1 
ATOM   277 N  N   . SER A 1 38  ? -4.852  -12.004 8.574   1.00 34.01 ? 147 SER A N   1 
ATOM   278 C  CA  . SER A 1 38  ? -5.676  -12.697 7.575   1.00 33.13 ? 147 SER A CA  1 
ATOM   279 C  C   . SER A 1 38  ? -5.071  -12.618 6.162   1.00 33.11 ? 147 SER A C   1 
ATOM   280 O  O   . SER A 1 38  ? -5.299  -13.519 5.337   1.00 33.40 ? 147 SER A O   1 
ATOM   281 C  CB  . SER A 1 38  ? -7.125  -12.171 7.586   1.00 33.27 ? 147 SER A CB  1 
ATOM   282 O  OG  . SER A 1 38  ? -7.390  -11.244 6.548   1.00 32.36 ? 147 SER A OG  1 
ATOM   283 N  N   . LEU A 1 39  ? -4.269  -11.586 5.884   1.00 31.99 ? 148 LEU A N   1 
ATOM   284 C  CA  . LEU A 1 39  ? -3.772  -11.378 4.505   1.00 31.64 ? 148 LEU A CA  1 
ATOM   285 C  C   . LEU A 1 39  ? -2.423  -12.043 4.204   1.00 31.49 ? 148 LEU A C   1 
ATOM   286 O  O   . LEU A 1 39  ? -1.900  -11.976 3.062   1.00 30.89 ? 148 LEU A O   1 
ATOM   287 C  CB  . LEU A 1 39  ? -3.688  -9.896  4.213   1.00 31.08 ? 148 LEU A CB  1 
ATOM   288 C  CG  . LEU A 1 39  ? -5.039  -9.218  4.144   1.00 31.25 ? 148 LEU A CG  1 
ATOM   289 C  CD1 . LEU A 1 39  ? -4.782  -7.710  4.120   1.00 29.86 ? 148 LEU A CD1 1 
ATOM   290 C  CD2 . LEU A 1 39  ? -5.881  -9.717  2.926   1.00 30.07 ? 148 LEU A CD2 1 
ATOM   291 N  N   . VAL A 1 40  ? -1.881  -12.707 5.223   1.00 32.00 ? 149 VAL A N   1 
ATOM   292 C  CA  . VAL A 1 40  ? -0.514  -13.248 5.168   1.00 32.07 ? 149 VAL A CA  1 
ATOM   293 C  C   . VAL A 1 40  ? -0.254  -14.254 4.027   1.00 32.18 ? 149 VAL A C   1 
ATOM   294 O  O   . VAL A 1 40  ? 0.843   -14.247 3.468   1.00 32.76 ? 149 VAL A O   1 
ATOM   295 C  CB  . VAL A 1 40  ? -0.092  -13.776 6.560   1.00 31.81 ? 149 VAL A CB  1 
ATOM   296 C  CG1 . VAL A 1 40  ? 0.958   -14.844 6.433   1.00 32.26 ? 149 VAL A CG1 1 
ATOM   297 C  CG2 . VAL A 1 40  ? 0.385   -12.584 7.414   1.00 29.47 ? 149 VAL A CG2 1 
ATOM   298 N  N   . ASP A 1 41  ? -1.267  -15.048 3.650   1.00 32.00 ? 150 ASP A N   1 
ATOM   299 C  CA  A ASP A 1 41  ? -1.144  -16.067 2.600   0.50 32.26 ? 150 ASP A CA  1 
ATOM   300 C  CA  B ASP A 1 41  ? -1.111  -16.052 2.570   0.50 32.17 ? 150 ASP A CA  1 
ATOM   301 C  C   . ASP A 1 41  ? -1.809  -15.642 1.273   1.00 32.12 ? 150 ASP A C   1 
ATOM   302 O  O   . ASP A 1 41  ? -2.011  -16.458 0.376   1.00 31.97 ? 150 ASP A O   1 
ATOM   303 C  CB  A ASP A 1 41  ? -1.707  -17.412 3.118   0.50 32.52 ? 150 ASP A CB  1 
ATOM   304 C  CB  B ASP A 1 41  ? -1.602  -17.443 3.014   0.50 32.40 ? 150 ASP A CB  1 
ATOM   305 C  CG  A ASP A 1 41  ? -2.588  -17.242 4.371   0.50 33.43 ? 150 ASP A CG  1 
ATOM   306 C  CG  B ASP A 1 41  ? -0.511  -18.265 3.664   0.50 32.82 ? 150 ASP A CG  1 
ATOM   307 O  OD1 A ASP A 1 41  ? -2.633  -18.177 5.208   0.50 34.21 ? 150 ASP A OD1 1 
ATOM   308 O  OD1 B ASP A 1 41  ? 0.668   -18.165 3.227   0.50 32.73 ? 150 ASP A OD1 1 
ATOM   309 O  OD2 A ASP A 1 41  ? -3.229  -16.162 4.511   0.50 32.84 ? 150 ASP A OD2 1 
ATOM   310 O  OD2 B ASP A 1 41  ? -0.841  -19.018 4.609   0.50 34.38 ? 150 ASP A OD2 1 
ATOM   311 N  N   . GLU A 1 42  ? -2.129  -14.355 1.145   1.00 32.25 ? 151 GLU A N   1 
ATOM   312 C  CA  . GLU A 1 42  ? -2.802  -13.840 -0.042  1.00 31.28 ? 151 GLU A CA  1 
ATOM   313 C  C   . GLU A 1 42  ? -1.803  -13.777 -1.184  1.00 31.02 ? 151 GLU A C   1 
ATOM   314 O  O   . GLU A 1 42  ? -0.786  -13.092 -1.068  1.00 30.44 ? 151 GLU A O   1 
ATOM   315 C  CB  . GLU A 1 42  ? -3.380  -12.451 0.260   1.00 31.35 ? 151 GLU A CB  1 
ATOM   316 C  CG  . GLU A 1 42  ? -4.197  -11.815 -0.869  1.00 30.07 ? 151 GLU A CG  1 
ATOM   317 C  CD  . GLU A 1 42  ? -5.234  -12.771 -1.486  1.00 27.73 ? 151 GLU A CD  1 
ATOM   318 O  OE1 . GLU A 1 42  ? -6.210  -13.168 -0.806  1.00 26.13 ? 151 GLU A OE1 1 
ATOM   319 O  OE2 . GLU A 1 42  ? -5.066  -13.112 -2.672  1.00 26.47 ? 151 GLU A OE2 1 
ATOM   320 N  N   . HIS A 1 43  ? -2.080  -14.487 -2.274  1.00 30.25 ? 152 HIS A N   1 
ATOM   321 C  CA  . HIS A 1 43  ? -1.192  -14.471 -3.434  1.00 31.20 ? 152 HIS A CA  1 
ATOM   322 C  C   . HIS A 1 43  ? -1.504  -13.340 -4.433  1.00 30.41 ? 152 HIS A C   1 
ATOM   323 O  O   . HIS A 1 43  ? -0.689  -13.039 -5.289  1.00 30.16 ? 152 HIS A O   1 
ATOM   324 C  CB  . HIS A 1 43  ? -1.197  -15.819 -4.157  1.00 32.19 ? 152 HIS A CB  1 
ATOM   325 C  CG  . HIS A 1 43  ? -0.629  -16.958 -3.346  1.00 35.96 ? 152 HIS A CG  1 
ATOM   326 N  ND1 . HIS A 1 43  ? -1.152  -17.355 -2.125  1.00 39.93 ? 152 HIS A ND1 1 
ATOM   327 C  CD2 . HIS A 1 43  ? 0.398   -17.811 -3.603  1.00 39.38 ? 152 HIS A CD2 1 
ATOM   328 C  CE1 . HIS A 1 43  ? -0.469  -18.393 -1.664  1.00 40.57 ? 152 HIS A CE1 1 
ATOM   329 N  NE2 . HIS A 1 43  ? 0.476   -18.691 -2.540  1.00 40.73 ? 152 HIS A NE2 1 
ATOM   330 N  N   . ARG A 1 44  ? -2.681  -12.721 -4.341  1.00 30.72 ? 153 ARG A N   1 
ATOM   331 C  CA  A ARG A 1 44  ? -3.063  -11.632 -5.257  0.50 30.31 ? 153 ARG A CA  1 
ATOM   332 C  CA  B ARG A 1 44  ? -3.041  -11.637 -5.259  0.50 30.48 ? 153 ARG A CA  1 
ATOM   333 C  C   . ARG A 1 44  ? -2.532  -10.294 -4.722  1.00 29.65 ? 153 ARG A C   1 
ATOM   334 O  O   . ARG A 1 44  ? -2.376  -10.130 -3.534  1.00 28.40 ? 153 ARG A O   1 
ATOM   335 C  CB  A ARG A 1 44  ? -4.593  -11.533 -5.424  0.50 30.65 ? 153 ARG A CB  1 
ATOM   336 C  CB  B ARG A 1 44  ? -4.560  -11.608 -5.482  0.50 30.98 ? 153 ARG A CB  1 
ATOM   337 C  CG  A ARG A 1 44  ? -5.319  -12.782 -6.003  0.50 31.59 ? 153 ARG A CG  1 
ATOM   338 C  CG  B ARG A 1 44  ? -5.115  -12.952 -5.997  0.50 32.55 ? 153 ARG A CG  1 
ATOM   339 C  CD  A ARG A 1 44  ? -6.809  -12.746 -5.584  0.50 33.53 ? 153 ARG A CD  1 
ATOM   340 C  CD  B ARG A 1 44  ? -6.636  -12.957 -6.154  0.50 35.45 ? 153 ARG A CD  1 
ATOM   341 N  NE  A ARG A 1 44  ? -7.656  -13.853 -6.072  0.50 34.11 ? 153 ARG A NE  1 
ATOM   342 N  NE  B ARG A 1 44  ? -7.379  -13.158 -4.896  0.50 37.26 ? 153 ARG A NE  1 
ATOM   343 C  CZ  A ARG A 1 44  ? -8.803  -13.673 -6.705  0.50 33.53 ? 153 ARG A CZ  1 
ATOM   344 C  CZ  B ARG A 1 44  ? -7.284  -14.225 -4.102  0.50 36.67 ? 153 ARG A CZ  1 
ATOM   345 N  NH1 A ARG A 1 44  ? -9.242  -12.444 -6.923  0.50 33.32 ? 153 ARG A NH1 1 
ATOM   346 N  NH1 B ARG A 1 44  ? -6.457  -15.222 -4.399  0.50 37.44 ? 153 ARG A NH1 1 
ATOM   347 N  NH2 A ARG A 1 44  ? -9.504  -14.717 -7.120  0.50 35.21 ? 153 ARG A NH2 1 
ATOM   348 N  NH2 B ARG A 1 44  ? -8.008  -14.276 -2.993  0.50 36.26 ? 153 ARG A NH2 1 
ATOM   349 N  N   . THR A 1 45  ? -2.280  -9.348  -5.638  1.00 29.04 ? 154 THR A N   1 
ATOM   350 C  CA  . THR A 1 45  ? -2.024  -7.944  -5.302  1.00 28.47 ? 154 THR A CA  1 
ATOM   351 C  C   . THR A 1 45  ? -3.175  -7.440  -4.430  1.00 27.16 ? 154 THR A C   1 
ATOM   352 O  O   . THR A 1 45  ? -4.311  -7.773  -4.659  1.00 27.55 ? 154 THR A O   1 
ATOM   353 C  CB  . THR A 1 45  ? -1.940  -7.101  -6.573  1.00 28.42 ? 154 THR A CB  1 
ATOM   354 O  OG1 . THR A 1 45  ? -0.873  -7.616  -7.376  1.00 27.67 ? 154 THR A OG1 1 
ATOM   355 C  CG2 . THR A 1 45  ? -1.699  -5.620  -6.260  1.00 26.87 ? 154 THR A CG2 1 
HETATM 356 N  N   . MSE A 1 46  ? -2.852  -6.654  -3.418  1.00 26.58 ? 155 MSE A N   1 
HETATM 357 C  CA  . MSE A 1 46  ? -3.820  -6.089  -2.493  1.00 26.06 ? 155 MSE A CA  1 
HETATM 358 C  C   . MSE A 1 46  ? -3.790  -4.602  -2.680  1.00 26.48 ? 155 MSE A C   1 
HETATM 359 O  O   . MSE A 1 46  ? -2.715  -4.024  -2.880  1.00 26.71 ? 155 MSE A O   1 
HETATM 360 C  CB  . MSE A 1 46  ? -3.433  -6.449  -1.076  1.00 24.94 ? 155 MSE A CB  1 
HETATM 361 C  CG  . MSE A 1 46  ? -3.689  -7.930  -0.841  1.00 25.18 ? 155 MSE A CG  1 
HETATM 362 SE SE  . MSE A 1 46  ? -2.711  -8.617  0.590   0.55 24.17 ? 155 MSE A SE  1 
HETATM 363 C  CE  . MSE A 1 46  ? -0.965  -8.668  -0.312  1.00 25.48 ? 155 MSE A CE  1 
ATOM   364 N  N   . VAL A 1 47  ? -4.955  -3.979  -2.600  1.00 27.24 ? 156 VAL A N   1 
ATOM   365 C  CA  . VAL A 1 47  ? -5.032  -2.531  -2.728  1.00 28.16 ? 156 VAL A CA  1 
ATOM   366 C  C   . VAL A 1 47  ? -5.709  -1.975  -1.497  1.00 28.19 ? 156 VAL A C   1 
ATOM   367 O  O   . VAL A 1 47  ? -6.793  -2.451  -1.080  1.00 29.10 ? 156 VAL A O   1 
ATOM   368 C  CB  . VAL A 1 47  ? -5.826  -2.089  -3.986  1.00 29.17 ? 156 VAL A CB  1 
ATOM   369 C  CG1 . VAL A 1 47  ? -5.881  -0.524  -4.039  1.00 29.13 ? 156 VAL A CG1 1 
ATOM   370 C  CG2 . VAL A 1 47  ? -5.198  -2.744  -5.252  1.00 27.73 ? 156 VAL A CG2 1 
ATOM   371 N  N   . PHE A 1 48  ? -5.038  -0.994  -0.901  1.00 27.81 ? 157 PHE A N   1 
ATOM   372 C  CA  . PHE A 1 48  ? -5.512  -0.308  0.313   1.00 28.08 ? 157 PHE A CA  1 
ATOM   373 C  C   . PHE A 1 48  ? -5.484  1.204   0.076   1.00 28.58 ? 157 PHE A C   1 
ATOM   374 O  O   . PHE A 1 48  ? -4.681  1.704   -0.717  1.00 27.02 ? 157 PHE A O   1 
ATOM   375 C  CB  . PHE A 1 48  ? -4.562  -0.549  1.490   1.00 28.29 ? 157 PHE A CB  1 
ATOM   376 C  CG  . PHE A 1 48  ? -4.260  -2.006  1.778   1.00 28.07 ? 157 PHE A CG  1 
ATOM   377 C  CD1 . PHE A 1 48  ? -4.979  -2.701  2.742   1.00 28.27 ? 157 PHE A CD1 1 
ATOM   378 C  CD2 . PHE A 1 48  ? -3.219  -2.639  1.127   1.00 28.66 ? 157 PHE A CD2 1 
ATOM   379 C  CE1 . PHE A 1 48  ? -4.671  -4.039  3.015   1.00 30.62 ? 157 PHE A CE1 1 
ATOM   380 C  CE2 . PHE A 1 48  ? -2.903  -3.964  1.385   1.00 29.75 ? 157 PHE A CE2 1 
ATOM   381 C  CZ  . PHE A 1 48  ? -3.632  -4.665  2.323   1.00 30.36 ? 157 PHE A CZ  1 
ATOM   382 N  N   . TYR A 1 49  ? -6.334  1.911   0.821   1.00 29.83 ? 158 TYR A N   1 
ATOM   383 C  CA  . TYR A 1 49  ? -6.303  3.380   0.954   1.00 30.32 ? 158 TYR A CA  1 
ATOM   384 C  C   . TYR A 1 49  ? -5.777  3.714   2.325   1.00 31.11 ? 158 TYR A C   1 
ATOM   385 O  O   . TYR A 1 49  ? -6.056  2.994   3.300   1.00 30.89 ? 158 TYR A O   1 
ATOM   386 C  CB  . TYR A 1 49  ? -7.703  3.980   0.798   1.00 30.03 ? 158 TYR A CB  1 
ATOM   387 C  CG  . TYR A 1 49  ? -8.272  3.956   -0.603  1.00 30.03 ? 158 TYR A CG  1 
ATOM   388 C  CD1 . TYR A 1 49  ? -7.466  4.086   -1.704  1.00 32.82 ? 158 TYR A CD1 1 
ATOM   389 C  CD2 . TYR A 1 49  ? -9.631  3.846   -0.816  1.00 31.82 ? 158 TYR A CD2 1 
ATOM   390 C  CE1 . TYR A 1 49  ? -8.007  4.111   -2.982  1.00 33.60 ? 158 TYR A CE1 1 
ATOM   391 C  CE2 . TYR A 1 49  ? -10.166 3.885   -2.088  1.00 30.70 ? 158 TYR A CE2 1 
ATOM   392 C  CZ  . TYR A 1 49  ? -9.330  4.009   -3.159  1.00 32.33 ? 158 TYR A CZ  1 
ATOM   393 O  OH  . TYR A 1 49  ? -9.824  4.047   -4.437  1.00 33.78 ? 158 TYR A OH  1 
ATOM   394 N  N   . GLU A 1 50  ? -5.013  4.799   2.404   1.00 30.82 ? 159 GLU A N   1 
ATOM   395 C  CA  . GLU A 1 50  ? -4.434  5.212   3.663   1.00 30.73 ? 159 GLU A CA  1 
ATOM   396 C  C   . GLU A 1 50  ? -4.290  6.736   3.730   1.00 31.31 ? 159 GLU A C   1 
ATOM   397 O  O   . GLU A 1 50  ? -4.205  7.428   2.696   1.00 30.08 ? 159 GLU A O   1 
ATOM   398 C  CB  . GLU A 1 50  ? -3.077  4.534   3.846   1.00 30.61 ? 159 GLU A CB  1 
ATOM   399 C  CG  . GLU A 1 50  ? -2.482  4.628   5.239   1.00 31.43 ? 159 GLU A CG  1 
ATOM   400 C  CD  . GLU A 1 50  ? -3.465  4.171   6.295   1.00 31.56 ? 159 GLU A CD  1 
ATOM   401 O  OE1 . GLU A 1 50  ? -3.399  2.965   6.623   1.00 29.50 ? 159 GLU A OE1 1 
ATOM   402 O  OE2 . GLU A 1 50  ? -4.334  4.998   6.715   1.00 32.61 ? 159 GLU A OE2 1 
ATOM   403 N  N   . SER A 1 51  ? -4.260  7.250   4.955   1.00 31.78 ? 160 SER A N   1 
ATOM   404 C  CA  . SER A 1 51  ? -4.032  8.671   5.168   1.00 32.11 ? 160 SER A CA  1 
ATOM   405 C  C   . SER A 1 51  ? -2.547  8.936   5.351   1.00 32.74 ? 160 SER A C   1 
ATOM   406 O  O   . SER A 1 51  ? -1.755  8.014   5.700   1.00 31.99 ? 160 SER A O   1 
ATOM   407 C  CB  . SER A 1 51  ? -4.836  9.151   6.364   1.00 32.44 ? 160 SER A CB  1 
ATOM   408 O  OG  . SER A 1 51  ? -4.216  8.815   7.588   1.00 33.71 ? 160 SER A OG  1 
ATOM   409 N  N   . PRO A 1 52  ? -2.132  10.175  5.065   1.00 33.13 ? 161 PRO A N   1 
ATOM   410 C  CA  . PRO A 1 52  ? -0.687  10.445  5.076   1.00 33.74 ? 161 PRO A CA  1 
ATOM   411 C  C   . PRO A 1 52  ? -0.068  10.256  6.477   1.00 34.16 ? 161 PRO A C   1 
ATOM   412 O  O   . PRO A 1 52  ? 1.061   9.783   6.591   1.00 34.33 ? 161 PRO A O   1 
ATOM   413 C  CB  . PRO A 1 52  ? -0.572  11.910  4.636   1.00 33.72 ? 161 PRO A CB  1 
ATOM   414 C  CG  . PRO A 1 52  ? -1.942  12.354  4.244   1.00 33.69 ? 161 PRO A CG  1 
ATOM   415 C  CD  . PRO A 1 52  ? -2.946  11.353  4.710   1.00 33.61 ? 161 PRO A CD  1 
ATOM   416 N  N   . HIS A 1 53  ? -0.811  10.598  7.527   1.00 34.62 ? 162 HIS A N   1 
ATOM   417 C  CA  . HIS A 1 53  ? -0.281  10.477  8.883   1.00 35.53 ? 162 HIS A CA  1 
ATOM   418 C  C   . HIS A 1 53  ? -0.217  9.051   9.396   1.00 33.81 ? 162 HIS A C   1 
ATOM   419 O  O   . HIS A 1 53  ? 0.433   8.805   10.399  1.00 33.57 ? 162 HIS A O   1 
ATOM   420 C  CB  . HIS A 1 53  ? -1.092  11.319  9.878   1.00 36.38 ? 162 HIS A CB  1 
ATOM   421 C  CG  . HIS A 1 53  ? -1.065  12.790  9.586   1.00 41.76 ? 162 HIS A CG  1 
ATOM   422 N  ND1 . HIS A 1 53  ? -1.536  13.327  8.400   1.00 47.47 ? 162 HIS A ND1 1 
ATOM   423 C  CD2 . HIS A 1 53  ? -0.663  13.841  10.341  1.00 45.59 ? 162 HIS A CD2 1 
ATOM   424 C  CE1 . HIS A 1 53  ? -1.410  14.645  8.434   1.00 47.55 ? 162 HIS A CE1 1 
ATOM   425 N  NE2 . HIS A 1 53  ? -0.888  14.980  9.603   1.00 48.03 ? 162 HIS A NE2 1 
ATOM   426 N  N   . ARG A 1 54  ? -0.906  8.127   8.736   1.00 32.36 ? 163 ARG A N   1 
ATOM   427 C  CA  A ARG A 1 54  ? -0.931  6.719   9.144   0.60 32.10 ? 163 ARG A CA  1 
ATOM   428 C  CA  B ARG A 1 54  ? -0.931  6.747   9.170   0.40 31.59 ? 163 ARG A CA  1 
ATOM   429 C  C   . ARG A 1 54  ? -0.078  5.854   8.246   1.00 31.02 ? 163 ARG A C   1 
ATOM   430 O  O   . ARG A 1 54  ? 0.163   4.696   8.557   1.00 30.90 ? 163 ARG A O   1 
ATOM   431 C  CB  A ARG A 1 54  ? -2.358  6.153   9.121   0.60 32.65 ? 163 ARG A CB  1 
ATOM   432 C  CB  B ARG A 1 54  ? -2.399  6.298   9.272   0.40 31.76 ? 163 ARG A CB  1 
ATOM   433 C  CG  A ARG A 1 54  ? -3.084  6.181   10.464  0.60 35.10 ? 163 ARG A CG  1 
ATOM   434 C  CG  B ARG A 1 54  ? -3.253  7.208   10.229  0.40 31.60 ? 163 ARG A CG  1 
ATOM   435 C  CD  A ARG A 1 54  ? -4.039  7.332   10.593  0.60 38.56 ? 163 ARG A CD  1 
ATOM   436 C  CD  B ARG A 1 54  ? -4.763  7.222   9.908   0.40 33.35 ? 163 ARG A CD  1 
ATOM   437 N  NE  A ARG A 1 54  ? -5.404  6.957   10.192  0.60 42.75 ? 163 ARG A NE  1 
ATOM   438 N  NE  B ARG A 1 54  ? -5.560  8.208   10.684  0.40 33.31 ? 163 ARG A NE  1 
ATOM   439 C  CZ  A ARG A 1 54  ? -6.505  7.663   10.475  0.60 44.82 ? 163 ARG A CZ  1 
ATOM   440 C  CZ  B ARG A 1 54  ? -5.690  9.520   10.420  0.40 32.36 ? 163 ARG A CZ  1 
ATOM   441 N  NH1 A ARG A 1 54  ? -6.434  8.802   11.170  0.60 46.58 ? 163 ARG A NH1 1 
ATOM   442 N  NH1 B ARG A 1 54  ? -5.067  10.106  9.405   0.40 29.76 ? 163 ARG A NH1 1 
ATOM   443 N  NH2 A ARG A 1 54  ? -7.688  7.219   10.061  0.60 45.52 ? 163 ARG A NH2 1 
ATOM   444 N  NH2 B ARG A 1 54  ? -6.457  10.267  11.208  0.40 33.18 ? 163 ARG A NH2 1 
ATOM   445 N  N   . LEU A 1 55  ? 0.401   6.396   7.126   1.00 29.27 ? 164 LEU A N   1 
ATOM   446 C  CA  . LEU A 1 55  ? 1.098   5.545   6.151   1.00 28.96 ? 164 LEU A CA  1 
ATOM   447 C  C   . LEU A 1 55  ? 2.301   4.788   6.703   1.00 28.52 ? 164 LEU A C   1 
ATOM   448 O  O   . LEU A 1 55  ? 2.444   3.591   6.454   1.00 28.16 ? 164 LEU A O   1 
ATOM   449 C  CB  . LEU A 1 55  ? 1.531   6.347   4.913   1.00 28.53 ? 164 LEU A CB  1 
ATOM   450 C  CG  . LEU A 1 55  ? 2.227   5.549   3.781   1.00 29.21 ? 164 LEU A CG  1 
ATOM   451 C  CD1 . LEU A 1 55  ? 1.312   4.401   3.227   1.00 25.86 ? 164 LEU A CD1 1 
ATOM   452 C  CD2 . LEU A 1 55  ? 2.700   6.507   2.708   1.00 27.52 ? 164 LEU A CD2 1 
ATOM   453 N  N   . LEU A 1 56  ? 3.165   5.468   7.461   1.00 28.71 ? 165 LEU A N   1 
ATOM   454 C  CA  . LEU A 1 56  ? 4.414   4.855   7.887   1.00 29.24 ? 165 LEU A CA  1 
ATOM   455 C  C   . LEU A 1 56  ? 4.118   3.670   8.789   1.00 29.81 ? 165 LEU A C   1 
ATOM   456 O  O   . LEU A 1 56  ? 4.703   2.617   8.610   1.00 31.00 ? 165 LEU A O   1 
ATOM   457 C  CB  . LEU A 1 56  ? 5.306   5.842   8.647   1.00 29.98 ? 165 LEU A CB  1 
ATOM   458 C  CG  . LEU A 1 56  ? 6.844   5.859   8.476   1.00 30.80 ? 165 LEU A CG  1 
ATOM   459 C  CD1 . LEU A 1 56  ? 7.502   6.177   9.831   1.00 28.61 ? 165 LEU A CD1 1 
ATOM   460 C  CD2 . LEU A 1 56  ? 7.454   4.672   7.782   1.00 27.72 ? 165 LEU A CD2 1 
ATOM   461 N  N   . LYS A 1 57  ? 3.217   3.840   9.749   1.00 29.39 ? 166 LYS A N   1 
ATOM   462 C  CA  . LYS A 1 57  ? 2.778   2.713   10.616  1.00 29.48 ? 166 LYS A CA  1 
ATOM   463 C  C   . LYS A 1 57  ? 2.284   1.529   9.786   1.00 28.55 ? 166 LYS A C   1 
ATOM   464 O  O   . LYS A 1 57  ? 2.740   0.400   9.984   1.00 28.14 ? 166 LYS A O   1 
ATOM   465 C  CB  . LYS A 1 57  ? 1.651   3.151   11.574  1.00 29.04 ? 166 LYS A CB  1 
ATOM   466 C  CG  . LYS A 1 57  ? 1.164   2.054   12.573  1.00 30.47 ? 166 LYS A CG  1 
ATOM   467 C  CD  . LYS A 1 57  ? -0.043  2.506   13.435  1.00 31.86 ? 166 LYS A CD  1 
ATOM   468 C  CE  . LYS A 1 57  ? -0.820  1.276   14.018  1.00 34.68 ? 166 LYS A CE  1 
ATOM   469 N  NZ  . LYS A 1 57  ? -1.800  1.651   15.075  1.00 35.07 ? 166 LYS A NZ  1 
ATOM   470 N  N   . THR A 1 58  ? 1.364   1.807   8.860   1.00 27.71 ? 167 THR A N   1 
ATOM   471 C  CA  . THR A 1 58  ? 0.822   0.750   7.999   1.00 27.60 ? 167 THR A CA  1 
ATOM   472 C  C   . THR A 1 58  ? 1.952   0.013   7.234   1.00 28.11 ? 167 THR A C   1 
ATOM   473 O  O   . THR A 1 58  ? 1.977   -1.226  7.185   1.00 27.27 ? 167 THR A O   1 
ATOM   474 C  CB  . THR A 1 58  ? -0.258  1.297   7.039   1.00 27.44 ? 167 THR A CB  1 
ATOM   475 O  OG1 . THR A 1 58  ? -1.419  1.611   7.812   1.00 26.69 ? 167 THR A OG1 1 
ATOM   476 C  CG2 . THR A 1 58  ? -0.618  0.258   5.988   1.00 25.13 ? 167 THR A CG2 1 
ATOM   477 N  N   . LEU A 1 59  ? 2.876   0.781   6.640   1.00 28.30 ? 168 LEU A N   1 
ATOM   478 C  CA  . LEU A 1 59  ? 3.997   0.201   5.886   1.00 28.23 ? 168 LEU A CA  1 
ATOM   479 C  C   . LEU A 1 59  ? 4.907   -0.604  6.782   1.00 28.28 ? 168 LEU A C   1 
ATOM   480 O  O   . LEU A 1 59  ? 5.363   -1.672  6.393   1.00 28.53 ? 168 LEU A O   1 
ATOM   481 C  CB  . LEU A 1 59  ? 4.817   1.272   5.180   1.00 27.28 ? 168 LEU A CB  1 
ATOM   482 C  CG  . LEU A 1 59  ? 4.111   2.000   4.043   1.00 26.81 ? 168 LEU A CG  1 
ATOM   483 C  CD1 . LEU A 1 59  ? 5.067   3.050   3.556   1.00 24.81 ? 168 LEU A CD1 1 
ATOM   484 C  CD2 . LEU A 1 59  ? 3.682   1.105   2.919   1.00 26.64 ? 168 LEU A CD2 1 
ATOM   485 N  N   . THR A 1 60  ? 5.127   -0.112  8.006   1.00 28.71 ? 169 THR A N   1 
ATOM   486 C  CA  . THR A 1 60  ? 5.944   -0.828  8.971   1.00 28.44 ? 169 THR A CA  1 
ATOM   487 C  C   . THR A 1 60  ? 5.293   -2.159  9.324   1.00 28.52 ? 169 THR A C   1 
ATOM   488 O  O   . THR A 1 60  ? 5.923   -3.212  9.297   1.00 27.89 ? 169 THR A O   1 
ATOM   489 C  CB  . THR A 1 60  ? 6.199   0.009   10.220  1.00 28.70 ? 169 THR A CB  1 
ATOM   490 O  OG1 . THR A 1 60  ? 6.816   1.241   9.802   1.00 28.75 ? 169 THR A OG1 1 
ATOM   491 C  CG2 . THR A 1 60  ? 7.106   -0.737  11.123  1.00 25.24 ? 169 THR A CG2 1 
ATOM   492 N  N   . GLN A 1 61  ? 4.006   -2.121  9.615   1.00 28.97 ? 170 GLN A N   1 
ATOM   493 C  CA  . GLN A 1 61  ? 3.322   -3.363  9.964   1.00 28.94 ? 170 GLN A CA  1 
ATOM   494 C  C   . GLN A 1 61  ? 3.223   -4.311  8.766   1.00 28.90 ? 170 GLN A C   1 
ATOM   495 O  O   . GLN A 1 61  ? 3.288   -5.524  8.931   1.00 29.44 ? 170 GLN A O   1 
ATOM   496 C  CB  . GLN A 1 61  ? 1.946   -3.050  10.540  1.00 29.34 ? 170 GLN A CB  1 
ATOM   497 C  CG  . GLN A 1 61  ? 2.061   -2.220  11.808  1.00 28.42 ? 170 GLN A CG  1 
ATOM   498 C  CD  . GLN A 1 61  ? 0.724   -2.022  12.505  1.00 29.16 ? 170 GLN A CD  1 
ATOM   499 O  OE1 . GLN A 1 61  ? -0.201  -1.425  11.953  1.00 25.52 ? 170 GLN A OE1 1 
ATOM   500 N  NE2 . GLN A 1 61  ? 0.619   -2.528  13.726  1.00 29.32 ? 170 GLN A NE2 1 
ATOM   501 N  N   . PHE A 1 62  ? 3.019   -3.766  7.573   1.00 28.56 ? 171 PHE A N   1 
ATOM   502 C  CA  . PHE A 1 62  ? 3.096   -4.561  6.354   1.00 28.81 ? 171 PHE A CA  1 
ATOM   503 C  C   . PHE A 1 62  ? 4.456   -5.305  6.299   1.00 28.93 ? 171 PHE A C   1 
ATOM   504 O  O   . PHE A 1 62  ? 4.517   -6.523  5.978   1.00 27.95 ? 171 PHE A O   1 
ATOM   505 C  CB  . PHE A 1 62  ? 2.909   -3.666  5.101   1.00 28.55 ? 171 PHE A CB  1 
ATOM   506 C  CG  . PHE A 1 62  ? 1.460   -3.332  4.752   1.00 29.53 ? 171 PHE A CG  1 
ATOM   507 C  CD1 . PHE A 1 62  ? 0.399   -3.631  5.605   1.00 29.93 ? 171 PHE A CD1 1 
ATOM   508 C  CD2 . PHE A 1 62  ? 1.165   -2.675  3.549   1.00 27.73 ? 171 PHE A CD2 1 
ATOM   509 C  CE1 . PHE A 1 62  ? -0.885  -3.328  5.250   1.00 30.11 ? 171 PHE A CE1 1 
ATOM   510 C  CE2 . PHE A 1 62  ? -0.103  -2.392  3.205   1.00 27.58 ? 171 PHE A CE2 1 
ATOM   511 C  CZ  . PHE A 1 62  ? -1.136  -2.690  4.039   1.00 28.53 ? 171 PHE A CZ  1 
ATOM   512 N  N   . ALA A 1 63  ? 5.555   -4.598  6.605   1.00 28.90 ? 172 ALA A N   1 
ATOM   513 C  CA  . ALA A 1 63  ? 6.882   -5.251  6.615   1.00 28.71 ? 172 ALA A CA  1 
ATOM   514 C  C   . ALA A 1 63  ? 6.895   -6.343  7.659   1.00 29.51 ? 172 ALA A C   1 
ATOM   515 O  O   . ALA A 1 63  ? 7.437   -7.424  7.443   1.00 28.85 ? 172 ALA A O   1 
ATOM   516 C  CB  . ALA A 1 63  ? 8.021   -4.232  6.901   1.00 27.42 ? 172 ALA A CB  1 
ATOM   517 N  N   . GLU A 1 64  ? 6.310   -6.074  8.818   1.00 30.68 ? 173 GLU A N   1 
ATOM   518 C  CA  . GLU A 1 64  ? 6.332   -7.095  9.869   1.00 30.92 ? 173 GLU A CA  1 
ATOM   519 C  C   . GLU A 1 64  ? 5.559   -8.342  9.426   1.00 31.52 ? 173 GLU A C   1 
ATOM   520 O  O   . GLU A 1 64  ? 6.033   -9.448  9.609   1.00 31.63 ? 173 GLU A O   1 
ATOM   521 C  CB  . GLU A 1 64  ? 5.780   -6.539  11.168  1.00 30.78 ? 173 GLU A CB  1 
ATOM   522 C  CG  . GLU A 1 64  ? 6.595   -5.423  11.755  1.00 31.60 ? 173 GLU A CG  1 
ATOM   523 C  CD  . GLU A 1 64  ? 5.927   -4.830  12.967  1.00 33.54 ? 173 GLU A CD  1 
ATOM   524 O  OE1 . GLU A 1 64  ? 4.748   -5.117  13.207  1.00 37.00 ? 173 GLU A OE1 1 
ATOM   525 O  OE2 . GLU A 1 64  ? 6.557   -4.082  13.707  1.00 36.53 ? 173 GLU A OE2 1 
ATOM   526 N  N   . TYR A 1 65  ? 4.385   -8.160  8.814   1.00 32.08 ? 174 TYR A N   1 
ATOM   527 C  CA  . TYR A 1 65  ? 3.498   -9.288  8.407   1.00 32.19 ? 174 TYR A CA  1 
ATOM   528 C  C   . TYR A 1 65  ? 3.826   -9.928  7.048   1.00 31.99 ? 174 TYR A C   1 
ATOM   529 O  O   . TYR A 1 65  ? 3.646   -11.133 6.871   1.00 32.62 ? 174 TYR A O   1 
ATOM   530 C  CB  . TYR A 1 65  ? 2.025   -8.828  8.360   1.00 32.80 ? 174 TYR A CB  1 
ATOM   531 C  CG  . TYR A 1 65  ? 1.360   -8.782  9.697   1.00 33.81 ? 174 TYR A CG  1 
ATOM   532 C  CD1 . TYR A 1 65  ? 1.559   -7.716  10.564  1.00 34.93 ? 174 TYR A CD1 1 
ATOM   533 C  CD2 . TYR A 1 65  ? 0.562   -9.852  10.127  1.00 37.88 ? 174 TYR A CD2 1 
ATOM   534 C  CE1 . TYR A 1 65  ? 0.962   -7.697  11.817  1.00 36.32 ? 174 TYR A CE1 1 
ATOM   535 C  CE2 . TYR A 1 65  ? -0.051  -9.845  11.389  1.00 36.95 ? 174 TYR A CE2 1 
ATOM   536 C  CZ  . TYR A 1 65  ? 0.149   -8.769  12.220  1.00 36.48 ? 174 TYR A CZ  1 
ATOM   537 O  OH  . TYR A 1 65  ? -0.466  -8.774  13.436  1.00 39.42 ? 174 TYR A OH  1 
ATOM   538 N  N   . PHE A 1 66  ? 4.271   -9.136  6.086   1.00 30.64 ? 175 PHE A N   1 
ATOM   539 C  CA  . PHE A 1 66  ? 4.516   -9.655  4.757   1.00 30.73 ? 175 PHE A CA  1 
ATOM   540 C  C   . PHE A 1 66  ? 5.987   -9.781  4.429   1.00 30.00 ? 175 PHE A C   1 
ATOM   541 O  O   . PHE A 1 66  ? 6.341   -10.436 3.438   1.00 30.53 ? 175 PHE A O   1 
ATOM   542 C  CB  . PHE A 1 66  ? 3.822   -8.771  3.729   1.00 30.75 ? 175 PHE A CB  1 
ATOM   543 C  CG  . PHE A 1 66  ? 2.378   -8.596  4.010   1.00 33.30 ? 175 PHE A CG  1 
ATOM   544 C  CD1 . PHE A 1 66  ? 1.513   -9.682  3.946   1.00 38.07 ? 175 PHE A CD1 1 
ATOM   545 C  CD2 . PHE A 1 66  ? 1.882   -7.381  4.426   1.00 34.89 ? 175 PHE A CD2 1 
ATOM   546 C  CE1 . PHE A 1 66  ? 0.170   -9.532  4.254   1.00 38.78 ? 175 PHE A CE1 1 
ATOM   547 C  CE2 . PHE A 1 66  ? 0.536   -7.222  4.749   1.00 36.08 ? 175 PHE A CE2 1 
ATOM   548 C  CZ  . PHE A 1 66  ? -0.315  -8.290  4.657   1.00 37.63 ? 175 PHE A CZ  1 
ATOM   549 N  N   . GLY A 1 67  ? 6.844   -9.142  5.229   1.00 29.20 ? 176 GLY A N   1 
ATOM   550 C  CA  . GLY A 1 67  ? 8.293   -9.202  5.021   1.00 28.23 ? 176 GLY A CA  1 
ATOM   551 C  C   . GLY A 1 67  ? 8.793   -7.917  4.386   1.00 28.08 ? 176 GLY A C   1 
ATOM   552 O  O   . GLY A 1 67  ? 8.141   -7.398  3.475   1.00 27.53 ? 176 GLY A O   1 
ATOM   553 N  N   . PRO A 1 68  ? 9.953   -7.384  4.849   1.00 28.45 ? 177 PRO A N   1 
ATOM   554 C  CA  . PRO A 1 68  ? 10.442  -6.057  4.329   1.00 29.18 ? 177 PRO A CA  1 
ATOM   555 C  C   . PRO A 1 68  ? 10.781  -6.036  2.822   1.00 28.87 ? 177 PRO A C   1 
ATOM   556 O  O   . PRO A 1 68  ? 10.855  -4.977  2.202   1.00 29.07 ? 177 PRO A O   1 
ATOM   557 C  CB  . PRO A 1 68  ? 11.703  -5.757  5.170   1.00 29.15 ? 177 PRO A CB  1 
ATOM   558 C  CG  . PRO A 1 68  ? 12.012  -7.012  5.905   1.00 30.05 ? 177 PRO A CG  1 
ATOM   559 C  CD  . PRO A 1 68  ? 10.756  -7.870  5.971   1.00 28.71 ? 177 PRO A CD  1 
ATOM   560 N  N   . GLU A 1 69  ? 10.975  -7.213  2.257   1.00 28.49 ? 178 GLU A N   1 
ATOM   561 C  CA  A GLU A 1 69  ? 11.353  -7.347  0.848   0.50 28.51 ? 178 GLU A CA  1 
ATOM   562 C  CA  B GLU A 1 69  ? 11.339  -7.379  0.855   0.50 28.66 ? 178 GLU A CA  1 
ATOM   563 C  C   . GLU A 1 69  ? 10.122  -7.373  -0.082  1.00 27.77 ? 178 GLU A C   1 
ATOM   564 O  O   . GLU A 1 69  ? 10.268  -7.356  -1.307  1.00 26.70 ? 178 GLU A O   1 
ATOM   565 C  CB  A GLU A 1 69  ? 12.213  -8.613  0.625   0.50 28.65 ? 178 GLU A CB  1 
ATOM   566 C  CB  B GLU A 1 69  ? 12.118  -8.695  0.689   0.50 28.98 ? 178 GLU A CB  1 
ATOM   567 C  CG  A GLU A 1 69  ? 12.544  -9.444  1.894   0.50 31.33 ? 178 GLU A CG  1 
ATOM   568 C  CG  B GLU A 1 69  ? 11.238  -9.990  0.567   0.50 32.01 ? 178 GLU A CG  1 
ATOM   569 C  CD  A GLU A 1 69  ? 11.257  -10.063 2.525   0.50 32.96 ? 178 GLU A CD  1 
ATOM   570 C  CD  B GLU A 1 69  ? 10.637  -10.530 1.905   0.50 36.17 ? 178 GLU A CD  1 
ATOM   571 O  OE1 A GLU A 1 69  ? 10.892  -9.680  3.644   0.50 29.00 ? 178 GLU A OE1 1 
ATOM   572 O  OE1 B GLU A 1 69  ? 11.258  -10.327 2.993   0.50 37.02 ? 178 GLU A OE1 1 
ATOM   573 O  OE2 A GLU A 1 69  ? 10.578  -10.899 1.874   0.50 39.12 ? 178 GLU A OE2 1 
ATOM   574 O  OE2 B GLU A 1 69  ? 9.560   -11.202 1.834   0.50 37.35 ? 178 GLU A OE2 1 
ATOM   575 N  N   . ARG A 1 70  ? 8.916   -7.400  0.476   1.00 28.18 ? 179 ARG A N   1 
ATOM   576 C  CA  . ARG A 1 70  ? 7.710   -7.436  -0.368  1.00 27.66 ? 179 ARG A CA  1 
ATOM   577 C  C   . ARG A 1 70  ? 7.586   -6.161  -1.164  1.00 28.73 ? 179 ARG A C   1 
ATOM   578 O  O   . ARG A 1 70  ? 7.704   -5.051  -0.622  1.00 29.54 ? 179 ARG A O   1 
ATOM   579 C  CB  . ARG A 1 70  ? 6.451   -7.620  0.449   1.00 28.19 ? 179 ARG A CB  1 
ATOM   580 C  CG  . ARG A 1 70  ? 5.157   -7.908  -0.362  1.00 27.48 ? 179 ARG A CG  1 
ATOM   581 C  CD  . ARG A 1 70  ? 5.150   -9.334  -1.005  1.00 29.19 ? 179 ARG A CD  1 
ATOM   582 N  NE  . ARG A 1 70  ? 5.018   -10.418 -0.049  1.00 29.73 ? 179 ARG A NE  1 
ATOM   583 C  CZ  . ARG A 1 70  ? 3.873   -10.864 0.494   1.00 31.41 ? 179 ARG A CZ  1 
ATOM   584 N  NH1 . ARG A 1 70  ? 3.929   -11.858 1.376   1.00 32.65 ? 179 ARG A NH1 1 
ATOM   585 N  NH2 . ARG A 1 70  ? 2.685   -10.340 0.194   1.00 29.76 ? 179 ARG A NH2 1 
ATOM   586 N  N   . GLN A 1 71  ? 7.310   -6.329  -2.452  1.00 28.94 ? 180 GLN A N   1 
ATOM   587 C  CA  . GLN A 1 71  ? 7.109   -5.210  -3.344  1.00 28.65 ? 180 GLN A CA  1 
ATOM   588 C  C   . GLN A 1 71  ? 5.819   -4.471  -3.052  1.00 28.59 ? 180 GLN A C   1 
ATOM   589 O  O   . GLN A 1 71  ? 4.779   -5.067  -2.735  1.00 28.35 ? 180 GLN A O   1 
ATOM   590 C  CB  . GLN A 1 71  ? 7.180   -5.656  -4.810  1.00 28.67 ? 180 GLN A CB  1 
ATOM   591 C  CG  . GLN A 1 71  ? 8.567   -6.063  -5.285  1.00 30.66 ? 180 GLN A CG  1 
ATOM   592 C  CD  . GLN A 1 71  ? 9.554   -4.869  -5.334  1.00 33.60 ? 180 GLN A CD  1 
ATOM   593 O  OE1 . GLN A 1 71  ? 9.198   -3.773  -5.775  1.00 37.11 ? 180 GLN A OE1 1 
ATOM   594 N  NE2 . GLN A 1 71  ? 10.793  -5.095  -4.916  1.00 38.21 ? 180 GLN A NE2 1 
ATOM   595 N  N   . VAL A 1 72  ? 5.917   -3.135  -3.128  1.00 28.00 ? 181 VAL A N   1 
ATOM   596 C  CA  . VAL A 1 72  ? 4.834   -2.258  -2.838  1.00 27.41 ? 181 VAL A CA  1 
ATOM   597 C  C   . VAL A 1 72  ? 4.959   -1.001  -3.680  1.00 28.65 ? 181 VAL A C   1 
ATOM   598 O  O   . VAL A 1 72  ? 6.073   -0.654  -4.174  1.00 28.53 ? 181 VAL A O   1 
ATOM   599 C  CB  . VAL A 1 72  ? 4.869   -1.877  -1.350  1.00 28.08 ? 181 VAL A CB  1 
ATOM   600 C  CG1 . VAL A 1 72  ? 6.216   -1.130  -0.998  1.00 26.09 ? 181 VAL A CG1 1 
ATOM   601 C  CG2 . VAL A 1 72  ? 3.598   -1.107  -0.908  1.00 25.96 ? 181 VAL A CG2 1 
ATOM   602 N  N   . SER A 1 73  ? 3.828   -0.322  -3.868  1.00 30.16 ? 182 SER A N   1 
ATOM   603 C  CA  . SER A 1 73  ? 3.752   0.930   -4.639  1.00 31.86 ? 182 SER A CA  1 
ATOM   604 C  C   . SER A 1 73  ? 2.818   1.837   -3.853  1.00 32.68 ? 182 SER A C   1 
ATOM   605 O  O   . SER A 1 73  ? 1.687   1.423   -3.544  1.00 32.38 ? 182 SER A O   1 
ATOM   606 C  CB  . SER A 1 73  ? 3.108   0.677   -6.013  1.00 33.47 ? 182 SER A CB  1 
ATOM   607 O  OG  . SER A 1 73  ? 3.290   1.780   -6.883  1.00 37.19 ? 182 SER A OG  1 
ATOM   608 N  N   . VAL A 1 74  ? 3.245   3.066   -3.591  1.00 31.80 ? 183 VAL A N   1 
ATOM   609 C  CA  . VAL A 1 74  ? 2.385   4.022   -2.934  1.00 31.23 ? 183 VAL A CA  1 
ATOM   610 C  C   . VAL A 1 74  ? 2.187   5.193   -3.896  1.00 30.95 ? 183 VAL A C   1 
ATOM   611 O  O   . VAL A 1 74  ? 3.163   5.744   -4.463  1.00 30.32 ? 183 VAL A O   1 
ATOM   612 C  CB  . VAL A 1 74  ? 2.941   4.431   -1.551  1.00 32.29 ? 183 VAL A CB  1 
ATOM   613 C  CG1 . VAL A 1 74  ? 2.178   5.677   -1.019  1.00 29.80 ? 183 VAL A CG1 1 
ATOM   614 C  CG2 . VAL A 1 74  ? 2.919   3.192   -0.581  1.00 30.78 ? 183 VAL A CG2 1 
ATOM   615 N  N   . SER A 1 75  ? 0.924   5.503   -4.138  1.00 30.86 ? 184 SER A N   1 
ATOM   616 C  CA  . SER A 1 75  ? 0.557   6.449   -5.155  1.00 32.09 ? 184 SER A CA  1 
ATOM   617 C  C   . SER A 1 75  ? -0.401  7.521   -4.656  1.00 33.18 ? 184 SER A C   1 
ATOM   618 O  O   . SER A 1 75  ? -1.330  7.299   -3.841  1.00 31.20 ? 184 SER A O   1 
ATOM   619 C  CB  . SER A 1 75  ? -0.105  5.759   -6.369  1.00 32.22 ? 184 SER A CB  1 
ATOM   620 O  OG  . SER A 1 75  ? 0.811   4.915   -7.019  1.00 34.99 ? 184 SER A OG  1 
ATOM   621 N  N   . ARG A 1 76  ? -0.208  8.681   -5.249  1.00 34.54 ? 185 ARG A N   1 
ATOM   622 C  CA  . ARG A 1 76  ? -1.070  9.785   -5.004  1.00 36.58 ? 185 ARG A CA  1 
ATOM   623 C  C   . ARG A 1 76  ? -1.588  10.296  -6.322  1.00 36.79 ? 185 ARG A C   1 
ATOM   624 O  O   . ARG A 1 76  ? -0.840  10.491  -7.293  1.00 36.27 ? 185 ARG A O   1 
ATOM   625 C  CB  . ARG A 1 76  ? -0.271  10.842  -4.263  1.00 38.05 ? 185 ARG A CB  1 
ATOM   626 C  CG  . ARG A 1 76  ? -1.125  11.975  -3.791  1.00 42.55 ? 185 ARG A CG  1 
ATOM   627 C  CD  . ARG A 1 76  ? -0.280  13.014  -3.190  1.00 47.71 ? 185 ARG A CD  1 
ATOM   628 N  NE  . ARG A 1 76  ? -0.836  14.301  -3.559  1.00 54.97 ? 185 ARG A NE  1 
ATOM   629 C  CZ  . ARG A 1 76  ? -0.163  15.264  -4.179  1.00 59.50 ? 185 ARG A CZ  1 
ATOM   630 N  NH1 . ARG A 1 76  ? 1.124   15.101  -4.489  1.00 61.88 ? 185 ARG A NH1 1 
ATOM   631 N  NH2 . ARG A 1 76  ? -0.777  16.406  -4.475  1.00 61.61 ? 185 ARG A NH2 1 
ATOM   632 N  N   . GLU A 1 77  ? -2.894  10.455  -6.386  1.00 38.00 ? 186 GLU A N   1 
ATOM   633 C  CA  . GLU A 1 77  ? -3.507  10.884  -7.603  1.00 40.17 ? 186 GLU A CA  1 
ATOM   634 C  C   . GLU A 1 77  ? -3.526  12.416  -7.631  1.00 40.58 ? 186 GLU A C   1 
ATOM   635 O  O   . GLU A 1 77  ? -4.211  13.027  -6.826  1.00 42.55 ? 186 GLU A O   1 
ATOM   636 C  CB  . GLU A 1 77  ? -4.912  10.330  -7.697  1.00 41.00 ? 186 GLU A CB  1 
ATOM   637 C  CG  . GLU A 1 77  ? -5.630  10.945  -8.865  1.00 43.75 ? 186 GLU A CG  1 
ATOM   638 C  CD  . GLU A 1 77  ? -7.063  10.490  -9.037  1.00 48.53 ? 186 GLU A CD  1 
ATOM   639 O  OE1 . GLU A 1 77  ? -7.842  11.327  -9.554  1.00 52.50 ? 186 GLU A OE1 1 
ATOM   640 O  OE2 . GLU A 1 77  ? -7.412  9.333   -8.672  1.00 53.52 ? 186 GLU A OE2 1 
ATOM   641 N  N   . ILE A 1 78  ? -2.764  13.054  -8.508  1.00 40.15 ? 187 ILE A N   1 
ATOM   642 C  CA  . ILE A 1 78  ? -2.819  14.523  -8.604  1.00 38.93 ? 187 ILE A CA  1 
ATOM   643 C  C   . ILE A 1 78  ? -3.967  14.947  -9.514  1.00 38.77 ? 187 ILE A C   1 
ATOM   644 O  O   . ILE A 1 78  ? -4.496  16.026  -9.340  1.00 39.33 ? 187 ILE A O   1 
ATOM   645 C  CB  . ILE A 1 78  ? -1.503  15.116  -9.101  1.00 39.00 ? 187 ILE A CB  1 
ATOM   646 C  CG1 . ILE A 1 78  ? -0.388  14.779  -8.121  1.00 39.36 ? 187 ILE A CG1 1 
ATOM   647 C  CG2 . ILE A 1 78  ? -1.651  16.622  -9.320  1.00 37.61 ? 187 ILE A CG2 1 
ATOM   648 C  CD1 . ILE A 1 78  ? 0.970   14.611  -8.772  1.00 39.66 ? 187 ILE A CD1 1 
ATOM   649 N  N   . SER A 1 79  ? -4.358  14.124  -10.485 1.00 37.55 ? 188 SER A N   1 
ATOM   650 C  CA  . SER A 1 79  ? -5.551  14.393  -11.258 1.00 37.29 ? 188 SER A CA  1 
ATOM   651 C  C   . SER A 1 79  ? -5.956  13.082  -11.868 1.00 36.97 ? 188 SER A C   1 
ATOM   652 O  O   . SER A 1 79  ? -5.342  12.045  -11.588 1.00 36.78 ? 188 SER A O   1 
ATOM   653 C  CB  . SER A 1 79  ? -5.295  15.443  -12.323 1.00 37.53 ? 188 SER A CB  1 
ATOM   654 O  OG  . SER A 1 79  ? -4.993  14.861  -13.579 1.00 38.99 ? 188 SER A OG  1 
ATOM   655 N  N   . LYS A 1 80  ? -6.977  13.096  -12.710 1.00 36.29 ? 189 LYS A N   1 
ATOM   656 C  CA  . LYS A 1 80  ? -7.387  11.830  -13.322 1.00 36.21 ? 189 LYS A CA  1 
ATOM   657 C  C   . LYS A 1 80  ? -6.312  11.246  -14.274 1.00 35.01 ? 189 LYS A C   1 
ATOM   658 O  O   . LYS A 1 80  ? -6.341  10.029  -14.591 1.00 35.31 ? 189 LYS A O   1 
ATOM   659 C  CB  . LYS A 1 80  ? -8.756  11.942  -14.009 1.00 36.84 ? 189 LYS A CB  1 
ATOM   660 C  CG  . LYS A 1 80  ? -8.833  12.885  -15.225 1.00 39.56 ? 189 LYS A CG  1 
ATOM   661 C  CD  . LYS A 1 80  ? -10.084 12.574  -16.071 1.00 42.52 ? 189 LYS A CD  1 
ATOM   662 C  CE  . LYS A 1 80  ? -10.091 13.313  -17.415 1.00 42.63 ? 189 LYS A CE  1 
ATOM   663 N  NZ  . LYS A 1 80  ? -11.468 13.309  -18.049 1.00 46.24 ? 189 LYS A NZ  1 
ATOM   664 N  N   . ILE A 1 81  ? -5.385  12.098  -14.734 1.00 32.24 ? 190 ILE A N   1 
ATOM   665 C  CA  . ILE A 1 81  ? -4.302  11.626  -15.581 1.00 28.87 ? 190 ILE A CA  1 
ATOM   666 C  C   . ILE A 1 81  ? -2.888  11.779  -15.010 1.00 28.04 ? 190 ILE A C   1 
ATOM   667 O  O   . ILE A 1 81  ? -1.957  11.319  -15.624 1.00 26.29 ? 190 ILE A O   1 
ATOM   668 C  CB  . ILE A 1 81  ? -4.468  12.190  -16.986 1.00 27.34 ? 190 ILE A CB  1 
ATOM   669 C  CG1 . ILE A 1 81  ? -4.159  13.676  -17.049 1.00 24.53 ? 190 ILE A CG1 1 
ATOM   670 C  CG2 . ILE A 1 81  ? -5.890  11.854  -17.459 1.00 27.81 ? 190 ILE A CG2 1 
ATOM   671 C  CD1 . ILE A 1 81  ? -4.175  14.185  -18.443 1.00 20.11 ? 190 ILE A CD1 1 
ATOM   672 N  N   . HIS A 1 82  ? -2.748  12.344  -13.810 1.00 26.62 ? 191 HIS A N   1 
ATOM   673 C  CA  . HIS A 1 82  ? -1.478  12.752  -13.286 1.00 26.39 ? 191 HIS A CA  1 
ATOM   674 C  C   . HIS A 1 82  ? -1.289  12.115  -11.920 1.00 27.62 ? 191 HIS A C   1 
ATOM   675 O  O   . HIS A 1 82  ? -2.086  12.296  -11.018 1.00 28.15 ? 191 HIS A O   1 
ATOM   676 C  CB  . HIS A 1 82  ? -1.438  14.248  -13.230 1.00 25.87 ? 191 HIS A CB  1 
ATOM   677 C  CG  . HIS A 1 82  ? -0.150  14.796  -12.788 1.00 25.90 ? 191 HIS A CG  1 
ATOM   678 N  ND1 . HIS A 1 82  ? 0.025   16.144  -12.543 1.00 30.17 ? 191 HIS A ND1 1 
ATOM   679 C  CD2 . HIS A 1 82  ? 1.034   14.200  -12.502 1.00 26.70 ? 191 HIS A CD2 1 
ATOM   680 C  CE1 . HIS A 1 82  ? 1.274   16.349  -12.139 1.00 28.28 ? 191 HIS A CE1 1 
ATOM   681 N  NE2 . HIS A 1 82  ? 1.905   15.188  -12.109 1.00 26.64 ? 191 HIS A NE2 1 
ATOM   682 N  N   . GLU A 1 83  ? -0.264  11.295  -11.803 1.00 28.37 ? 192 GLU A N   1 
ATOM   683 C  CA  . GLU A 1 83  ? -0.066  10.465  -10.618 1.00 29.96 ? 192 GLU A CA  1 
ATOM   684 C  C   . GLU A 1 83  ? 1.361   10.647  -10.162 1.00 29.86 ? 192 GLU A C   1 
ATOM   685 O  O   . GLU A 1 83  ? 2.248   10.986  -10.924 1.00 29.46 ? 192 GLU A O   1 
ATOM   686 C  CB  . GLU A 1 83  ? -0.373  9.012   -10.967 1.00 30.46 ? 192 GLU A CB  1 
ATOM   687 C  CG  . GLU A 1 83  ? -0.574  8.062   -9.779  1.00 35.63 ? 192 GLU A CG  1 
ATOM   688 C  CD  . GLU A 1 83  ? -2.034  7.795   -9.327  1.00 37.08 ? 192 GLU A CD  1 
ATOM   689 O  OE1 . GLU A 1 83  ? -2.162  6.868   -8.505  1.00 39.58 ? 192 GLU A OE1 1 
ATOM   690 O  OE2 . GLU A 1 83  ? -3.032  8.452   -9.757  1.00 38.90 ? 192 GLU A OE2 1 
ATOM   691 N  N   . GLU A 1 84  ? 1.579   10.437  -8.891  1.00 30.74 ? 193 GLU A N   1 
ATOM   692 C  CA  . GLU A 1 84  ? 2.880   10.474  -8.305  1.00 32.65 ? 193 GLU A CA  1 
ATOM   693 C  C   . GLU A 1 84  ? 3.050   9.149   -7.568  1.00 31.90 ? 193 GLU A C   1 
ATOM   694 O  O   . GLU A 1 84  ? 2.151   8.746   -6.831  1.00 32.36 ? 193 GLU A O   1 
ATOM   695 C  CB  . GLU A 1 84  ? 2.851   11.589  -7.318  1.00 34.57 ? 193 GLU A CB  1 
ATOM   696 C  CG  . GLU A 1 84  ? 4.127   12.239  -7.113  1.00 41.79 ? 193 GLU A CG  1 
ATOM   697 C  CD  . GLU A 1 84  ? 4.037   13.251  -5.998  1.00 49.07 ? 193 GLU A CD  1 
ATOM   698 O  OE1 . GLU A 1 84  ? 2.937   13.328  -5.363  1.00 54.27 ? 193 GLU A OE1 1 
ATOM   699 O  OE2 . GLU A 1 84  ? 5.050   13.968  -5.778  1.00 56.15 ? 193 GLU A OE2 1 
ATOM   700 N  N   . THR A 1 85  ? 4.167   8.467   -7.764  1.00 30.46 ? 194 THR A N   1 
ATOM   701 C  CA  . THR A 1 85  ? 4.302   7.119   -7.266  1.00 30.80 ? 194 THR A CA  1 
ATOM   702 C  C   . THR A 1 85  ? 5.673   6.845   -6.684  1.00 30.59 ? 194 THR A C   1 
ATOM   703 O  O   . THR A 1 85  ? 6.697   7.318   -7.215  1.00 30.27 ? 194 THR A O   1 
ATOM   704 C  CB  . THR A 1 85  ? 3.969   6.103   -8.386  1.00 30.13 ? 194 THR A CB  1 
ATOM   705 O  OG1 . THR A 1 85  ? 2.609   6.286   -8.742  1.00 30.96 ? 194 THR A OG1 1 
ATOM   706 C  CG2 . THR A 1 85  ? 4.141   4.654   -7.948  1.00 32.02 ? 194 THR A CG2 1 
ATOM   707 N  N   . VAL A 1 86  ? 5.671   6.117   -5.556  1.00 30.38 ? 195 VAL A N   1 
ATOM   708 C  CA  . VAL A 1 86  ? 6.901   5.587   -4.899  1.00 29.44 ? 195 VAL A CA  1 
ATOM   709 C  C   . VAL A 1 86  ? 6.797   4.080   -4.869  1.00 30.80 ? 195 VAL A C   1 
ATOM   710 O  O   . VAL A 1 86  ? 5.805   3.538   -4.334  1.00 30.89 ? 195 VAL A O   1 
ATOM   711 C  CB  . VAL A 1 86  ? 7.134   6.157   -3.490  1.00 28.68 ? 195 VAL A CB  1 
ATOM   712 C  CG1 . VAL A 1 86  ? 8.459   5.615   -2.912  1.00 26.23 ? 195 VAL A CG1 1 
ATOM   713 C  CG2 . VAL A 1 86  ? 7.154   7.776   -3.541  1.00 27.30 ? 195 VAL A CG2 1 
ATOM   714 N  N   . ARG A 1 87  ? 7.748   3.396   -5.507  1.00 31.89 ? 196 ARG A N   1 
ATOM   715 C  CA  A ARG A 1 87  ? 7.710   1.921   -5.587  0.60 33.71 ? 196 ARG A CA  1 
ATOM   716 C  CA  B ARG A 1 87  ? 7.707   1.931   -5.524  0.40 32.84 ? 196 ARG A CA  1 
ATOM   717 C  C   . ARG A 1 87  ? 9.048   1.300   -5.279  1.00 32.29 ? 196 ARG A C   1 
ATOM   718 O  O   . ARG A 1 87  ? 10.087  1.844   -5.643  1.00 33.18 ? 196 ARG A O   1 
ATOM   719 C  CB  A ARG A 1 87  ? 7.122   1.386   -6.937  0.60 34.47 ? 196 ARG A CB  1 
ATOM   720 C  CB  B ARG A 1 87  ? 7.060   1.377   -6.808  0.40 33.20 ? 196 ARG A CB  1 
ATOM   721 C  CG  A ARG A 1 87  ? 7.285   2.265   -8.171  0.60 38.96 ? 196 ARG A CG  1 
ATOM   722 C  CG  B ARG A 1 87  ? 7.805   1.627   -8.084  0.40 34.56 ? 196 ARG A CG  1 
ATOM   723 C  CD  A ARG A 1 87  ? 6.758   1.576   -9.453  0.60 41.41 ? 196 ARG A CD  1 
ATOM   724 C  CD  B ARG A 1 87  ? 6.933   1.157   -9.256  0.40 35.51 ? 196 ARG A CD  1 
ATOM   725 N  NE  A ARG A 1 87  ? 7.633   0.473   -9.865  0.60 44.73 ? 196 ARG A NE  1 
ATOM   726 N  NE  B ARG A 1 87  ? 7.405   -0.104  -9.826  0.40 36.95 ? 196 ARG A NE  1 
ATOM   727 C  CZ  A ARG A 1 87  ? 8.687   0.572   -10.685 0.60 48.92 ? 196 ARG A CZ  1 
ATOM   728 C  CZ  B ARG A 1 87  ? 7.156   -1.319  -9.333  0.40 37.61 ? 196 ARG A CZ  1 
ATOM   729 N  NH1 A ARG A 1 87  ? 9.040   1.735   -11.245 0.60 51.00 ? 196 ARG A NH1 1 
ATOM   730 N  NH1 B ARG A 1 87  ? 6.450   -1.480  -8.242  0.40 38.43 ? 196 ARG A NH1 1 
ATOM   731 N  NH2 A ARG A 1 87  ? 9.405   -0.513  -10.955 0.60 50.01 ? 196 ARG A NH2 1 
ATOM   732 N  NH2 B ARG A 1 87  ? 7.627   -2.391  -9.941  0.40 39.18 ? 196 ARG A NH2 1 
ATOM   733 N  N   . GLY A 1 88  ? 9.002   0.162   -4.601  1.00 30.91 ? 197 GLY A N   1 
ATOM   734 C  CA  . GLY A 1 88  ? 10.160  -0.600  -4.236  1.00 29.93 ? 197 GLY A CA  1 
ATOM   735 C  C   . GLY A 1 88  ? 9.757   -1.668  -3.238  1.00 29.45 ? 197 GLY A C   1 
ATOM   736 O  O   . GLY A 1 88  ? 8.614   -2.103  -3.206  1.00 29.28 ? 197 GLY A O   1 
ATOM   737 N  N   . THR A 1 89  ? 10.709  -2.095  -2.440  1.00 28.64 ? 198 THR A N   1 
ATOM   738 C  CA  . THR A 1 89  ? 10.408  -3.002  -1.346  1.00 28.61 ? 198 THR A CA  1 
ATOM   739 C  C   . THR A 1 89  ? 9.742   -2.190  -0.218  1.00 28.84 ? 198 THR A C   1 
ATOM   740 O  O   . THR A 1 89  ? 9.827   -0.927  -0.168  1.00 26.89 ? 198 THR A O   1 
ATOM   741 C  CB  . THR A 1 89  ? 11.640  -3.660  -0.849  1.00 28.80 ? 198 THR A CB  1 
ATOM   742 O  OG1 . THR A 1 89  ? 12.467  -2.675  -0.211  1.00 28.52 ? 198 THR A OG1 1 
ATOM   743 C  CG2 . THR A 1 89  ? 12.458  -4.374  -2.010  1.00 30.09 ? 198 THR A CG2 1 
ATOM   744 N  N   . LEU A 1 90  ? 9.050   -2.899  0.675   1.00 27.76 ? 199 LEU A N   1 
ATOM   745 C  CA  . LEU A 1 90  ? 8.503   -2.251  1.859   1.00 27.67 ? 199 LEU A CA  1 
ATOM   746 C  C   . LEU A 1 90  ? 9.632   -1.505  2.641   1.00 28.10 ? 199 LEU A C   1 
ATOM   747 O  O   . LEU A 1 90  ? 9.441   -0.395  3.135   1.00 27.34 ? 199 LEU A O   1 
ATOM   748 C  CB  . LEU A 1 90  ? 7.787   -3.277  2.770   1.00 27.91 ? 199 LEU A CB  1 
ATOM   749 C  CG  . LEU A 1 90  ? 6.362   -3.677  2.370   1.00 27.42 ? 199 LEU A CG  1 
ATOM   750 C  CD1 . LEU A 1 90  ? 5.853   -4.878  3.281   1.00 26.54 ? 199 LEU A CD1 1 
ATOM   751 C  CD2 . LEU A 1 90  ? 5.430   -2.482  2.425   1.00 26.72 ? 199 LEU A CD2 1 
ATOM   752 N  N   . SER A 1 91  ? 10.775  -2.138  2.736   1.00 27.96 ? 200 SER A N   1 
ATOM   753 C  CA  . SER A 1 91  ? 11.948  -1.561  3.380   1.00 29.86 ? 200 SER A CA  1 
ATOM   754 C  C   . SER A 1 91  ? 12.364  -0.197  2.761   1.00 29.34 ? 200 SER A C   1 
ATOM   755 O  O   . SER A 1 91  ? 12.557  0.788   3.461   1.00 29.55 ? 200 SER A O   1 
ATOM   756 C  CB  . SER A 1 91  ? 13.112  -2.558  3.289   1.00 29.64 ? 200 SER A CB  1 
ATOM   757 O  OG  . SER A 1 91  ? 14.210  -2.084  4.025   1.00 30.95 ? 200 SER A OG  1 
ATOM   758 N  N   . GLU A 1 92  ? 12.487  -0.166  1.449   1.00 29.33 ? 201 GLU A N   1 
ATOM   759 C  CA  . GLU A 1 92  ? 12.746  1.077   0.722   1.00 28.92 ? 201 GLU A CA  1 
ATOM   760 C  C   . GLU A 1 92  ? 11.663  2.138   0.961   1.00 27.98 ? 201 GLU A C   1 
ATOM   761 O  O   . GLU A 1 92  ? 11.995  3.316   1.188   1.00 27.44 ? 201 GLU A O   1 
ATOM   762 C  CB  . GLU A 1 92  ? 12.859  0.800   -0.764  1.00 28.48 ? 201 GLU A CB  1 
ATOM   763 C  CG  . GLU A 1 92  ? 14.117  0.076   -1.134  1.00 31.08 ? 201 GLU A CG  1 
ATOM   764 C  CD  . GLU A 1 92  ? 14.123  -0.419  -2.590  1.00 33.69 ? 201 GLU A CD  1 
ATOM   765 O  OE1 . GLU A 1 92  ? 13.082  -0.771  -3.161  1.00 35.37 ? 201 GLU A OE1 1 
ATOM   766 O  OE2 . GLU A 1 92  ? 15.202  -0.491  -3.173  1.00 37.75 ? 201 GLU A OE2 1 
ATOM   767 N  N   . LEU A 1 93  ? 10.396  1.749   0.957   1.00 26.77 ? 202 LEU A N   1 
ATOM   768 C  CA  . LEU A 1 93  ? 9.355   2.740   1.199   1.00 27.45 ? 202 LEU A CA  1 
ATOM   769 C  C   . LEU A 1 93  ? 9.343   3.228   2.664   1.00 27.79 ? 202 LEU A C   1 
ATOM   770 O  O   . LEU A 1 93  ? 8.992   4.336   2.914   1.00 28.76 ? 202 LEU A O   1 
ATOM   771 C  CB  . LEU A 1 93  ? 7.985   2.245   0.781   1.00 28.21 ? 202 LEU A CB  1 
ATOM   772 C  CG  . LEU A 1 93  ? 7.538   2.625   -0.683  1.00 27.65 ? 202 LEU A CG  1 
ATOM   773 C  CD1 . LEU A 1 93  ? 8.455   1.920   -1.748  1.00 28.30 ? 202 LEU A CD1 1 
ATOM   774 C  CD2 . LEU A 1 93  ? 6.151   2.298   -0.854  1.00 30.36 ? 202 LEU A CD2 1 
ATOM   775 N  N   . ILE A 1 94  ? 9.701   2.394   3.632   1.00 27.82 ? 203 ILE A N   1 
ATOM   776 C  CA  . ILE A 1 94  ? 9.728   2.804   5.044   1.00 27.13 ? 203 ILE A CA  1 
ATOM   777 C  C   . ILE A 1 94  ? 10.818  3.851   5.226   1.00 27.47 ? 203 ILE A C   1 
ATOM   778 O  O   . ILE A 1 94  ? 10.636  4.893   5.865   1.00 25.65 ? 203 ILE A O   1 
ATOM   779 C  CB  . ILE A 1 94  ? 9.971   1.553   5.961   1.00 27.66 ? 203 ILE A CB  1 
ATOM   780 C  CG1 . ILE A 1 94  ? 8.678   0.674   6.012   1.00 26.87 ? 203 ILE A CG1 1 
ATOM   781 C  CG2 . ILE A 1 94  ? 10.365  2.026   7.353   1.00 26.58 ? 203 ILE A CG2 1 
ATOM   782 C  CD1 . ILE A 1 94  ? 8.836   -0.770  6.399   1.00 24.00 ? 203 ILE A CD1 1 
ATOM   783 N  N   . GLU A 1 95  ? 11.949  3.577   4.608   1.00 27.92 ? 204 GLU A N   1 
ATOM   784 C  CA  . GLU A 1 95  ? 13.057  4.515   4.670   1.00 30.50 ? 204 GLU A CA  1 
ATOM   785 C  C   . GLU A 1 95  ? 12.633  5.830   4.005   1.00 30.24 ? 204 GLU A C   1 
ATOM   786 O  O   . GLU A 1 95  ? 12.886  6.904   4.542   1.00 30.11 ? 204 GLU A O   1 
ATOM   787 C  CB  . GLU A 1 95  ? 14.270  3.913   3.970   1.00 31.26 ? 204 GLU A CB  1 
ATOM   788 C  CG  . GLU A 1 95  ? 15.454  4.844   3.650   1.00 35.59 ? 204 GLU A CG  1 
ATOM   789 C  CD  . GLU A 1 95  ? 16.521  4.077   2.824   1.00 40.65 ? 204 GLU A CD  1 
ATOM   790 O  OE1 . GLU A 1 95  ? 16.371  3.996   1.567   1.00 47.49 ? 204 GLU A OE1 1 
ATOM   791 O  OE2 . GLU A 1 95  ? 17.466  3.518   3.411   1.00 38.46 ? 204 GLU A OE2 1 
ATOM   792 N  N   . HIS A 1 96  ? 11.993  5.744   2.846   1.00 29.77 ? 205 HIS A N   1 
ATOM   793 C  CA  . HIS A 1 96  ? 11.574  6.941   2.106   1.00 30.35 ? 205 HIS A CA  1 
ATOM   794 C  C   . HIS A 1 96  ? 10.585  7.778   2.912   1.00 30.18 ? 205 HIS A C   1 
ATOM   795 O  O   . HIS A 1 96  ? 10.747  8.995   3.038   1.00 28.70 ? 205 HIS A O   1 
ATOM   796 C  CB  . HIS A 1 96  ? 10.943  6.565   0.748   1.00 30.69 ? 205 HIS A CB  1 
ATOM   797 C  CG  . HIS A 1 96  ? 10.450  7.746   -0.024  1.00 32.77 ? 205 HIS A CG  1 
ATOM   798 N  ND1 . HIS A 1 96  ? 11.286  8.532   -0.805  1.00 34.76 ? 205 HIS A ND1 1 
ATOM   799 C  CD2 . HIS A 1 96  ? 9.221   8.323   -0.077  1.00 34.82 ? 205 HIS A CD2 1 
ATOM   800 C  CE1 . HIS A 1 96  ? 10.571  9.508   -1.342  1.00 34.17 ? 205 HIS A CE1 1 
ATOM   801 N  NE2 . HIS A 1 96  ? 9.320   9.407   -0.919  1.00 31.34 ? 205 HIS A NE2 1 
ATOM   802 N  N   . PHE A 1 97  ? 9.560   7.134   3.463   1.00 30.15 ? 206 PHE A N   1 
ATOM   803 C  CA  . PHE A 1 97  ? 8.564   7.881   4.219   1.00 30.62 ? 206 PHE A CA  1 
ATOM   804 C  C   . PHE A 1 97  ? 8.906   8.157   5.669   1.00 31.49 ? 206 PHE A C   1 
ATOM   805 O  O   . PHE A 1 97  ? 8.072   8.760   6.396   1.00 31.58 ? 206 PHE A O   1 
ATOM   806 C  CB  . PHE A 1 97  ? 7.199   7.228   4.114   1.00 30.46 ? 206 PHE A CB  1 
ATOM   807 C  CG  . PHE A 1 97  ? 6.611   7.363   2.771   1.00 30.70 ? 206 PHE A CG  1 
ATOM   808 C  CD1 . PHE A 1 97  ? 6.241   8.612   2.313   1.00 30.07 ? 206 PHE A CD1 1 
ATOM   809 C  CD2 . PHE A 1 97  ? 6.511   6.253   1.913   1.00 28.30 ? 206 PHE A CD2 1 
ATOM   810 C  CE1 . PHE A 1 97  ? 5.703   8.769   1.025   1.00 32.69 ? 206 PHE A CE1 1 
ATOM   811 C  CE2 . PHE A 1 97  ? 5.992   6.390   0.630   1.00 31.42 ? 206 PHE A CE2 1 
ATOM   812 C  CZ  . PHE A 1 97  ? 5.574   7.659   0.182   1.00 32.34 ? 206 PHE A CZ  1 
ATOM   813 N  N   . THR A 1 98  ? 10.093  7.729   6.087   1.00 31.49 ? 207 THR A N   1 
ATOM   814 C  CA  . THR A 1 98  ? 10.659  8.246   7.320   1.00 32.24 ? 207 THR A CA  1 
ATOM   815 C  C   . THR A 1 98  ? 11.298  9.613   7.046   1.00 34.15 ? 207 THR A C   1 
ATOM   816 O  O   . THR A 1 98  ? 11.106  10.524  7.840   1.00 34.79 ? 207 THR A O   1 
ATOM   817 C  CB  . THR A 1 98  ? 11.680  7.288   7.952   1.00 31.34 ? 207 THR A CB  1 
ATOM   818 O  OG1 . THR A 1 98  ? 11.042  6.043   8.166   1.00 27.93 ? 207 THR A OG1 1 
ATOM   819 C  CG2 . THR A 1 98  ? 12.213  7.819   9.327   1.00 28.69 ? 207 THR A CG2 1 
ATOM   820 N  N   . ALA A 1 99  ? 12.044  9.764   5.941   1.00 36.03 ? 208 ALA A N   1 
ATOM   821 C  CA  . ALA A 1 99  ? 12.715  11.052  5.612   1.00 37.67 ? 208 ALA A CA  1 
ATOM   822 C  C   . ALA A 1 99  ? 11.725  12.109  5.152   1.00 39.41 ? 208 ALA A C   1 
ATOM   823 O  O   . ALA A 1 99  ? 11.937  13.272  5.367   1.00 40.21 ? 208 ALA A O   1 
ATOM   824 C  CB  . ALA A 1 99  ? 13.808  10.864  4.554   1.00 37.07 ? 208 ALA A CB  1 
ATOM   825 N  N   . THR A 1 100 ? 10.651  11.714  4.491   1.00 42.71 ? 209 THR A N   1 
ATOM   826 C  CA  . THR A 1 100 ? 9.678   12.690  3.990   1.00 44.68 ? 209 THR A CA  1 
ATOM   827 C  C   . THR A 1 100 ? 8.258   12.167  4.253   1.00 46.33 ? 209 THR A C   1 
ATOM   828 O  O   . THR A 1 100 ? 7.878   11.087  3.807   1.00 45.59 ? 209 THR A O   1 
ATOM   829 C  CB  . THR A 1 100 ? 9.888   13.061  2.470   1.00 44.52 ? 209 THR A CB  1 
ATOM   830 O  OG1 . THR A 1 100 ? 9.162   12.154  1.656   1.00 47.24 ? 209 THR A OG1 1 
ATOM   831 C  CG2 . THR A 1 100 ? 11.369  13.037  2.028   1.00 44.87 ? 209 THR A CG2 1 
ATOM   832 N  N   . ASP A 1 101 ? 7.507   12.942  5.032   1.00 48.52 ? 210 ASP A N   1 
ATOM   833 C  CA  A ASP A 1 101 ? 6.110   12.643  5.320   0.60 49.24 ? 210 ASP A CA  1 
ATOM   834 C  CA  B ASP A 1 101 ? 6.087   12.636  5.309   0.40 49.28 ? 210 ASP A CA  1 
ATOM   835 C  C   . ASP A 1 101 ? 5.353   12.684  3.988   1.00 49.87 ? 210 ASP A C   1 
ATOM   836 O  O   . ASP A 1 101 ? 5.716   13.438  3.097   1.00 50.35 ? 210 ASP A O   1 
ATOM   837 C  CB  A ASP A 1 101 ? 5.530   13.664  6.344   0.60 49.09 ? 210 ASP A CB  1 
ATOM   838 C  CB  B ASP A 1 101 ? 5.440   13.641  6.302   0.40 49.26 ? 210 ASP A CB  1 
ATOM   839 C  CG  A ASP A 1 101 ? 6.506   13.991  7.521   0.60 48.06 ? 210 ASP A CG  1 
ATOM   840 C  CG  B ASP A 1 101 ? 4.184   13.073  7.015   0.40 48.91 ? 210 ASP A CG  1 
ATOM   841 O  OD1 A ASP A 1 101 ? 7.316   13.136  7.946   0.60 45.57 ? 210 ASP A OD1 1 
ATOM   842 O  OD1 B ASP A 1 101 ? 4.346   12.302  7.984   0.40 48.13 ? 210 ASP A OD1 1 
ATOM   843 O  OD2 A ASP A 1 101 ? 6.449   15.128  8.030   0.60 46.79 ? 210 ASP A OD2 1 
ATOM   844 O  OD2 B ASP A 1 101 ? 3.040   13.419  6.636   0.40 48.40 ? 210 ASP A OD2 1 
ATOM   845 N  N   . PRO A 1 102 ? 4.319   11.852  3.830   1.00 51.58 ? 211 PRO A N   1 
ATOM   846 C  CA  . PRO A 1 102 ? 3.538   11.853  2.559   1.00 52.26 ? 211 PRO A CA  1 
ATOM   847 C  C   . PRO A 1 102 ? 2.451   12.896  2.459   1.00 52.72 ? 211 PRO A C   1 
ATOM   848 O  O   . PRO A 1 102 ? 2.065   13.483  3.475   1.00 53.11 ? 211 PRO A O   1 
ATOM   849 C  CB  . PRO A 1 102 ? 2.874   10.479  2.540   1.00 52.84 ? 211 PRO A CB  1 
ATOM   850 C  CG  . PRO A 1 102 ? 2.922   10.005  3.981   1.00 52.37 ? 211 PRO A CG  1 
ATOM   851 C  CD  . PRO A 1 102 ? 4.119   10.620  4.625   1.00 52.22 ? 211 PRO A CD  1 
ATOM   852 N  N   . ARG A 1 103 ? 1.892   13.044  1.262   1.00 53.04 ? 212 ARG A N   1 
ATOM   853 C  CA  . ARG A 1 103 ? 1.264   14.302  0.896   1.00 53.39 ? 212 ARG A CA  1 
ATOM   854 C  C   . ARG A 1 103 ? -0.238  14.358  0.611   1.00 51.86 ? 212 ARG A C   1 
ATOM   855 O  O   . ARG A 1 103 ? -0.780  15.436  0.327   1.00 52.96 ? 212 ARG A O   1 
ATOM   856 C  CB  . ARG A 1 103 ? 1.999   14.888  -0.316  1.00 54.74 ? 212 ARG A CB  1 
ATOM   857 C  CG  . ARG A 1 103 ? 1.882   16.412  -0.394  1.00 58.80 ? 212 ARG A CG  1 
ATOM   858 C  CD  . ARG A 1 103 ? 3.211   17.077  -0.746  1.00 64.49 ? 212 ARG A CD  1 
ATOM   859 N  NE  . ARG A 1 103 ? 3.193   17.581  -2.119  1.00 69.30 ? 212 ARG A NE  1 
ATOM   860 C  CZ  . ARG A 1 103 ? 2.552   18.690  -2.517  1.00 73.29 ? 212 ARG A CZ  1 
ATOM   861 N  NH1 . ARG A 1 103 ? 2.605   19.056  -3.802  1.00 74.43 ? 212 ARG A NH1 1 
ATOM   862 N  NH2 . ARG A 1 103 ? 1.858   19.441  -1.647  1.00 74.54 ? 212 ARG A NH2 1 
ATOM   863 N  N   . GLY A 1 104 ? -0.932  13.249  0.658   1.00 48.94 ? 213 GLY A N   1 
ATOM   864 C  CA  . GLY A 1 104 ? -2.357  13.349  0.487   1.00 46.61 ? 213 GLY A CA  1 
ATOM   865 C  C   . GLY A 1 104 ? -2.837  11.993  0.780   1.00 44.56 ? 213 GLY A C   1 
ATOM   866 O  O   . GLY A 1 104 ? -2.034  11.133  1.115   1.00 44.90 ? 213 GLY A O   1 
ATOM   867 N  N   . GLU A 1 105 ? -4.128  11.786  0.689   1.00 42.12 ? 214 GLU A N   1 
ATOM   868 C  CA  . GLU A 1 105 ? -4.613  10.434  0.695   1.00 41.16 ? 214 GLU A CA  1 
ATOM   869 C  C   . GLU A 1 105 ? -3.852  9.643   -0.383  1.00 38.06 ? 214 GLU A C   1 
ATOM   870 O  O   . GLU A 1 105 ? -3.635  10.119  -1.513  1.00 37.14 ? 214 GLU A O   1 
ATOM   871 C  CB  . GLU A 1 105 ? -6.123  10.360  0.447   1.00 42.30 ? 214 GLU A CB  1 
ATOM   872 C  CG  . GLU A 1 105 ? -6.728  8.978   0.838   1.00 46.05 ? 214 GLU A CG  1 
ATOM   873 C  CD  . GLU A 1 105 ? -6.790  8.741   2.352   1.00 51.46 ? 214 GLU A CD  1 
ATOM   874 O  OE1 . GLU A 1 105 ? -6.497  9.681   3.175   1.00 52.97 ? 214 GLU A OE1 1 
ATOM   875 O  OE2 . GLU A 1 105 ? -7.134  7.579   2.708   1.00 55.50 ? 214 GLU A OE2 1 
ATOM   876 N  N   . ILE A 1 106 ? -3.408  8.451   0.001   1.00 34.55 ? 215 ILE A N   1 
ATOM   877 C  CA  . ILE A 1 106 ? -2.668  7.607   -0.913  1.00 32.33 ? 215 ILE A CA  1 
ATOM   878 C  C   . ILE A 1 106 ? -3.357  6.264   -1.075  1.00 30.46 ? 215 ILE A C   1 
ATOM   879 O  O   . ILE A 1 106 ? -4.262  5.916   -0.328  1.00 28.79 ? 215 ILE A O   1 
ATOM   880 C  CB  . ILE A 1 106 ? -1.191  7.444   -0.476  1.00 32.21 ? 215 ILE A CB  1 
ATOM   881 C  CG1 . ILE A 1 106 ? -1.072  6.968   0.987   1.00 31.82 ? 215 ILE A CG1 1 
ATOM   882 C  CG2 . ILE A 1 106 ? -0.455  8.801   -0.646  1.00 31.07 ? 215 ILE A CG2 1 
ATOM   883 C  CD1 . ILE A 1 106 ? -0.927  8.180   2.028   1.00 30.80 ? 215 ILE A CD1 1 
ATOM   884 N  N   . VAL A 1 107 ? -2.898  5.555   -2.091  1.00 29.54 ? 216 VAL A N   1 
ATOM   885 C  CA  . VAL A 1 107 ? -3.274  4.205   -2.401  1.00 29.55 ? 216 VAL A CA  1 
ATOM   886 C  C   . VAL A 1 107 ? -1.985  3.410   -2.236  1.00 29.80 ? 216 VAL A C   1 
ATOM   887 O  O   . VAL A 1 107 ? -0.889  3.833   -2.691  1.00 29.62 ? 216 VAL A O   1 
ATOM   888 C  CB  . VAL A 1 107 ? -3.777  4.053   -3.901  1.00 29.88 ? 216 VAL A CB  1 
ATOM   889 C  CG1 . VAL A 1 107 ? -4.206  2.606   -4.218  1.00 27.88 ? 216 VAL A CG1 1 
ATOM   890 C  CG2 . VAL A 1 107 ? -4.868  5.083   -4.241  1.00 28.27 ? 216 VAL A CG2 1 
ATOM   891 N  N   . ILE A 1 108 ? -2.106  2.265   -1.544  1.00 28.95 ? 217 ILE A N   1 
ATOM   892 C  CA  . ILE A 1 108 ? -1.053  1.320   -1.410  1.00 27.85 ? 217 ILE A CA  1 
ATOM   893 C  C   . ILE A 1 108 ? -1.407  0.097   -2.239  1.00 28.26 ? 217 ILE A C   1 
ATOM   894 O  O   . ILE A 1 108 ? -2.485  -0.503  -2.056  1.00 27.83 ? 217 ILE A O   1 
ATOM   895 C  CB  . ILE A 1 108 ? -0.823  0.881   0.079   1.00 27.85 ? 217 ILE A CB  1 
ATOM   896 C  CG1 . ILE A 1 108 ? -0.700  2.119   0.970   1.00 25.47 ? 217 ILE A CG1 1 
ATOM   897 C  CG2 . ILE A 1 108 ? 0.421   -0.082  0.170   1.00 22.76 ? 217 ILE A CG2 1 
ATOM   898 C  CD1 . ILE A 1 108 ? -0.722  1.845   2.528   1.00 27.53 ? 217 ILE A CD1 1 
ATOM   899 N  N   . VAL A 1 109 ? -0.500  -0.255  -3.152  1.00 27.91 ? 218 VAL A N   1 
ATOM   900 C  CA  . VAL A 1 109 ? -0.626  -1.484  -3.956  1.00 27.05 ? 218 VAL A CA  1 
ATOM   901 C  C   . VAL A 1 109 ? 0.492   -2.408  -3.526  1.00 26.71 ? 218 VAL A C   1 
ATOM   902 O  O   . VAL A 1 109 ? 1.679   -2.115  -3.740  1.00 26.93 ? 218 VAL A O   1 
ATOM   903 C  CB  . VAL A 1 109 ? -0.558  -1.210  -5.467  1.00 27.07 ? 218 VAL A CB  1 
ATOM   904 C  CG1 . VAL A 1 109 ? -0.807  -2.537  -6.311  1.00 23.23 ? 218 VAL A CG1 1 
ATOM   905 C  CG2 . VAL A 1 109 ? -1.592  -0.162  -5.803  1.00 25.93 ? 218 VAL A CG2 1 
ATOM   906 N  N   . LEU A 1 110 ? 0.101   -3.491  -2.853  1.00 26.18 ? 219 LEU A N   1 
ATOM   907 C  CA  . LEU A 1 110 ? 0.998   -4.443  -2.215  1.00 25.40 ? 219 LEU A CA  1 
ATOM   908 C  C   . LEU A 1 110 ? 0.988   -5.765  -3.001  1.00 25.04 ? 219 LEU A C   1 
ATOM   909 O  O   . LEU A 1 110 ? -0.054  -6.352  -3.262  1.00 24.55 ? 219 LEU A O   1 
ATOM   910 C  CB  . LEU A 1 110 ? 0.505   -4.726  -0.781  1.00 25.74 ? 219 LEU A CB  1 
ATOM   911 C  CG  . LEU A 1 110 ? 1.385   -5.627  0.125   1.00 28.87 ? 219 LEU A CG  1 
ATOM   912 C  CD1 . LEU A 1 110 ? 2.828   -5.028  0.428   1.00 27.11 ? 219 LEU A CD1 1 
ATOM   913 C  CD2 . LEU A 1 110 ? 0.590   -6.016  1.420   1.00 28.51 ? 219 LEU A CD2 1 
ATOM   914 N  N   . ALA A 1 111 ? 2.172   -6.225  -3.340  1.00 24.89 ? 220 ALA A N   1 
ATOM   915 C  CA  . ALA A 1 111 ? 2.376   -7.519  -3.996  1.00 25.50 ? 220 ALA A CA  1 
ATOM   916 C  C   . ALA A 1 111 ? 1.903   -8.635  -3.089  1.00 25.67 ? 220 ALA A C   1 
ATOM   917 O  O   . ALA A 1 111 ? 2.073   -8.586  -1.848  1.00 24.36 ? 220 ALA A O   1 
ATOM   918 C  CB  . ALA A 1 111 ? 3.892   -7.703  -4.392  1.00 24.51 ? 220 ALA A CB  1 
ATOM   919 N  N   . GLY A 1 112 ? 1.255   -9.622  -3.689  1.00 26.60 ? 221 GLY A N   1 
ATOM   920 C  CA  . GLY A 1 112 ? 0.916   -10.823 -2.930  1.00 27.66 ? 221 GLY A CA  1 
ATOM   921 C  C   . GLY A 1 112 ? 2.099   -11.766 -2.719  1.00 28.91 ? 221 GLY A C   1 
ATOM   922 O  O   . GLY A 1 112 ? 3.215   -11.507 -3.160  1.00 29.06 ? 221 GLY A O   1 
ATOM   923 N  N   . ILE A 1 113 ? 1.826   -12.902 -2.087  1.00 29.89 ? 222 ILE A N   1 
ATOM   924 C  CA  . ILE A 1 113 ? 2.804   -13.972 -1.897  1.00 30.87 ? 222 ILE A CA  1 
ATOM   925 C  C   . ILE A 1 113 ? 2.882   -14.783 -3.184  1.00 30.90 ? 222 ILE A C   1 
ATOM   926 O  O   . ILE A 1 113 ? 3.972   -14.893 -3.754  1.00 33.47 ? 222 ILE A O   1 
ATOM   927 C  CB  . ILE A 1 113 ? 2.361   -14.853 -0.665  1.00 31.12 ? 222 ILE A CB  1 
ATOM   928 C  CG1 . ILE A 1 113 ? 3.509   -15.638 -0.012  1.00 33.21 ? 222 ILE A CG1 1 
ATOM   929 C  CG2 . ILE A 1 113 ? 1.257   -15.786 -1.071  1.00 31.35 ? 222 ILE A CG2 1 
ATOM   930 C  CD1 . ILE A 1 113 ? 3.136   -16.281 1.416   1.00 32.35 ? 222 ILE A CD1 1 
HETATM 931 S  S   . SO4 B 2 .   ? -7.331  -7.048  16.755  0.80 49.59 ? 225 SO4 A S   1 
HETATM 932 O  O1  . SO4 B 2 .   ? -6.402  -5.935  16.248  0.80 49.87 ? 225 SO4 A O1  1 
HETATM 933 O  O2  . SO4 B 2 .   ? -8.686  -6.473  17.156  0.80 45.43 ? 225 SO4 A O2  1 
HETATM 934 O  O3  . SO4 B 2 .   ? -6.515  -7.904  17.688  0.80 49.16 ? 225 SO4 A O3  1 
HETATM 935 O  O4  . SO4 B 2 .   ? -7.644  -8.054  15.634  0.80 45.59 ? 225 SO4 A O4  1 
HETATM 936 S  S   . SO4 C 2 .   ? 14.334  8.546   -2.577  0.50 37.11 ? 226 SO4 A S   1 
HETATM 937 O  O1  . SO4 C 2 .   ? 15.143  9.799   -2.384  0.50 36.29 ? 226 SO4 A O1  1 
HETATM 938 O  O2  . SO4 C 2 .   ? 13.139  9.021   -3.349  0.50 27.34 ? 226 SO4 A O2  1 
HETATM 939 O  O3  . SO4 C 2 .   ? 13.749  8.087   -1.246  0.50 32.33 ? 226 SO4 A O3  1 
HETATM 940 O  O4  . SO4 C 2 .   ? 15.227  7.617   -3.261  0.50 34.84 ? 226 SO4 A O4  1 
HETATM 941 O  O   . HOH D 3 .   ? 7.222   -9.024  -3.981  1.00 24.49 ? 1   HOH A O   1 
HETATM 942 O  O   . HOH D 3 .   ? 15.000  -3.620  0.134   1.00 35.30 ? 2   HOH A O   1 
HETATM 943 O  O   . HOH D 3 .   ? -10.803 -6.329  -5.810  1.00 21.38 ? 3   HOH A O   1 
HETATM 944 O  O   . HOH D 3 .   ? 7.229   11.204  -1.585  1.00 36.79 ? 4   HOH A O   1 
HETATM 945 O  O   . HOH D 3 .   ? 3.556   7.103   -11.497 0.50 39.16 ? 5   HOH A O   1 
HETATM 946 O  O   . HOH D 3 .   ? 14.448  -6.454  1.208   1.00 33.08 ? 6   HOH A O   1 
HETATM 947 O  O   . HOH D 3 .   ? -1.671  -1.148  16.006  1.00 21.14 ? 7   HOH A O   1 
HETATM 948 O  O   . HOH D 3 .   ? 0.649   2.411   -7.112  1.00 37.01 ? 8   HOH A O   1 
HETATM 949 O  O   . HOH D 3 .   ? 5.381   3.786   -11.042 1.00 46.37 ? 9   HOH A O   1 
HETATM 950 O  O   . HOH D 3 .   ? 14.275  4.473   0.189   1.00 39.91 ? 10  HOH A O   1 
HETATM 951 O  O   . HOH D 3 .   ? 8.072   -11.044 0.015   1.00 39.87 ? 11  HOH A O   1 
HETATM 952 O  O   . HOH D 3 .   ? 1.194   -9.387  -6.437  1.00 27.69 ? 12  HOH A O   1 
HETATM 953 O  O   . HOH D 3 .   ? 0.439   -11.836 1.040   1.00 26.10 ? 13  HOH A O   1 
HETATM 954 O  O   . HOH D 3 .   ? 13.189  -2.827  -5.091  1.00 36.45 ? 14  HOH A O   1 
HETATM 955 O  O   . HOH D 3 .   ? -6.772  5.347   7.716   1.00 34.14 ? 15  HOH A O   1 
HETATM 956 O  O   . HOH D 3 .   ? -10.273 -8.098  10.830  1.00 28.10 ? 16  HOH A O   1 
HETATM 957 O  O   . HOH D 3 .   ? 3.933   -9.728  -7.537  1.00 36.15 ? 17  HOH A O   1 
HETATM 958 O  O   . HOH D 3 .   ? 2.882   8.266   7.905   1.00 29.28 ? 18  HOH A O   1 
HETATM 959 O  O   . HOH D 3 .   ? 10.950  -2.387  -7.748  1.00 48.22 ? 19  HOH A O   1 
HETATM 960 O  O   . HOH D 3 .   ? 4.914   9.919   9.483   1.00 37.33 ? 20  HOH A O   1 
HETATM 961 O  O   . HOH D 3 .   ? 9.990   4.273   -9.820  1.00 34.86 ? 21  HOH A O   1 
HETATM 962 O  O   . HOH D 3 .   ? 16.841  -1.348  1.401   1.00 45.46 ? 22  HOH A O   1 
HETATM 963 O  O   . HOH D 3 .   ? 12.131  11.226  -4.033  1.00 36.18 ? 23  HOH A O   1 
HETATM 964 O  O   . HOH D 3 .   ? 2.283   6.518   10.461  1.00 35.00 ? 24  HOH A O   1 
HETATM 965 O  O   . HOH D 3 .   ? -4.517  -16.313 -2.528  1.00 27.62 ? 25  HOH A O   1 
HETATM 966 O  O   . HOH D 3 .   ? -4.041  9.670   -12.023 1.00 29.15 ? 26  HOH A O   1 
HETATM 967 O  O   . HOH D 3 .   ? -9.994  7.586   -10.805 1.00 45.34 ? 27  HOH A O   1 
HETATM 968 O  O   . HOH D 3 .   ? -9.041  -10.628 4.511   1.00 30.80 ? 28  HOH A O   1 
HETATM 969 O  O   . HOH D 3 .   ? 3.938   10.258  -2.663  1.00 47.01 ? 29  HOH A O   1 
HETATM 970 O  O   . HOH D 3 .   ? 12.503  10.392  1.280   1.00 41.63 ? 30  HOH A O   1 
HETATM 971 O  O   . HOH D 3 .   ? -8.813  8.467   -2.440  1.00 42.72 ? 31  HOH A O   1 
HETATM 972 O  O   . HOH D 3 .   ? 5.997   -11.302 -3.658  1.00 36.60 ? 32  HOH A O   1 
HETATM 973 O  O   . HOH D 3 .   ? -10.935 7.041   6.359   1.00 45.60 ? 33  HOH A O   1 
HETATM 974 O  O   . HOH D 3 .   ? -1.586  5.821   -13.173 1.00 40.38 ? 34  HOH A O   1 
HETATM 975 O  O   . HOH D 3 .   ? -8.744  14.011  -9.325  1.00 46.12 ? 35  HOH A O   1 
HETATM 976 O  O   . HOH D 3 .   ? 11.812  -7.581  -3.609  1.00 40.95 ? 36  HOH A O   1 
HETATM 977 O  O   . HOH D 3 .   ? 7.259   10.572  8.420   1.00 39.65 ? 37  HOH A O   1 
# 
